data_4DUM
# 
_entry.id   4DUM 
# 
_audit_conform.dict_name       mmcif_pdbx.dic 
_audit_conform.dict_version    5.387 
_audit_conform.dict_location   http://mmcif.pdb.org/dictionaries/ascii/mmcif_pdbx.dic 
# 
loop_
_database_2.database_id 
_database_2.database_code 
_database_2.pdbx_database_accession 
_database_2.pdbx_DOI 
PDB   4DUM         pdb_00004dum 10.2210/pdb4dum/pdb 
RCSB  RCSB070802   ?            ?                   
WWPDB D_1000070802 ?            ?                   
# 
loop_
_pdbx_audit_revision_history.ordinal 
_pdbx_audit_revision_history.data_content_type 
_pdbx_audit_revision_history.major_revision 
_pdbx_audit_revision_history.minor_revision 
_pdbx_audit_revision_history.revision_date 
1 'Structure model' 1 0 2012-04-11 
2 'Structure model' 1 1 2012-05-02 
3 'Structure model' 1 2 2012-06-27 
4 'Structure model' 1 3 2024-02-28 
# 
_pdbx_audit_revision_details.ordinal             1 
_pdbx_audit_revision_details.revision_ordinal    1 
_pdbx_audit_revision_details.data_content_type   'Structure model' 
_pdbx_audit_revision_details.provider            repository 
_pdbx_audit_revision_details.type                'Initial release' 
_pdbx_audit_revision_details.description         ? 
_pdbx_audit_revision_details.details             ? 
# 
loop_
_pdbx_audit_revision_group.ordinal 
_pdbx_audit_revision_group.revision_ordinal 
_pdbx_audit_revision_group.data_content_type 
_pdbx_audit_revision_group.group 
1 2 'Structure model' 'Database references'  
2 3 'Structure model' 'Database references'  
3 4 'Structure model' 'Data collection'      
4 4 'Structure model' 'Database references'  
5 4 'Structure model' 'Derived calculations' 
# 
loop_
_pdbx_audit_revision_category.ordinal 
_pdbx_audit_revision_category.revision_ordinal 
_pdbx_audit_revision_category.data_content_type 
_pdbx_audit_revision_category.category 
1 4 'Structure model' chem_comp_atom     
2 4 'Structure model' chem_comp_bond     
3 4 'Structure model' database_2         
4 4 'Structure model' struct_ref_seq_dif 
5 4 'Structure model' struct_site        
# 
loop_
_pdbx_audit_revision_item.ordinal 
_pdbx_audit_revision_item.revision_ordinal 
_pdbx_audit_revision_item.data_content_type 
_pdbx_audit_revision_item.item 
1 4 'Structure model' '_database_2.pdbx_DOI'                
2 4 'Structure model' '_database_2.pdbx_database_accession' 
3 4 'Structure model' '_struct_ref_seq_dif.details'         
4 4 'Structure model' '_struct_site.pdbx_auth_asym_id'      
5 4 'Structure model' '_struct_site.pdbx_auth_comp_id'      
6 4 'Structure model' '_struct_site.pdbx_auth_seq_id'       
# 
_pdbx_database_status.status_code                     REL 
_pdbx_database_status.entry_id                        4DUM 
_pdbx_database_status.recvd_initial_deposition_date   2012-02-22 
_pdbx_database_status.deposit_site                    RCSB 
_pdbx_database_status.process_site                    RCSB 
_pdbx_database_status.status_code_sf                  REL 
_pdbx_database_status.status_code_mr                  ? 
_pdbx_database_status.SG_entry                        ? 
_pdbx_database_status.status_code_cs                  ? 
_pdbx_database_status.methods_development_category    ? 
_pdbx_database_status.pdb_format_compatible           Y 
_pdbx_database_status.status_code_nmr_data            ? 
# 
_pdbx_database_related.db_name        PDB 
_pdbx_database_related.db_id          4DT6 
_pdbx_database_related.details        . 
_pdbx_database_related.content_type   unspecified 
# 
loop_
_audit_author.name 
_audit_author.pdbx_ordinal 
'Min, X.'       1 
'Johnstone, S.' 2 
'Walker, N.'    3 
'Wang, Z.'      4 
# 
_citation.id                        primary 
_citation.title                     
'Structure-Guided Design, Synthesis, and Evaluation of Guanine-Derived Inhibitors of the eIF4E mRNA-Cap Interaction.' 
_citation.journal_abbrev            J.Med.Chem. 
_citation.journal_volume            55 
_citation.page_first                3837 
_citation.page_last                 3851 
_citation.year                      2012 
_citation.journal_id_ASTM           JMCMAR 
_citation.country                   US 
_citation.journal_id_ISSN           0022-2623 
_citation.journal_id_CSD            0151 
_citation.book_publisher            ? 
_citation.pdbx_database_id_PubMed   22458568 
_citation.pdbx_database_id_DOI      10.1021/jm300037x 
# 
loop_
_citation_author.citation_id 
_citation_author.name 
_citation_author.ordinal 
_citation_author.identifier_ORCID 
primary 'Chen, X.'      1  ? 
primary 'Kopecky, D.J.' 2  ? 
primary 'Mihalic, J.'   3  ? 
primary 'Jeffries, S.'  4  ? 
primary 'Min, X.'       5  ? 
primary 'Heath, J.'     6  ? 
primary 'Deignan, J.'   7  ? 
primary 'Lai, S.'       8  ? 
primary 'Fu, Z.'        9  ? 
primary 'Guimaraes, C.' 10 ? 
primary 'Shen, S.'      11 ? 
primary 'Li, S.'        12 ? 
primary 'Johnstone, S.' 13 ? 
primary 'Thibault, S.'  14 ? 
primary 'Xu, H.'        15 ? 
primary 'Cardozo, M.'   16 ? 
primary 'Shen, W.'      17 ? 
primary 'Walker, N.'    18 ? 
primary 'Kayser, F.'    19 ? 
primary 'Wang, Z.'      20 ? 
# 
loop_
_entity.id 
_entity.type 
_entity.src_method 
_entity.pdbx_description 
_entity.formula_weight 
_entity.pdbx_number_of_molecules 
_entity.pdbx_ec 
_entity.pdbx_mutation 
_entity.pdbx_fragment 
_entity.details 
1 polymer     man 'Eukaryotic translation initiation factor 4E'                                                             
28040.301 1  ? ? ? ? 
2 non-polymer syn '(4-{7-[2-(4-chlorophenoxy)ethyl]-2-(methylamino)-6-oxo-6,7-dihydro-1H-purin-8-yl}phenyl)phosphonic acid' 
475.822   1  ? ? ? ? 
3 non-polymer syn 1,2-ETHANEDIOL                                                                                            62.068 
2  ? ? ? ? 
4 water       nat water                                                                                                     18.015 
14 ? ? ? ? 
# 
_entity_name_com.entity_id   1 
_entity_name_com.name        'eIF-4E, eIF4E, eIF-4F 25 kDa subunit, mRNA cap-binding protein' 
# 
_entity_poly.entity_id                      1 
_entity_poly.type                           'polypeptide(L)' 
_entity_poly.nstd_linkage                   no 
_entity_poly.nstd_monomer                   no 
_entity_poly.pdbx_seq_one_letter_code       
;MDYKDDDDKHHHHHHTENLYFQGMATVEPETTPTPNPPTTEEEKTESNQEVANPEHYIKHPLQNRWALWFFKNDKSKTWQ
ANLRLISKFDTVEDFWALYNHIQLSSNLMPGCDYSLFKDGIEPMWEDEKNKRGGRWLITLNKQQRRSDLDRFWLETLLCL
IGESFDDYSDDVCGAVVNVRAKGDKIAIWTTECENREAVTHIGRVYKERLGLPPKIVIGYQSHADTATKSGSTTKNRFVV
;
_entity_poly.pdbx_seq_one_letter_code_can   
;MDYKDDDDKHHHHHHTENLYFQGMATVEPETTPTPNPPTTEEEKTESNQEVANPEHYIKHPLQNRWALWFFKNDKSKTWQ
ANLRLISKFDTVEDFWALYNHIQLSSNLMPGCDYSLFKDGIEPMWEDEKNKRGGRWLITLNKQQRRSDLDRFWLETLLCL
IGESFDDYSDDVCGAVVNVRAKGDKIAIWTTECENREAVTHIGRVYKERLGLPPKIVIGYQSHADTATKSGSTTKNRFVV
;
_entity_poly.pdbx_strand_id                 A 
_entity_poly.pdbx_target_identifier         ? 
# 
loop_
_pdbx_entity_nonpoly.entity_id 
_pdbx_entity_nonpoly.name 
_pdbx_entity_nonpoly.comp_id 
2 '(4-{7-[2-(4-chlorophenoxy)ethyl]-2-(methylamino)-6-oxo-6,7-dihydro-1H-purin-8-yl}phenyl)phosphonic acid' HLI 
3 1,2-ETHANEDIOL                                                                                            EDO 
4 water                                                                                                     HOH 
# 
loop_
_entity_poly_seq.entity_id 
_entity_poly_seq.num 
_entity_poly_seq.mon_id 
_entity_poly_seq.hetero 
1 1   MET n 
1 2   ASP n 
1 3   TYR n 
1 4   LYS n 
1 5   ASP n 
1 6   ASP n 
1 7   ASP n 
1 8   ASP n 
1 9   LYS n 
1 10  HIS n 
1 11  HIS n 
1 12  HIS n 
1 13  HIS n 
1 14  HIS n 
1 15  HIS n 
1 16  THR n 
1 17  GLU n 
1 18  ASN n 
1 19  LEU n 
1 20  TYR n 
1 21  PHE n 
1 22  GLN n 
1 23  GLY n 
1 24  MET n 
1 25  ALA n 
1 26  THR n 
1 27  VAL n 
1 28  GLU n 
1 29  PRO n 
1 30  GLU n 
1 31  THR n 
1 32  THR n 
1 33  PRO n 
1 34  THR n 
1 35  PRO n 
1 36  ASN n 
1 37  PRO n 
1 38  PRO n 
1 39  THR n 
1 40  THR n 
1 41  GLU n 
1 42  GLU n 
1 43  GLU n 
1 44  LYS n 
1 45  THR n 
1 46  GLU n 
1 47  SER n 
1 48  ASN n 
1 49  GLN n 
1 50  GLU n 
1 51  VAL n 
1 52  ALA n 
1 53  ASN n 
1 54  PRO n 
1 55  GLU n 
1 56  HIS n 
1 57  TYR n 
1 58  ILE n 
1 59  LYS n 
1 60  HIS n 
1 61  PRO n 
1 62  LEU n 
1 63  GLN n 
1 64  ASN n 
1 65  ARG n 
1 66  TRP n 
1 67  ALA n 
1 68  LEU n 
1 69  TRP n 
1 70  PHE n 
1 71  PHE n 
1 72  LYS n 
1 73  ASN n 
1 74  ASP n 
1 75  LYS n 
1 76  SER n 
1 77  LYS n 
1 78  THR n 
1 79  TRP n 
1 80  GLN n 
1 81  ALA n 
1 82  ASN n 
1 83  LEU n 
1 84  ARG n 
1 85  LEU n 
1 86  ILE n 
1 87  SER n 
1 88  LYS n 
1 89  PHE n 
1 90  ASP n 
1 91  THR n 
1 92  VAL n 
1 93  GLU n 
1 94  ASP n 
1 95  PHE n 
1 96  TRP n 
1 97  ALA n 
1 98  LEU n 
1 99  TYR n 
1 100 ASN n 
1 101 HIS n 
1 102 ILE n 
1 103 GLN n 
1 104 LEU n 
1 105 SER n 
1 106 SER n 
1 107 ASN n 
1 108 LEU n 
1 109 MET n 
1 110 PRO n 
1 111 GLY n 
1 112 CYS n 
1 113 ASP n 
1 114 TYR n 
1 115 SER n 
1 116 LEU n 
1 117 PHE n 
1 118 LYS n 
1 119 ASP n 
1 120 GLY n 
1 121 ILE n 
1 122 GLU n 
1 123 PRO n 
1 124 MET n 
1 125 TRP n 
1 126 GLU n 
1 127 ASP n 
1 128 GLU n 
1 129 LYS n 
1 130 ASN n 
1 131 LYS n 
1 132 ARG n 
1 133 GLY n 
1 134 GLY n 
1 135 ARG n 
1 136 TRP n 
1 137 LEU n 
1 138 ILE n 
1 139 THR n 
1 140 LEU n 
1 141 ASN n 
1 142 LYS n 
1 143 GLN n 
1 144 GLN n 
1 145 ARG n 
1 146 ARG n 
1 147 SER n 
1 148 ASP n 
1 149 LEU n 
1 150 ASP n 
1 151 ARG n 
1 152 PHE n 
1 153 TRP n 
1 154 LEU n 
1 155 GLU n 
1 156 THR n 
1 157 LEU n 
1 158 LEU n 
1 159 CYS n 
1 160 LEU n 
1 161 ILE n 
1 162 GLY n 
1 163 GLU n 
1 164 SER n 
1 165 PHE n 
1 166 ASP n 
1 167 ASP n 
1 168 TYR n 
1 169 SER n 
1 170 ASP n 
1 171 ASP n 
1 172 VAL n 
1 173 CYS n 
1 174 GLY n 
1 175 ALA n 
1 176 VAL n 
1 177 VAL n 
1 178 ASN n 
1 179 VAL n 
1 180 ARG n 
1 181 ALA n 
1 182 LYS n 
1 183 GLY n 
1 184 ASP n 
1 185 LYS n 
1 186 ILE n 
1 187 ALA n 
1 188 ILE n 
1 189 TRP n 
1 190 THR n 
1 191 THR n 
1 192 GLU n 
1 193 CYS n 
1 194 GLU n 
1 195 ASN n 
1 196 ARG n 
1 197 GLU n 
1 198 ALA n 
1 199 VAL n 
1 200 THR n 
1 201 HIS n 
1 202 ILE n 
1 203 GLY n 
1 204 ARG n 
1 205 VAL n 
1 206 TYR n 
1 207 LYS n 
1 208 GLU n 
1 209 ARG n 
1 210 LEU n 
1 211 GLY n 
1 212 LEU n 
1 213 PRO n 
1 214 PRO n 
1 215 LYS n 
1 216 ILE n 
1 217 VAL n 
1 218 ILE n 
1 219 GLY n 
1 220 TYR n 
1 221 GLN n 
1 222 SER n 
1 223 HIS n 
1 224 ALA n 
1 225 ASP n 
1 226 THR n 
1 227 ALA n 
1 228 THR n 
1 229 LYS n 
1 230 SER n 
1 231 GLY n 
1 232 SER n 
1 233 THR n 
1 234 THR n 
1 235 LYS n 
1 236 ASN n 
1 237 ARG n 
1 238 PHE n 
1 239 VAL n 
1 240 VAL n 
# 
_entity_src_gen.entity_id                          1 
_entity_src_gen.pdbx_src_id                        1 
_entity_src_gen.pdbx_alt_source_flag               sample 
_entity_src_gen.pdbx_seq_type                      ? 
_entity_src_gen.pdbx_beg_seq_num                   ? 
_entity_src_gen.pdbx_end_seq_num                   ? 
_entity_src_gen.gene_src_common_name               human 
_entity_src_gen.gene_src_genus                     ? 
_entity_src_gen.pdbx_gene_src_gene                 'EIF4E, EIF4EL1, EIF4F' 
_entity_src_gen.gene_src_species                   ? 
_entity_src_gen.gene_src_strain                    ? 
_entity_src_gen.gene_src_tissue                    ? 
_entity_src_gen.gene_src_tissue_fraction           ? 
_entity_src_gen.gene_src_details                   ? 
_entity_src_gen.pdbx_gene_src_fragment             ? 
_entity_src_gen.pdbx_gene_src_scientific_name      'Homo sapiens' 
_entity_src_gen.pdbx_gene_src_ncbi_taxonomy_id     9606 
_entity_src_gen.pdbx_gene_src_variant              ? 
_entity_src_gen.pdbx_gene_src_cell_line            ? 
_entity_src_gen.pdbx_gene_src_atcc                 ? 
_entity_src_gen.pdbx_gene_src_organ                ? 
_entity_src_gen.pdbx_gene_src_organelle            ? 
_entity_src_gen.pdbx_gene_src_cell                 ? 
_entity_src_gen.pdbx_gene_src_cellular_location    ? 
_entity_src_gen.host_org_common_name               ? 
_entity_src_gen.pdbx_host_org_scientific_name      'Escherichia coli' 
_entity_src_gen.pdbx_host_org_ncbi_taxonomy_id     562 
_entity_src_gen.host_org_genus                     ? 
_entity_src_gen.pdbx_host_org_gene                 ? 
_entity_src_gen.pdbx_host_org_organ                ? 
_entity_src_gen.host_org_species                   ? 
_entity_src_gen.pdbx_host_org_tissue               ? 
_entity_src_gen.pdbx_host_org_tissue_fraction      ? 
_entity_src_gen.pdbx_host_org_strain               ? 
_entity_src_gen.pdbx_host_org_variant              ? 
_entity_src_gen.pdbx_host_org_cell_line            ? 
_entity_src_gen.pdbx_host_org_atcc                 ? 
_entity_src_gen.pdbx_host_org_culture_collection   ? 
_entity_src_gen.pdbx_host_org_cell                 ? 
_entity_src_gen.pdbx_host_org_organelle            ? 
_entity_src_gen.pdbx_host_org_cellular_location    ? 
_entity_src_gen.pdbx_host_org_vector_type          plasmid 
_entity_src_gen.pdbx_host_org_vector               ? 
_entity_src_gen.host_org_details                   ? 
_entity_src_gen.expression_system_id               ? 
_entity_src_gen.plasmid_name                       pET101 
_entity_src_gen.plasmid_details                    ? 
_entity_src_gen.pdbx_description                   ? 
# 
loop_
_chem_comp.id 
_chem_comp.type 
_chem_comp.mon_nstd_flag 
_chem_comp.name 
_chem_comp.pdbx_synonyms 
_chem_comp.formula 
_chem_comp.formula_weight 
ALA 'L-peptide linking' y ALANINE ?                 'C3 H7 N O2'         89.093  
ARG 'L-peptide linking' y ARGININE ?                 'C6 H15 N4 O2 1'     175.209 
ASN 'L-peptide linking' y ASPARAGINE ?                 'C4 H8 N2 O3'        132.118 
ASP 'L-peptide linking' y 'ASPARTIC ACID' ?                 'C4 H7 N O4'         133.103 
CYS 'L-peptide linking' y CYSTEINE ?                 'C3 H7 N O2 S'       121.158 
EDO non-polymer         . 1,2-ETHANEDIOL 'ETHYLENE GLYCOL' 'C2 H6 O2'           62.068  
GLN 'L-peptide linking' y GLUTAMINE ?                 'C5 H10 N2 O3'       146.144 
GLU 'L-peptide linking' y 'GLUTAMIC ACID' ?                 'C5 H9 N O4'         147.129 
GLY 'peptide linking'   y GLYCINE ?                 'C2 H5 N O2'         75.067  
HIS 'L-peptide linking' y HISTIDINE ?                 'C6 H10 N3 O2 1'     156.162 
HLI non-polymer         . 
'(4-{7-[2-(4-chlorophenoxy)ethyl]-2-(methylamino)-6-oxo-6,7-dihydro-1H-purin-8-yl}phenyl)phosphonic acid' ?                 
'C20 H19 Cl N5 O5 P' 475.822 
HOH non-polymer         . WATER ?                 'H2 O'               18.015  
ILE 'L-peptide linking' y ISOLEUCINE ?                 'C6 H13 N O2'        131.173 
LEU 'L-peptide linking' y LEUCINE ?                 'C6 H13 N O2'        131.173 
LYS 'L-peptide linking' y LYSINE ?                 'C6 H15 N2 O2 1'     147.195 
MET 'L-peptide linking' y METHIONINE ?                 'C5 H11 N O2 S'      149.211 
PHE 'L-peptide linking' y PHENYLALANINE ?                 'C9 H11 N O2'        165.189 
PRO 'L-peptide linking' y PROLINE ?                 'C5 H9 N O2'         115.130 
SER 'L-peptide linking' y SERINE ?                 'C3 H7 N O3'         105.093 
THR 'L-peptide linking' y THREONINE ?                 'C4 H9 N O3'         119.119 
TRP 'L-peptide linking' y TRYPTOPHAN ?                 'C11 H12 N2 O2'      204.225 
TYR 'L-peptide linking' y TYROSINE ?                 'C9 H11 N O3'        181.189 
VAL 'L-peptide linking' y VALINE ?                 'C5 H11 N O2'        117.146 
# 
loop_
_pdbx_poly_seq_scheme.asym_id 
_pdbx_poly_seq_scheme.entity_id 
_pdbx_poly_seq_scheme.seq_id 
_pdbx_poly_seq_scheme.mon_id 
_pdbx_poly_seq_scheme.ndb_seq_num 
_pdbx_poly_seq_scheme.pdb_seq_num 
_pdbx_poly_seq_scheme.auth_seq_num 
_pdbx_poly_seq_scheme.pdb_mon_id 
_pdbx_poly_seq_scheme.auth_mon_id 
_pdbx_poly_seq_scheme.pdb_strand_id 
_pdbx_poly_seq_scheme.pdb_ins_code 
_pdbx_poly_seq_scheme.hetero 
A 1 1   MET 1   -22 ?   ?   ?   A . n 
A 1 2   ASP 2   -21 ?   ?   ?   A . n 
A 1 3   TYR 3   -20 ?   ?   ?   A . n 
A 1 4   LYS 4   -19 ?   ?   ?   A . n 
A 1 5   ASP 5   -18 ?   ?   ?   A . n 
A 1 6   ASP 6   -17 ?   ?   ?   A . n 
A 1 7   ASP 7   -16 ?   ?   ?   A . n 
A 1 8   ASP 8   -15 ?   ?   ?   A . n 
A 1 9   LYS 9   -14 ?   ?   ?   A . n 
A 1 10  HIS 10  -13 ?   ?   ?   A . n 
A 1 11  HIS 11  -12 ?   ?   ?   A . n 
A 1 12  HIS 12  -11 ?   ?   ?   A . n 
A 1 13  HIS 13  -10 ?   ?   ?   A . n 
A 1 14  HIS 14  -9  ?   ?   ?   A . n 
A 1 15  HIS 15  -8  ?   ?   ?   A . n 
A 1 16  THR 16  -7  ?   ?   ?   A . n 
A 1 17  GLU 17  -6  ?   ?   ?   A . n 
A 1 18  ASN 18  -5  ?   ?   ?   A . n 
A 1 19  LEU 19  -4  ?   ?   ?   A . n 
A 1 20  TYR 20  -3  ?   ?   ?   A . n 
A 1 21  PHE 21  -2  ?   ?   ?   A . n 
A 1 22  GLN 22  -1  ?   ?   ?   A . n 
A 1 23  GLY 23  0   ?   ?   ?   A . n 
A 1 24  MET 24  1   ?   ?   ?   A . n 
A 1 25  ALA 25  2   ?   ?   ?   A . n 
A 1 26  THR 26  3   ?   ?   ?   A . n 
A 1 27  VAL 27  4   ?   ?   ?   A . n 
A 1 28  GLU 28  5   ?   ?   ?   A . n 
A 1 29  PRO 29  6   ?   ?   ?   A . n 
A 1 30  GLU 30  7   ?   ?   ?   A . n 
A 1 31  THR 31  8   ?   ?   ?   A . n 
A 1 32  THR 32  9   ?   ?   ?   A . n 
A 1 33  PRO 33  10  ?   ?   ?   A . n 
A 1 34  THR 34  11  ?   ?   ?   A . n 
A 1 35  PRO 35  12  ?   ?   ?   A . n 
A 1 36  ASN 36  13  ?   ?   ?   A . n 
A 1 37  PRO 37  14  ?   ?   ?   A . n 
A 1 38  PRO 38  15  ?   ?   ?   A . n 
A 1 39  THR 39  16  ?   ?   ?   A . n 
A 1 40  THR 40  17  ?   ?   ?   A . n 
A 1 41  GLU 41  18  ?   ?   ?   A . n 
A 1 42  GLU 42  19  ?   ?   ?   A . n 
A 1 43  GLU 43  20  ?   ?   ?   A . n 
A 1 44  LYS 44  21  ?   ?   ?   A . n 
A 1 45  THR 45  22  ?   ?   ?   A . n 
A 1 46  GLU 46  23  ?   ?   ?   A . n 
A 1 47  SER 47  24  ?   ?   ?   A . n 
A 1 48  ASN 48  25  ?   ?   ?   A . n 
A 1 49  GLN 49  26  ?   ?   ?   A . n 
A 1 50  GLU 50  27  27  GLU GLU A . n 
A 1 51  VAL 51  28  28  VAL VAL A . n 
A 1 52  ALA 52  29  29  ALA ALA A . n 
A 1 53  ASN 53  30  30  ASN ASN A . n 
A 1 54  PRO 54  31  31  PRO PRO A . n 
A 1 55  GLU 55  32  32  GLU GLU A . n 
A 1 56  HIS 56  33  33  HIS HIS A . n 
A 1 57  TYR 57  34  34  TYR TYR A . n 
A 1 58  ILE 58  35  35  ILE ILE A . n 
A 1 59  LYS 59  36  36  LYS LYS A . n 
A 1 60  HIS 60  37  37  HIS HIS A . n 
A 1 61  PRO 61  38  38  PRO PRO A . n 
A 1 62  LEU 62  39  39  LEU LEU A . n 
A 1 63  GLN 63  40  40  GLN GLN A . n 
A 1 64  ASN 64  41  41  ASN ASN A . n 
A 1 65  ARG 65  42  42  ARG ARG A . n 
A 1 66  TRP 66  43  43  TRP TRP A . n 
A 1 67  ALA 67  44  44  ALA ALA A . n 
A 1 68  LEU 68  45  45  LEU LEU A . n 
A 1 69  TRP 69  46  46  TRP TRP A . n 
A 1 70  PHE 70  47  47  PHE PHE A . n 
A 1 71  PHE 71  48  48  PHE PHE A . n 
A 1 72  LYS 72  49  49  LYS LYS A . n 
A 1 73  ASN 73  50  50  ASN ASN A . n 
A 1 74  ASP 74  51  51  ASP ASP A . n 
A 1 75  LYS 75  52  52  LYS LYS A . n 
A 1 76  SER 76  53  53  SER SER A . n 
A 1 77  LYS 77  54  54  LYS LYS A . n 
A 1 78  THR 78  55  55  THR THR A . n 
A 1 79  TRP 79  56  56  TRP TRP A . n 
A 1 80  GLN 80  57  57  GLN GLN A . n 
A 1 81  ALA 81  58  58  ALA ALA A . n 
A 1 82  ASN 82  59  59  ASN ASN A . n 
A 1 83  LEU 83  60  60  LEU LEU A . n 
A 1 84  ARG 84  61  61  ARG ARG A . n 
A 1 85  LEU 85  62  62  LEU LEU A . n 
A 1 86  ILE 86  63  63  ILE ILE A . n 
A 1 87  SER 87  64  64  SER SER A . n 
A 1 88  LYS 88  65  65  LYS LYS A . n 
A 1 89  PHE 89  66  66  PHE PHE A . n 
A 1 90  ASP 90  67  67  ASP ASP A . n 
A 1 91  THR 91  68  68  THR THR A . n 
A 1 92  VAL 92  69  69  VAL VAL A . n 
A 1 93  GLU 93  70  70  GLU GLU A . n 
A 1 94  ASP 94  71  71  ASP ASP A . n 
A 1 95  PHE 95  72  72  PHE PHE A . n 
A 1 96  TRP 96  73  73  TRP TRP A . n 
A 1 97  ALA 97  74  74  ALA ALA A . n 
A 1 98  LEU 98  75  75  LEU LEU A . n 
A 1 99  TYR 99  76  76  TYR TYR A . n 
A 1 100 ASN 100 77  77  ASN ASN A . n 
A 1 101 HIS 101 78  78  HIS HIS A . n 
A 1 102 ILE 102 79  79  ILE ILE A . n 
A 1 103 GLN 103 80  80  GLN GLN A . n 
A 1 104 LEU 104 81  81  LEU LEU A . n 
A 1 105 SER 105 82  82  SER SER A . n 
A 1 106 SER 106 83  83  SER SER A . n 
A 1 107 ASN 107 84  84  ASN ASN A . n 
A 1 108 LEU 108 85  85  LEU LEU A . n 
A 1 109 MET 109 86  86  MET MET A . n 
A 1 110 PRO 110 87  87  PRO PRO A . n 
A 1 111 GLY 111 88  88  GLY GLY A . n 
A 1 112 CYS 112 89  89  CYS CYS A . n 
A 1 113 ASP 113 90  90  ASP ASP A . n 
A 1 114 TYR 114 91  91  TYR TYR A . n 
A 1 115 SER 115 92  92  SER SER A . n 
A 1 116 LEU 116 93  93  LEU LEU A . n 
A 1 117 PHE 117 94  94  PHE PHE A . n 
A 1 118 LYS 118 95  95  LYS LYS A . n 
A 1 119 ASP 119 96  96  ASP ASP A . n 
A 1 120 GLY 120 97  97  GLY GLY A . n 
A 1 121 ILE 121 98  98  ILE ILE A . n 
A 1 122 GLU 122 99  99  GLU GLU A . n 
A 1 123 PRO 123 100 100 PRO PRO A . n 
A 1 124 MET 124 101 101 MET MET A . n 
A 1 125 TRP 125 102 102 TRP TRP A . n 
A 1 126 GLU 126 103 103 GLU GLU A . n 
A 1 127 ASP 127 104 104 ASP ASP A . n 
A 1 128 GLU 128 105 105 GLU GLU A . n 
A 1 129 LYS 129 106 106 LYS LYS A . n 
A 1 130 ASN 130 107 107 ASN ASN A . n 
A 1 131 LYS 131 108 108 LYS LYS A . n 
A 1 132 ARG 132 109 109 ARG ARG A . n 
A 1 133 GLY 133 110 110 GLY GLY A . n 
A 1 134 GLY 134 111 111 GLY GLY A . n 
A 1 135 ARG 135 112 112 ARG ARG A . n 
A 1 136 TRP 136 113 113 TRP TRP A . n 
A 1 137 LEU 137 114 114 LEU LEU A . n 
A 1 138 ILE 138 115 115 ILE ILE A . n 
A 1 139 THR 139 116 116 THR THR A . n 
A 1 140 LEU 140 117 117 LEU LEU A . n 
A 1 141 ASN 141 118 118 ASN ASN A . n 
A 1 142 LYS 142 119 119 LYS LYS A . n 
A 1 143 GLN 143 120 120 GLN GLN A . n 
A 1 144 GLN 144 121 121 GLN GLN A . n 
A 1 145 ARG 145 122 122 ARG ARG A . n 
A 1 146 ARG 146 123 123 ARG ARG A . n 
A 1 147 SER 147 124 124 SER SER A . n 
A 1 148 ASP 148 125 125 ASP ASP A . n 
A 1 149 LEU 149 126 126 LEU LEU A . n 
A 1 150 ASP 150 127 127 ASP ASP A . n 
A 1 151 ARG 151 128 128 ARG ARG A . n 
A 1 152 PHE 152 129 129 PHE PHE A . n 
A 1 153 TRP 153 130 130 TRP TRP A . n 
A 1 154 LEU 154 131 131 LEU LEU A . n 
A 1 155 GLU 155 132 132 GLU GLU A . n 
A 1 156 THR 156 133 133 THR THR A . n 
A 1 157 LEU 157 134 134 LEU LEU A . n 
A 1 158 LEU 158 135 135 LEU LEU A . n 
A 1 159 CYS 159 136 136 CYS CYS A . n 
A 1 160 LEU 160 137 137 LEU LEU A . n 
A 1 161 ILE 161 138 138 ILE ILE A . n 
A 1 162 GLY 162 139 139 GLY GLY A . n 
A 1 163 GLU 163 140 140 GLU GLU A . n 
A 1 164 SER 164 141 141 SER SER A . n 
A 1 165 PHE 165 142 142 PHE PHE A . n 
A 1 166 ASP 166 143 143 ASP ASP A . n 
A 1 167 ASP 167 144 144 ASP ASP A . n 
A 1 168 TYR 168 145 145 TYR TYR A . n 
A 1 169 SER 169 146 146 SER SER A . n 
A 1 170 ASP 170 147 147 ASP ASP A . n 
A 1 171 ASP 171 148 148 ASP ASP A . n 
A 1 172 VAL 172 149 149 VAL VAL A . n 
A 1 173 CYS 173 150 150 CYS CYS A . n 
A 1 174 GLY 174 151 151 GLY GLY A . n 
A 1 175 ALA 175 152 152 ALA ALA A . n 
A 1 176 VAL 176 153 153 VAL VAL A . n 
A 1 177 VAL 177 154 154 VAL VAL A . n 
A 1 178 ASN 178 155 155 ASN ASN A . n 
A 1 179 VAL 179 156 156 VAL VAL A . n 
A 1 180 ARG 180 157 157 ARG ARG A . n 
A 1 181 ALA 181 158 158 ALA ALA A . n 
A 1 182 LYS 182 159 159 LYS LYS A . n 
A 1 183 GLY 183 160 160 GLY GLY A . n 
A 1 184 ASP 184 161 161 ASP ASP A . n 
A 1 185 LYS 185 162 162 LYS LYS A . n 
A 1 186 ILE 186 163 163 ILE ILE A . n 
A 1 187 ALA 187 164 164 ALA ALA A . n 
A 1 188 ILE 188 165 165 ILE ILE A . n 
A 1 189 TRP 189 166 166 TRP TRP A . n 
A 1 190 THR 190 167 167 THR THR A . n 
A 1 191 THR 191 168 168 THR THR A . n 
A 1 192 GLU 192 169 169 GLU GLU A . n 
A 1 193 CYS 193 170 170 CYS CYS A . n 
A 1 194 GLU 194 171 171 GLU GLU A . n 
A 1 195 ASN 195 172 172 ASN ASN A . n 
A 1 196 ARG 196 173 173 ARG ARG A . n 
A 1 197 GLU 197 174 174 GLU GLU A . n 
A 1 198 ALA 198 175 175 ALA ALA A . n 
A 1 199 VAL 199 176 176 VAL VAL A . n 
A 1 200 THR 200 177 177 THR THR A . n 
A 1 201 HIS 201 178 178 HIS HIS A . n 
A 1 202 ILE 202 179 179 ILE ILE A . n 
A 1 203 GLY 203 180 180 GLY GLY A . n 
A 1 204 ARG 204 181 181 ARG ARG A . n 
A 1 205 VAL 205 182 182 VAL VAL A . n 
A 1 206 TYR 206 183 183 TYR TYR A . n 
A 1 207 LYS 207 184 184 LYS LYS A . n 
A 1 208 GLU 208 185 185 GLU GLU A . n 
A 1 209 ARG 209 186 186 ARG ARG A . n 
A 1 210 LEU 210 187 187 LEU LEU A . n 
A 1 211 GLY 211 188 188 GLY GLY A . n 
A 1 212 LEU 212 189 189 LEU LEU A . n 
A 1 213 PRO 213 190 190 PRO PRO A . n 
A 1 214 PRO 214 191 191 PRO PRO A . n 
A 1 215 LYS 215 192 192 LYS LYS A . n 
A 1 216 ILE 216 193 193 ILE ILE A . n 
A 1 217 VAL 217 194 194 VAL VAL A . n 
A 1 218 ILE 218 195 195 ILE ILE A . n 
A 1 219 GLY 219 196 196 GLY GLY A . n 
A 1 220 TYR 220 197 197 TYR TYR A . n 
A 1 221 GLN 221 198 198 GLN GLN A . n 
A 1 222 SER 222 199 199 SER SER A . n 
A 1 223 HIS 223 200 200 HIS HIS A . n 
A 1 224 ALA 224 201 201 ALA ALA A . n 
A 1 225 ASP 225 202 202 ASP ASP A . n 
A 1 226 THR 226 203 203 THR THR A . n 
A 1 227 ALA 227 204 204 ALA ALA A . n 
A 1 228 THR 228 205 205 THR THR A . n 
A 1 229 LYS 229 206 206 LYS LYS A . n 
A 1 230 SER 230 207 207 SER SER A . n 
A 1 231 GLY 231 208 ?   ?   ?   A . n 
A 1 232 SER 232 209 ?   ?   ?   A . n 
A 1 233 THR 233 210 ?   ?   ?   A . n 
A 1 234 THR 234 211 ?   ?   ?   A . n 
A 1 235 LYS 235 212 212 LYS LYS A . n 
A 1 236 ASN 236 213 213 ASN ASN A . n 
A 1 237 ARG 237 214 214 ARG ARG A . n 
A 1 238 PHE 238 215 215 PHE PHE A . n 
A 1 239 VAL 239 216 216 VAL VAL A . n 
A 1 240 VAL 240 217 217 VAL VAL A . n 
# 
loop_
_pdbx_nonpoly_scheme.asym_id 
_pdbx_nonpoly_scheme.entity_id 
_pdbx_nonpoly_scheme.mon_id 
_pdbx_nonpoly_scheme.ndb_seq_num 
_pdbx_nonpoly_scheme.pdb_seq_num 
_pdbx_nonpoly_scheme.auth_seq_num 
_pdbx_nonpoly_scheme.pdb_mon_id 
_pdbx_nonpoly_scheme.auth_mon_id 
_pdbx_nonpoly_scheme.pdb_strand_id 
_pdbx_nonpoly_scheme.pdb_ins_code 
B 2 HLI 1  1001 1001 HLI HLI A . 
C 3 EDO 1  1002 1101 EDO EDO A . 
D 3 EDO 1  1003 1102 EDO EDO A . 
E 4 HOH 1  1101 1    HOH HOH A . 
E 4 HOH 2  1102 2    HOH HOH A . 
E 4 HOH 3  1103 3    HOH HOH A . 
E 4 HOH 4  1104 4    HOH HOH A . 
E 4 HOH 5  1105 5    HOH HOH A . 
E 4 HOH 6  1106 6    HOH HOH A . 
E 4 HOH 7  1107 7    HOH HOH A . 
E 4 HOH 8  1108 8    HOH HOH A . 
E 4 HOH 9  1109 10   HOH HOH A . 
E 4 HOH 10 1110 11   HOH HOH A . 
E 4 HOH 11 1111 12   HOH HOH A . 
E 4 HOH 12 1112 13   HOH HOH A . 
E 4 HOH 13 1113 14   HOH HOH A . 
E 4 HOH 14 1114 15   HOH HOH A . 
# 
loop_
_software.name 
_software.classification 
_software.version 
_software.citation_id 
_software.pdbx_ordinal 
StructureStudio 'data collection' .        ? 1 
MOLREP          phasing           .        ? 2 
REFMAC          refinement        5.5.0109 ? 3 
MOSFLM          'data reduction'  .        ? 4 
SCALA           'data scaling'    .        ? 5 
# 
_cell.entry_id           4DUM 
_cell.length_a           38.225 
_cell.length_b           58.766 
_cell.length_c           125.442 
_cell.angle_alpha        90.00 
_cell.angle_beta         90.00 
_cell.angle_gamma        90.00 
_cell.Z_PDB              4 
_cell.pdbx_unique_axis   ? 
_cell.length_a_esd       ? 
_cell.length_b_esd       ? 
_cell.length_c_esd       ? 
_cell.angle_alpha_esd    ? 
_cell.angle_beta_esd     ? 
_cell.angle_gamma_esd    ? 
# 
_symmetry.entry_id                         4DUM 
_symmetry.space_group_name_H-M             'P 21 21 21' 
_symmetry.pdbx_full_space_group_name_H-M   ? 
_symmetry.cell_setting                     ? 
_symmetry.Int_Tables_number                19 
_symmetry.space_group_name_Hall            ? 
# 
_exptl.entry_id          4DUM 
_exptl.method            'X-RAY DIFFRACTION' 
_exptl.crystals_number   1 
# 
_exptl_crystal.id                    1 
_exptl_crystal.density_meas          ? 
_exptl_crystal.density_Matthews      2.51 
_exptl_crystal.density_percent_sol   51.04 
_exptl_crystal.description           ? 
_exptl_crystal.F_000                 ? 
_exptl_crystal.preparation           ? 
# 
_exptl_crystal_grow.crystal_id      1 
_exptl_crystal_grow.method          'VAPOR DIFFUSION, SITTING DROP' 
_exptl_crystal_grow.temp            289 
_exptl_crystal_grow.temp_details    ? 
_exptl_crystal_grow.pH              ? 
_exptl_crystal_grow.pdbx_details    
;The purified protein which contained 100 uM m7-GTP was then concentrated to about 7 mg/mL in 20 mM Hepes, pH7.6, 100 mM KCl, 1mM DTT, 0.1 mM EDTA for crystallization. The m7-GTP-bound eIF4e protein was crystallized with 1:1 ratio of protein solution to reservoir solution of 17-20% PEG-3350 and 0.1-0.4M Na formate, VAPOR DIFFUSION, SITTING DROP, temperature 289K
;
_exptl_crystal_grow.pdbx_pH_range   ? 
# 
_diffrn.id                     1 
_diffrn.ambient_temp           90 
_diffrn.ambient_temp_details   ? 
_diffrn.crystal_id             1 
# 
_diffrn_detector.diffrn_id              1 
_diffrn_detector.detector               'IMAGE PLATE' 
_diffrn_detector.type                   'RIGAKU RAXIS HTC' 
_diffrn_detector.pdbx_collection_date   2007-05-01 
_diffrn_detector.details                'Rigaku Varimax HR optics' 
# 
_diffrn_radiation.diffrn_id                        1 
_diffrn_radiation.wavelength_id                    1 
_diffrn_radiation.pdbx_monochromatic_or_laue_m_l   M 
_diffrn_radiation.monochromator                    ? 
_diffrn_radiation.pdbx_diffrn_protocol             'SINGLE WAVELENGTH' 
_diffrn_radiation.pdbx_scattering_type             x-ray 
# 
_diffrn_radiation_wavelength.id           1 
_diffrn_radiation_wavelength.wavelength   1.54 
_diffrn_radiation_wavelength.wt           1.0 
# 
_diffrn_source.diffrn_id                   1 
_diffrn_source.source                      'ROTATING ANODE' 
_diffrn_source.type                        'RIGAKU FR-E SUPERBRIGHT' 
_diffrn_source.pdbx_synchrotron_site       ? 
_diffrn_source.pdbx_synchrotron_beamline   ? 
_diffrn_source.pdbx_wavelength             ? 
_diffrn_source.pdbx_wavelength_list        1.54 
# 
_reflns.entry_id                     4DUM 
_reflns.observed_criterion_sigma_I   2.9 
_reflns.observed_criterion_sigma_F   ? 
_reflns.d_resolution_low             62.75 
_reflns.d_resolution_high            2.95 
_reflns.number_obs                   6282 
_reflns.number_all                   18074 
_reflns.percent_possible_obs         98.9 
_reflns.pdbx_Rmerge_I_obs            0.116 
_reflns.pdbx_Rsym_value              ? 
_reflns.pdbx_netI_over_sigmaI        9.5 
_reflns.B_iso_Wilson_estimate        58.7 
_reflns.pdbx_redundancy              2.9 
_reflns.R_free_details               ? 
_reflns.limit_h_max                  ? 
_reflns.limit_h_min                  ? 
_reflns.limit_k_max                  ? 
_reflns.limit_k_min                  ? 
_reflns.limit_l_max                  ? 
_reflns.limit_l_min                  ? 
_reflns.observed_criterion_F_max     ? 
_reflns.observed_criterion_F_min     ? 
_reflns.pdbx_chi_squared             ? 
_reflns.pdbx_scaling_rejects         ? 
_reflns.pdbx_ordinal                 1 
_reflns.pdbx_diffrn_id               1 
# 
_reflns_shell.d_res_high             2.95 
_reflns_shell.d_res_low              3.11 
_reflns_shell.percent_possible_all   97.5 
_reflns_shell.Rmerge_I_obs           0.324 
_reflns_shell.pdbx_Rsym_value        ? 
_reflns_shell.meanI_over_sigI_obs    2.3 
_reflns_shell.pdbx_redundancy        ? 
_reflns_shell.percent_possible_obs   ? 
_reflns_shell.number_unique_all      765 
_reflns_shell.number_measured_all    ? 
_reflns_shell.number_measured_obs    ? 
_reflns_shell.number_unique_obs      ? 
_reflns_shell.pdbx_chi_squared       ? 
_reflns_shell.pdbx_ordinal           1 
_reflns_shell.pdbx_diffrn_id         1 
# 
_refine.entry_id                                 4DUM 
_refine.ls_number_reflns_obs                     5969 
_refine.ls_number_reflns_all                     ? 
_refine.pdbx_ls_sigma_I                          ? 
_refine.pdbx_ls_sigma_F                          ? 
_refine.pdbx_data_cutoff_high_absF               ? 
_refine.pdbx_data_cutoff_low_absF                ? 
_refine.pdbx_data_cutoff_high_rms_absF           ? 
_refine.ls_d_res_low                             38.236 
_refine.ls_d_res_high                            2.95 
_refine.ls_percent_reflns_obs                    98.46 
_refine.ls_R_factor_obs                          0.20497 
_refine.ls_R_factor_all                          ? 
_refine.ls_R_factor_R_work                       0.20176 
_refine.ls_R_factor_R_free                       0.27110 
_refine.ls_R_factor_R_free_error                 ? 
_refine.ls_R_factor_R_free_error_details         ? 
_refine.ls_percent_reflns_R_free                 4.7 
_refine.ls_number_reflns_R_free                  292 
_refine.ls_number_parameters                     ? 
_refine.ls_number_restraints                     ? 
_refine.occupancy_min                            ? 
_refine.occupancy_max                            ? 
_refine.correlation_coeff_Fo_to_Fc               0.918 
_refine.correlation_coeff_Fo_to_Fc_free          0.852 
_refine.B_iso_mean                               35.343 
_refine.aniso_B[1][1]                            -0.08 
_refine.aniso_B[2][2]                            1.51 
_refine.aniso_B[3][3]                            -1.43 
_refine.aniso_B[1][2]                            0.00 
_refine.aniso_B[1][3]                            0.00 
_refine.aniso_B[2][3]                            0.00 
_refine.solvent_model_details                    MASK 
_refine.solvent_model_param_ksol                 ? 
_refine.solvent_model_param_bsol                 ? 
_refine.pdbx_solvent_vdw_probe_radii             1.40 
_refine.pdbx_solvent_ion_probe_radii             0.80 
_refine.pdbx_solvent_shrinkage_radii             0.80 
_refine.pdbx_ls_cross_valid_method               THROUGHOUT 
_refine.details                                  'HYDROGENS HAVE BEEN ADDED IN THE RIDING POSITIONS' 
_refine.pdbx_starting_model                      ? 
_refine.pdbx_method_to_determine_struct          'MOLECULAR REPLACEMENT' 
_refine.pdbx_isotropic_thermal_model             ? 
_refine.pdbx_stereochemistry_target_values       'MAXIMUM LIKELIHOOD' 
_refine.pdbx_stereochem_target_val_spec_case     ? 
_refine.pdbx_R_Free_selection_details            RANDOM 
_refine.pdbx_overall_ESU_R                       ? 
_refine.pdbx_overall_ESU_R_Free                  0.425 
_refine.overall_SU_ML                            0.317 
_refine.pdbx_overall_phase_error                 ? 
_refine.overall_SU_B                             16.910 
_refine.overall_SU_R_Cruickshank_DPI             ? 
_refine.ls_redundancy_reflns_obs                 ? 
_refine.B_iso_min                                ? 
_refine.B_iso_max                                ? 
_refine.overall_SU_R_free                        ? 
_refine.ls_wR_factor_R_free                      ? 
_refine.ls_wR_factor_R_work                      ? 
_refine.overall_FOM_free_R_set                   ? 
_refine.overall_FOM_work_R_set                   ? 
_refine.pdbx_diffrn_id                           1 
_refine.pdbx_refine_id                           'X-RAY DIFFRACTION' 
_refine.pdbx_TLS_residual_ADP_flag               ? 
_refine.pdbx_overall_SU_R_free_Cruickshank_DPI   ? 
_refine.pdbx_overall_SU_R_Blow_DPI               ? 
_refine.pdbx_overall_SU_R_free_Blow_DPI          ? 
# 
_refine_hist.pdbx_refine_id                   'X-RAY DIFFRACTION' 
_refine_hist.cycle_id                         LAST 
_refine_hist.pdbx_number_atoms_protein        1547 
_refine_hist.pdbx_number_atoms_nucleic_acid   0 
_refine_hist.pdbx_number_atoms_ligand         40 
_refine_hist.number_atoms_solvent             14 
_refine_hist.number_atoms_total               1601 
_refine_hist.d_res_high                       2.95 
_refine_hist.d_res_low                        38.236 
# 
loop_
_refine_ls_restr.type 
_refine_ls_restr.dev_ideal 
_refine_ls_restr.dev_ideal_target 
_refine_ls_restr.weight 
_refine_ls_restr.number 
_refine_ls_restr.pdbx_restraint_function 
_refine_ls_restr.pdbx_refine_id 
r_bond_refined_d       0.014  0.022  ? 1641 ? 'X-RAY DIFFRACTION' 
r_angle_refined_deg    1.506  1.953  ? 2222 ? 'X-RAY DIFFRACTION' 
r_dihedral_angle_1_deg 6.718  5.000  ? 189  ? 'X-RAY DIFFRACTION' 
r_dihedral_angle_2_deg 38.487 23.929 ? 84   ? 'X-RAY DIFFRACTION' 
r_dihedral_angle_3_deg 19.904 15.000 ? 284  ? 'X-RAY DIFFRACTION' 
r_dihedral_angle_4_deg 19.663 15.000 ? 12   ? 'X-RAY DIFFRACTION' 
r_chiral_restr         0.100  0.200  ? 228  ? 'X-RAY DIFFRACTION' 
r_gen_planes_refined   0.006  0.021  ? 1255 ? 'X-RAY DIFFRACTION' 
r_mcbond_it            0.818  1.500  ? 935  ? 'X-RAY DIFFRACTION' 
r_mcangle_it           1.581  2.000  ? 1512 ? 'X-RAY DIFFRACTION' 
r_scbond_it            1.835  3.000  ? 706  ? 'X-RAY DIFFRACTION' 
r_scangle_it           3.215  4.500  ? 708  ? 'X-RAY DIFFRACTION' 
# 
_refine_ls_shell.pdbx_total_number_of_bins_used   20 
_refine_ls_shell.d_res_high                       2.950 
_refine_ls_shell.d_res_low                        3.027 
_refine_ls_shell.number_reflns_R_work             401 
_refine_ls_shell.R_factor_R_work                  0.276 
_refine_ls_shell.percent_reflns_obs               97.22 
_refine_ls_shell.R_factor_R_free                  0.401 
_refine_ls_shell.R_factor_R_free_error            ? 
_refine_ls_shell.percent_reflns_R_free            ? 
_refine_ls_shell.number_reflns_R_free             19 
_refine_ls_shell.number_reflns_all                ? 
_refine_ls_shell.R_factor_all                     ? 
_refine_ls_shell.number_reflns_obs                ? 
_refine_ls_shell.redundancy_reflns_obs            ? 
_refine_ls_shell.pdbx_refine_id                   'X-RAY DIFFRACTION' 
# 
_struct.entry_id                  4DUM 
_struct.title                     'Co-crystal structure of eIF4E with inhibitor' 
_struct.pdbx_model_details        ? 
_struct.pdbx_CASP_flag            ? 
_struct.pdbx_model_type_details   ? 
# 
_struct_keywords.entry_id        4DUM 
_struct_keywords.pdbx_keywords   TRANSLATION 
_struct_keywords.text            'CAP-binding protein, translation initiation factor, m7GTP, TRANSLATION' 
# 
loop_
_struct_asym.id 
_struct_asym.pdbx_blank_PDB_chainid_flag 
_struct_asym.pdbx_modified 
_struct_asym.entity_id 
_struct_asym.details 
A N N 1 ? 
B N N 2 ? 
C N N 3 ? 
D N N 3 ? 
E N N 4 ? 
# 
_struct_ref.id                         1 
_struct_ref.db_name                    UNP 
_struct_ref.db_code                    IF4E_HUMAN 
_struct_ref.pdbx_db_accession          P06730 
_struct_ref.entity_id                  1 
_struct_ref.pdbx_seq_one_letter_code   
;MATVEPETTPTPNPPTTEEEKTESNQEVANPEHYIKHPLQNRWALWFFKNDKSKTWQANLRLISKFDTVEDFWALYNHIQ
LSSNLMPGCDYSLFKDGIEPMWEDEKNKRGGRWLITLNKQQRRSDLDRFWLETLLCLIGESFDDYSDDVCGAVVNVRAKG
DKIAIWTTECENREAVTHIGRVYKERLGLPPKIVIGYQSHADTATKSGSTTKNRFVV
;
_struct_ref.pdbx_align_begin           1 
_struct_ref.pdbx_db_isoform            ? 
# 
_struct_ref_seq.align_id                      1 
_struct_ref_seq.ref_id                        1 
_struct_ref_seq.pdbx_PDB_id_code              4DUM 
_struct_ref_seq.pdbx_strand_id                A 
_struct_ref_seq.seq_align_beg                 24 
_struct_ref_seq.pdbx_seq_align_beg_ins_code   ? 
_struct_ref_seq.seq_align_end                 240 
_struct_ref_seq.pdbx_seq_align_end_ins_code   ? 
_struct_ref_seq.pdbx_db_accession             P06730 
_struct_ref_seq.db_align_beg                  1 
_struct_ref_seq.pdbx_db_align_beg_ins_code    ? 
_struct_ref_seq.db_align_end                  217 
_struct_ref_seq.pdbx_db_align_end_ins_code    ? 
_struct_ref_seq.pdbx_auth_seq_align_beg       1 
_struct_ref_seq.pdbx_auth_seq_align_end       217 
# 
loop_
_struct_ref_seq_dif.align_id 
_struct_ref_seq_dif.pdbx_pdb_id_code 
_struct_ref_seq_dif.mon_id 
_struct_ref_seq_dif.pdbx_pdb_strand_id 
_struct_ref_seq_dif.seq_num 
_struct_ref_seq_dif.pdbx_pdb_ins_code 
_struct_ref_seq_dif.pdbx_seq_db_name 
_struct_ref_seq_dif.pdbx_seq_db_accession_code 
_struct_ref_seq_dif.db_mon_id 
_struct_ref_seq_dif.pdbx_seq_db_seq_num 
_struct_ref_seq_dif.details 
_struct_ref_seq_dif.pdbx_auth_seq_num 
_struct_ref_seq_dif.pdbx_ordinal 
1 4DUM MET A 1  ? UNP P06730 ? ? 'expression tag' -22 1  
1 4DUM ASP A 2  ? UNP P06730 ? ? 'expression tag' -21 2  
1 4DUM TYR A 3  ? UNP P06730 ? ? 'expression tag' -20 3  
1 4DUM LYS A 4  ? UNP P06730 ? ? 'expression tag' -19 4  
1 4DUM ASP A 5  ? UNP P06730 ? ? 'expression tag' -18 5  
1 4DUM ASP A 6  ? UNP P06730 ? ? 'expression tag' -17 6  
1 4DUM ASP A 7  ? UNP P06730 ? ? 'expression tag' -16 7  
1 4DUM ASP A 8  ? UNP P06730 ? ? 'expression tag' -15 8  
1 4DUM LYS A 9  ? UNP P06730 ? ? 'expression tag' -14 9  
1 4DUM HIS A 10 ? UNP P06730 ? ? 'expression tag' -13 10 
1 4DUM HIS A 11 ? UNP P06730 ? ? 'expression tag' -12 11 
1 4DUM HIS A 12 ? UNP P06730 ? ? 'expression tag' -11 12 
1 4DUM HIS A 13 ? UNP P06730 ? ? 'expression tag' -10 13 
1 4DUM HIS A 14 ? UNP P06730 ? ? 'expression tag' -9  14 
1 4DUM HIS A 15 ? UNP P06730 ? ? 'expression tag' -8  15 
1 4DUM THR A 16 ? UNP P06730 ? ? 'expression tag' -7  16 
1 4DUM GLU A 17 ? UNP P06730 ? ? 'expression tag' -6  17 
1 4DUM ASN A 18 ? UNP P06730 ? ? 'expression tag' -5  18 
1 4DUM LEU A 19 ? UNP P06730 ? ? 'expression tag' -4  19 
1 4DUM TYR A 20 ? UNP P06730 ? ? 'expression tag' -3  20 
1 4DUM PHE A 21 ? UNP P06730 ? ? 'expression tag' -2  21 
1 4DUM GLN A 22 ? UNP P06730 ? ? 'expression tag' -1  22 
1 4DUM GLY A 23 ? UNP P06730 ? ? 'expression tag' 0   23 
# 
_pdbx_struct_assembly.id                   1 
_pdbx_struct_assembly.details              author_and_software_defined_assembly 
_pdbx_struct_assembly.method_details       PISA 
_pdbx_struct_assembly.oligomeric_details   monomeric 
_pdbx_struct_assembly.oligomeric_count     1 
# 
_pdbx_struct_assembly_gen.assembly_id       1 
_pdbx_struct_assembly_gen.oper_expression   1 
_pdbx_struct_assembly_gen.asym_id_list      A,B,C,D,E 
# 
_pdbx_struct_oper_list.id                   1 
_pdbx_struct_oper_list.type                 'identity operation' 
_pdbx_struct_oper_list.name                 1_555 
_pdbx_struct_oper_list.symmetry_operation   x,y,z 
_pdbx_struct_oper_list.matrix[1][1]         1.0000000000 
_pdbx_struct_oper_list.matrix[1][2]         0.0000000000 
_pdbx_struct_oper_list.matrix[1][3]         0.0000000000 
_pdbx_struct_oper_list.vector[1]            0.0000000000 
_pdbx_struct_oper_list.matrix[2][1]         0.0000000000 
_pdbx_struct_oper_list.matrix[2][2]         1.0000000000 
_pdbx_struct_oper_list.matrix[2][3]         0.0000000000 
_pdbx_struct_oper_list.vector[2]            0.0000000000 
_pdbx_struct_oper_list.matrix[3][1]         0.0000000000 
_pdbx_struct_oper_list.matrix[3][2]         0.0000000000 
_pdbx_struct_oper_list.matrix[3][3]         1.0000000000 
_pdbx_struct_oper_list.vector[3]            0.0000000000 
# 
_struct_biol.id        1 
_struct_biol.details   ? 
# 
loop_
_struct_conf.conf_type_id 
_struct_conf.id 
_struct_conf.pdbx_PDB_helix_id 
_struct_conf.beg_label_comp_id 
_struct_conf.beg_label_asym_id 
_struct_conf.beg_label_seq_id 
_struct_conf.pdbx_beg_PDB_ins_code 
_struct_conf.end_label_comp_id 
_struct_conf.end_label_asym_id 
_struct_conf.end_label_seq_id 
_struct_conf.pdbx_end_PDB_ins_code 
_struct_conf.beg_auth_comp_id 
_struct_conf.beg_auth_asym_id 
_struct_conf.beg_auth_seq_id 
_struct_conf.end_auth_comp_id 
_struct_conf.end_auth_asym_id 
_struct_conf.end_auth_seq_id 
_struct_conf.pdbx_PDB_helix_class 
_struct_conf.details 
_struct_conf.pdbx_PDB_helix_length 
HELX_P HELX_P1  1  ASN A 53  ? TYR A 57  ? ASN A 30  TYR A 34  5 ? 5  
HELX_P HELX_P2  2  THR A 78  ? ASN A 82  ? THR A 55  ASN A 59  1 ? 5  
HELX_P HELX_P3  3  VAL A 92  ? ILE A 102 ? VAL A 69  ILE A 79  1 ? 11 
HELX_P HELX_P4  4  LEU A 104 ? LEU A 108 ? LEU A 81  LEU A 85  5 ? 5  
HELX_P HELX_P5  5  ASP A 127 ? ARG A 132 ? ASP A 104 ARG A 109 1 ? 6  
HELX_P HELX_P6  6  GLN A 143 ? ASP A 148 ? GLN A 120 ASP A 125 1 ? 6  
HELX_P HELX_P7  7  ASP A 148 ? GLY A 162 ? ASP A 125 GLY A 139 1 ? 15 
HELX_P HELX_P8  8  PHE A 165 ? ASP A 170 ? PHE A 142 ASP A 147 5 ? 6  
HELX_P HELX_P9  9  ASN A 195 ? GLY A 211 ? ASN A 172 GLY A 188 1 ? 17 
HELX_P HELX_P10 10 HIS A 223 ? ALA A 227 ? HIS A 200 ALA A 204 1 ? 5  
# 
_struct_conf_type.id          HELX_P 
_struct_conf_type.criteria    ? 
_struct_conf_type.reference   ? 
# 
_struct_sheet.id               A 
_struct_sheet.type             ? 
_struct_sheet.number_strands   8 
_struct_sheet.details          ? 
# 
loop_
_struct_sheet_order.sheet_id 
_struct_sheet_order.range_id_1 
_struct_sheet_order.range_id_2 
_struct_sheet_order.offset 
_struct_sheet_order.sense 
A 1 2 ? anti-parallel 
A 2 3 ? anti-parallel 
A 3 4 ? anti-parallel 
A 4 5 ? anti-parallel 
A 5 6 ? anti-parallel 
A 6 7 ? anti-parallel 
A 7 8 ? anti-parallel 
# 
loop_
_struct_sheet_range.sheet_id 
_struct_sheet_range.id 
_struct_sheet_range.beg_label_comp_id 
_struct_sheet_range.beg_label_asym_id 
_struct_sheet_range.beg_label_seq_id 
_struct_sheet_range.pdbx_beg_PDB_ins_code 
_struct_sheet_range.end_label_comp_id 
_struct_sheet_range.end_label_asym_id 
_struct_sheet_range.end_label_seq_id 
_struct_sheet_range.pdbx_end_PDB_ins_code 
_struct_sheet_range.beg_auth_comp_id 
_struct_sheet_range.beg_auth_asym_id 
_struct_sheet_range.beg_auth_seq_id 
_struct_sheet_range.end_auth_comp_id 
_struct_sheet_range.end_auth_asym_id 
_struct_sheet_range.end_auth_seq_id 
A 1 LEU A 83  ? THR A 91  ? LEU A 60  THR A 68  
A 2 PRO A 61  ? PHE A 71  ? PRO A 38  PHE A 48  
A 3 ASP A 113 ? LYS A 118 ? ASP A 90  LYS A 95  
A 4 VAL A 172 ? ASN A 178 ? VAL A 149 ASN A 155 
A 5 LYS A 185 ? THR A 190 ? LYS A 162 THR A 167 
A 6 GLY A 134 ? THR A 139 ? GLY A 111 THR A 116 
A 7 ILE A 218 ? SER A 222 ? ILE A 195 SER A 199 
A 8 PHE A 238 ? VAL A 240 ? PHE A 215 VAL A 217 
# 
loop_
_pdbx_struct_sheet_hbond.sheet_id 
_pdbx_struct_sheet_hbond.range_id_1 
_pdbx_struct_sheet_hbond.range_id_2 
_pdbx_struct_sheet_hbond.range_1_label_atom_id 
_pdbx_struct_sheet_hbond.range_1_label_comp_id 
_pdbx_struct_sheet_hbond.range_1_label_asym_id 
_pdbx_struct_sheet_hbond.range_1_label_seq_id 
_pdbx_struct_sheet_hbond.range_1_PDB_ins_code 
_pdbx_struct_sheet_hbond.range_1_auth_atom_id 
_pdbx_struct_sheet_hbond.range_1_auth_comp_id 
_pdbx_struct_sheet_hbond.range_1_auth_asym_id 
_pdbx_struct_sheet_hbond.range_1_auth_seq_id 
_pdbx_struct_sheet_hbond.range_2_label_atom_id 
_pdbx_struct_sheet_hbond.range_2_label_comp_id 
_pdbx_struct_sheet_hbond.range_2_label_asym_id 
_pdbx_struct_sheet_hbond.range_2_label_seq_id 
_pdbx_struct_sheet_hbond.range_2_PDB_ins_code 
_pdbx_struct_sheet_hbond.range_2_auth_atom_id 
_pdbx_struct_sheet_hbond.range_2_auth_comp_id 
_pdbx_struct_sheet_hbond.range_2_auth_asym_id 
_pdbx_struct_sheet_hbond.range_2_auth_seq_id 
A 1 2 O ARG A 84  ? O ARG A 61  N PHE A 70  ? N PHE A 47  
A 2 3 N ALA A 67  ? N ALA A 44  O PHE A 117 ? O PHE A 94  
A 3 4 N LEU A 116 ? N LEU A 93  O ALA A 175 ? O ALA A 152 
A 4 5 N ASN A 178 ? N ASN A 155 O LYS A 185 ? O LYS A 162 
A 5 6 O ILE A 186 ? O ILE A 163 N ILE A 138 ? N ILE A 115 
A 6 7 N LEU A 137 ? N LEU A 114 O GLY A 219 ? O GLY A 196 
A 7 8 N TYR A 220 ? N TYR A 197 O PHE A 238 ? O PHE A 215 
# 
loop_
_struct_site.id 
_struct_site.pdbx_evidence_code 
_struct_site.pdbx_auth_asym_id 
_struct_site.pdbx_auth_comp_id 
_struct_site.pdbx_auth_seq_id 
_struct_site.pdbx_auth_ins_code 
_struct_site.pdbx_num_residues 
_struct_site.details 
AC1 Software A HLI 1001 ? 13 'BINDING SITE FOR RESIDUE HLI A 1001' 
AC2 Software A EDO 1002 ? 1  'BINDING SITE FOR RESIDUE EDO A 1002' 
AC3 Software A EDO 1003 ? 1  'BINDING SITE FOR RESIDUE EDO A 1003' 
# 
loop_
_struct_site_gen.id 
_struct_site_gen.site_id 
_struct_site_gen.pdbx_num_res 
_struct_site_gen.label_comp_id 
_struct_site_gen.label_asym_id 
_struct_site_gen.label_seq_id 
_struct_site_gen.pdbx_auth_ins_code 
_struct_site_gen.auth_comp_id 
_struct_site_gen.auth_asym_id 
_struct_site_gen.auth_seq_id 
_struct_site_gen.label_atom_id 
_struct_site_gen.label_alt_id 
_struct_site_gen.symmetry 
_struct_site_gen.details 
1  AC1 13 TRP A 79  ? TRP A 56  . ? 1_555 ? 
2  AC1 13 LEU A 83  ? LEU A 60  . ? 1_555 ? 
3  AC1 13 ASP A 113 ? ASP A 90  . ? 1_555 ? 
4  AC1 13 SER A 115 ? SER A 92  . ? 1_555 ? 
5  AC1 13 PRO A 123 ? PRO A 100 . ? 1_555 ? 
6  AC1 13 MET A 124 ? MET A 101 . ? 1_555 ? 
7  AC1 13 TRP A 125 ? TRP A 102 . ? 1_555 ? 
8  AC1 13 GLU A 126 ? GLU A 103 . ? 1_555 ? 
9  AC1 13 ARG A 180 ? ARG A 157 . ? 1_555 ? 
10 AC1 13 LYS A 185 ? LYS A 162 . ? 1_555 ? 
11 AC1 13 TRP A 189 ? TRP A 166 . ? 1_555 ? 
12 AC1 13 ARG A 196 ? ARG A 173 . ? 3_544 ? 
13 AC1 13 ARG A 204 ? ARG A 181 . ? 3_544 ? 
14 AC2 1  TRP A 96  ? TRP A 73  . ? 1_555 ? 
15 AC3 1  ASN A 100 ? ASN A 77  . ? 1_555 ? 
# 
loop_
_pdbx_validate_torsion.id 
_pdbx_validate_torsion.PDB_model_num 
_pdbx_validate_torsion.auth_comp_id 
_pdbx_validate_torsion.auth_asym_id 
_pdbx_validate_torsion.auth_seq_id 
_pdbx_validate_torsion.PDB_ins_code 
_pdbx_validate_torsion.label_alt_id 
_pdbx_validate_torsion.phi 
_pdbx_validate_torsion.psi 
1 1 GLU A 32  ? ? -38.66  -39.69  
2 1 ILE A 63  ? ? -65.94  -70.76  
3 1 PRO A 87  ? ? -37.15  140.02  
4 1 ASP A 143 ? ? 45.83   -122.76 
5 1 LYS A 206 ? ? -119.36 -166.29 
# 
loop_
_pdbx_unobs_or_zero_occ_residues.id 
_pdbx_unobs_or_zero_occ_residues.PDB_model_num 
_pdbx_unobs_or_zero_occ_residues.polymer_flag 
_pdbx_unobs_or_zero_occ_residues.occupancy_flag 
_pdbx_unobs_or_zero_occ_residues.auth_asym_id 
_pdbx_unobs_or_zero_occ_residues.auth_comp_id 
_pdbx_unobs_or_zero_occ_residues.auth_seq_id 
_pdbx_unobs_or_zero_occ_residues.PDB_ins_code 
_pdbx_unobs_or_zero_occ_residues.label_asym_id 
_pdbx_unobs_or_zero_occ_residues.label_comp_id 
_pdbx_unobs_or_zero_occ_residues.label_seq_id 
1  1 Y 1 A MET -22 ? A MET 1   
2  1 Y 1 A ASP -21 ? A ASP 2   
3  1 Y 1 A TYR -20 ? A TYR 3   
4  1 Y 1 A LYS -19 ? A LYS 4   
5  1 Y 1 A ASP -18 ? A ASP 5   
6  1 Y 1 A ASP -17 ? A ASP 6   
7  1 Y 1 A ASP -16 ? A ASP 7   
8  1 Y 1 A ASP -15 ? A ASP 8   
9  1 Y 1 A LYS -14 ? A LYS 9   
10 1 Y 1 A HIS -13 ? A HIS 10  
11 1 Y 1 A HIS -12 ? A HIS 11  
12 1 Y 1 A HIS -11 ? A HIS 12  
13 1 Y 1 A HIS -10 ? A HIS 13  
14 1 Y 1 A HIS -9  ? A HIS 14  
15 1 Y 1 A HIS -8  ? A HIS 15  
16 1 Y 1 A THR -7  ? A THR 16  
17 1 Y 1 A GLU -6  ? A GLU 17  
18 1 Y 1 A ASN -5  ? A ASN 18  
19 1 Y 1 A LEU -4  ? A LEU 19  
20 1 Y 1 A TYR -3  ? A TYR 20  
21 1 Y 1 A PHE -2  ? A PHE 21  
22 1 Y 1 A GLN -1  ? A GLN 22  
23 1 Y 1 A GLY 0   ? A GLY 23  
24 1 Y 1 A MET 1   ? A MET 24  
25 1 Y 1 A ALA 2   ? A ALA 25  
26 1 Y 1 A THR 3   ? A THR 26  
27 1 Y 1 A VAL 4   ? A VAL 27  
28 1 Y 1 A GLU 5   ? A GLU 28  
29 1 Y 1 A PRO 6   ? A PRO 29  
30 1 Y 1 A GLU 7   ? A GLU 30  
31 1 Y 1 A THR 8   ? A THR 31  
32 1 Y 1 A THR 9   ? A THR 32  
33 1 Y 1 A PRO 10  ? A PRO 33  
34 1 Y 1 A THR 11  ? A THR 34  
35 1 Y 1 A PRO 12  ? A PRO 35  
36 1 Y 1 A ASN 13  ? A ASN 36  
37 1 Y 1 A PRO 14  ? A PRO 37  
38 1 Y 1 A PRO 15  ? A PRO 38  
39 1 Y 1 A THR 16  ? A THR 39  
40 1 Y 1 A THR 17  ? A THR 40  
41 1 Y 1 A GLU 18  ? A GLU 41  
42 1 Y 1 A GLU 19  ? A GLU 42  
43 1 Y 1 A GLU 20  ? A GLU 43  
44 1 Y 1 A LYS 21  ? A LYS 44  
45 1 Y 1 A THR 22  ? A THR 45  
46 1 Y 1 A GLU 23  ? A GLU 46  
47 1 Y 1 A SER 24  ? A SER 47  
48 1 Y 1 A ASN 25  ? A ASN 48  
49 1 Y 1 A GLN 26  ? A GLN 49  
50 1 Y 1 A GLY 208 ? A GLY 231 
51 1 Y 1 A SER 209 ? A SER 232 
52 1 Y 1 A THR 210 ? A THR 233 
53 1 Y 1 A THR 211 ? A THR 234 
# 
loop_
_chem_comp_atom.comp_id 
_chem_comp_atom.atom_id 
_chem_comp_atom.type_symbol 
_chem_comp_atom.pdbx_aromatic_flag 
_chem_comp_atom.pdbx_stereo_config 
_chem_comp_atom.pdbx_ordinal 
ALA N    N  N N 1   
ALA CA   C  N S 2   
ALA C    C  N N 3   
ALA O    O  N N 4   
ALA CB   C  N N 5   
ALA OXT  O  N N 6   
ALA H    H  N N 7   
ALA H2   H  N N 8   
ALA HA   H  N N 9   
ALA HB1  H  N N 10  
ALA HB2  H  N N 11  
ALA HB3  H  N N 12  
ALA HXT  H  N N 13  
ARG N    N  N N 14  
ARG CA   C  N S 15  
ARG C    C  N N 16  
ARG O    O  N N 17  
ARG CB   C  N N 18  
ARG CG   C  N N 19  
ARG CD   C  N N 20  
ARG NE   N  N N 21  
ARG CZ   C  N N 22  
ARG NH1  N  N N 23  
ARG NH2  N  N N 24  
ARG OXT  O  N N 25  
ARG H    H  N N 26  
ARG H2   H  N N 27  
ARG HA   H  N N 28  
ARG HB2  H  N N 29  
ARG HB3  H  N N 30  
ARG HG2  H  N N 31  
ARG HG3  H  N N 32  
ARG HD2  H  N N 33  
ARG HD3  H  N N 34  
ARG HE   H  N N 35  
ARG HH11 H  N N 36  
ARG HH12 H  N N 37  
ARG HH21 H  N N 38  
ARG HH22 H  N N 39  
ARG HXT  H  N N 40  
ASN N    N  N N 41  
ASN CA   C  N S 42  
ASN C    C  N N 43  
ASN O    O  N N 44  
ASN CB   C  N N 45  
ASN CG   C  N N 46  
ASN OD1  O  N N 47  
ASN ND2  N  N N 48  
ASN OXT  O  N N 49  
ASN H    H  N N 50  
ASN H2   H  N N 51  
ASN HA   H  N N 52  
ASN HB2  H  N N 53  
ASN HB3  H  N N 54  
ASN HD21 H  N N 55  
ASN HD22 H  N N 56  
ASN HXT  H  N N 57  
ASP N    N  N N 58  
ASP CA   C  N S 59  
ASP C    C  N N 60  
ASP O    O  N N 61  
ASP CB   C  N N 62  
ASP CG   C  N N 63  
ASP OD1  O  N N 64  
ASP OD2  O  N N 65  
ASP OXT  O  N N 66  
ASP H    H  N N 67  
ASP H2   H  N N 68  
ASP HA   H  N N 69  
ASP HB2  H  N N 70  
ASP HB3  H  N N 71  
ASP HD2  H  N N 72  
ASP HXT  H  N N 73  
CYS N    N  N N 74  
CYS CA   C  N R 75  
CYS C    C  N N 76  
CYS O    O  N N 77  
CYS CB   C  N N 78  
CYS SG   S  N N 79  
CYS OXT  O  N N 80  
CYS H    H  N N 81  
CYS H2   H  N N 82  
CYS HA   H  N N 83  
CYS HB2  H  N N 84  
CYS HB3  H  N N 85  
CYS HG   H  N N 86  
CYS HXT  H  N N 87  
EDO C1   C  N N 88  
EDO O1   O  N N 89  
EDO C2   C  N N 90  
EDO O2   O  N N 91  
EDO H11  H  N N 92  
EDO H12  H  N N 93  
EDO HO1  H  N N 94  
EDO H21  H  N N 95  
EDO H22  H  N N 96  
EDO HO2  H  N N 97  
GLN N    N  N N 98  
GLN CA   C  N S 99  
GLN C    C  N N 100 
GLN O    O  N N 101 
GLN CB   C  N N 102 
GLN CG   C  N N 103 
GLN CD   C  N N 104 
GLN OE1  O  N N 105 
GLN NE2  N  N N 106 
GLN OXT  O  N N 107 
GLN H    H  N N 108 
GLN H2   H  N N 109 
GLN HA   H  N N 110 
GLN HB2  H  N N 111 
GLN HB3  H  N N 112 
GLN HG2  H  N N 113 
GLN HG3  H  N N 114 
GLN HE21 H  N N 115 
GLN HE22 H  N N 116 
GLN HXT  H  N N 117 
GLU N    N  N N 118 
GLU CA   C  N S 119 
GLU C    C  N N 120 
GLU O    O  N N 121 
GLU CB   C  N N 122 
GLU CG   C  N N 123 
GLU CD   C  N N 124 
GLU OE1  O  N N 125 
GLU OE2  O  N N 126 
GLU OXT  O  N N 127 
GLU H    H  N N 128 
GLU H2   H  N N 129 
GLU HA   H  N N 130 
GLU HB2  H  N N 131 
GLU HB3  H  N N 132 
GLU HG2  H  N N 133 
GLU HG3  H  N N 134 
GLU HE2  H  N N 135 
GLU HXT  H  N N 136 
GLY N    N  N N 137 
GLY CA   C  N N 138 
GLY C    C  N N 139 
GLY O    O  N N 140 
GLY OXT  O  N N 141 
GLY H    H  N N 142 
GLY H2   H  N N 143 
GLY HA2  H  N N 144 
GLY HA3  H  N N 145 
GLY HXT  H  N N 146 
HIS N    N  N N 147 
HIS CA   C  N S 148 
HIS C    C  N N 149 
HIS O    O  N N 150 
HIS CB   C  N N 151 
HIS CG   C  Y N 152 
HIS ND1  N  Y N 153 
HIS CD2  C  Y N 154 
HIS CE1  C  Y N 155 
HIS NE2  N  Y N 156 
HIS OXT  O  N N 157 
HIS H    H  N N 158 
HIS H2   H  N N 159 
HIS HA   H  N N 160 
HIS HB2  H  N N 161 
HIS HB3  H  N N 162 
HIS HD1  H  N N 163 
HIS HD2  H  N N 164 
HIS HE1  H  N N 165 
HIS HE2  H  N N 166 
HIS HXT  H  N N 167 
HLI C1   C  N N 168 
HLI N1   N  Y N 169 
HLI O1   O  N N 170 
HLI P1   P  N N 171 
HLI CL1  CL N N 172 
HLI C2   C  Y N 173 
HLI N2   N  Y N 174 
HLI O2   O  N N 175 
HLI C3   C  Y N 176 
HLI N3   N  N N 177 
HLI O3   O  N N 178 
HLI C4   C  Y N 179 
HLI N4   N  N N 180 
HLI O4   O  N N 181 
HLI C5   C  N N 182 
HLI N5   N  N N 183 
HLI O5   O  N N 184 
HLI C6   C  N N 185 
HLI C7   C  Y N 186 
HLI C8   C  N N 187 
HLI C9   C  Y N 188 
HLI C10  C  Y N 189 
HLI C11  C  Y N 190 
HLI C12  C  Y N 191 
HLI C13  C  Y N 192 
HLI C14  C  N N 193 
HLI C15  C  Y N 194 
HLI C16  C  Y N 195 
HLI C17  C  Y N 196 
HLI C18  C  Y N 197 
HLI C19  C  Y N 198 
HLI C20  C  Y N 199 
HLI H1   H  N N 200 
HLI H1A  H  N N 201 
HLI HO2  H  N N 202 
HLI HN3  H  N N 203 
HLI HO4  H  N N 204 
HLI H8   H  N N 205 
HLI H8A  H  N N 206 
HLI H9   H  N N 207 
HLI H10  H  N N 208 
HLI H12  H  N N 209 
HLI H13  H  N N 210 
HLI H14  H  N N 211 
HLI H14A H  N N 212 
HLI H16  H  N N 213 
HLI H17  H  N N 214 
HLI H19  H  N N 215 
HLI H20  H  N N 216 
HLI H14B H  N N 217 
HLI HN5  H  N N 218 
HOH O    O  N N 219 
HOH H1   H  N N 220 
HOH H2   H  N N 221 
ILE N    N  N N 222 
ILE CA   C  N S 223 
ILE C    C  N N 224 
ILE O    O  N N 225 
ILE CB   C  N S 226 
ILE CG1  C  N N 227 
ILE CG2  C  N N 228 
ILE CD1  C  N N 229 
ILE OXT  O  N N 230 
ILE H    H  N N 231 
ILE H2   H  N N 232 
ILE HA   H  N N 233 
ILE HB   H  N N 234 
ILE HG12 H  N N 235 
ILE HG13 H  N N 236 
ILE HG21 H  N N 237 
ILE HG22 H  N N 238 
ILE HG23 H  N N 239 
ILE HD11 H  N N 240 
ILE HD12 H  N N 241 
ILE HD13 H  N N 242 
ILE HXT  H  N N 243 
LEU N    N  N N 244 
LEU CA   C  N S 245 
LEU C    C  N N 246 
LEU O    O  N N 247 
LEU CB   C  N N 248 
LEU CG   C  N N 249 
LEU CD1  C  N N 250 
LEU CD2  C  N N 251 
LEU OXT  O  N N 252 
LEU H    H  N N 253 
LEU H2   H  N N 254 
LEU HA   H  N N 255 
LEU HB2  H  N N 256 
LEU HB3  H  N N 257 
LEU HG   H  N N 258 
LEU HD11 H  N N 259 
LEU HD12 H  N N 260 
LEU HD13 H  N N 261 
LEU HD21 H  N N 262 
LEU HD22 H  N N 263 
LEU HD23 H  N N 264 
LEU HXT  H  N N 265 
LYS N    N  N N 266 
LYS CA   C  N S 267 
LYS C    C  N N 268 
LYS O    O  N N 269 
LYS CB   C  N N 270 
LYS CG   C  N N 271 
LYS CD   C  N N 272 
LYS CE   C  N N 273 
LYS NZ   N  N N 274 
LYS OXT  O  N N 275 
LYS H    H  N N 276 
LYS H2   H  N N 277 
LYS HA   H  N N 278 
LYS HB2  H  N N 279 
LYS HB3  H  N N 280 
LYS HG2  H  N N 281 
LYS HG3  H  N N 282 
LYS HD2  H  N N 283 
LYS HD3  H  N N 284 
LYS HE2  H  N N 285 
LYS HE3  H  N N 286 
LYS HZ1  H  N N 287 
LYS HZ2  H  N N 288 
LYS HZ3  H  N N 289 
LYS HXT  H  N N 290 
MET N    N  N N 291 
MET CA   C  N S 292 
MET C    C  N N 293 
MET O    O  N N 294 
MET CB   C  N N 295 
MET CG   C  N N 296 
MET SD   S  N N 297 
MET CE   C  N N 298 
MET OXT  O  N N 299 
MET H    H  N N 300 
MET H2   H  N N 301 
MET HA   H  N N 302 
MET HB2  H  N N 303 
MET HB3  H  N N 304 
MET HG2  H  N N 305 
MET HG3  H  N N 306 
MET HE1  H  N N 307 
MET HE2  H  N N 308 
MET HE3  H  N N 309 
MET HXT  H  N N 310 
PHE N    N  N N 311 
PHE CA   C  N S 312 
PHE C    C  N N 313 
PHE O    O  N N 314 
PHE CB   C  N N 315 
PHE CG   C  Y N 316 
PHE CD1  C  Y N 317 
PHE CD2  C  Y N 318 
PHE CE1  C  Y N 319 
PHE CE2  C  Y N 320 
PHE CZ   C  Y N 321 
PHE OXT  O  N N 322 
PHE H    H  N N 323 
PHE H2   H  N N 324 
PHE HA   H  N N 325 
PHE HB2  H  N N 326 
PHE HB3  H  N N 327 
PHE HD1  H  N N 328 
PHE HD2  H  N N 329 
PHE HE1  H  N N 330 
PHE HE2  H  N N 331 
PHE HZ   H  N N 332 
PHE HXT  H  N N 333 
PRO N    N  N N 334 
PRO CA   C  N S 335 
PRO C    C  N N 336 
PRO O    O  N N 337 
PRO CB   C  N N 338 
PRO CG   C  N N 339 
PRO CD   C  N N 340 
PRO OXT  O  N N 341 
PRO H    H  N N 342 
PRO HA   H  N N 343 
PRO HB2  H  N N 344 
PRO HB3  H  N N 345 
PRO HG2  H  N N 346 
PRO HG3  H  N N 347 
PRO HD2  H  N N 348 
PRO HD3  H  N N 349 
PRO HXT  H  N N 350 
SER N    N  N N 351 
SER CA   C  N S 352 
SER C    C  N N 353 
SER O    O  N N 354 
SER CB   C  N N 355 
SER OG   O  N N 356 
SER OXT  O  N N 357 
SER H    H  N N 358 
SER H2   H  N N 359 
SER HA   H  N N 360 
SER HB2  H  N N 361 
SER HB3  H  N N 362 
SER HG   H  N N 363 
SER HXT  H  N N 364 
THR N    N  N N 365 
THR CA   C  N S 366 
THR C    C  N N 367 
THR O    O  N N 368 
THR CB   C  N R 369 
THR OG1  O  N N 370 
THR CG2  C  N N 371 
THR OXT  O  N N 372 
THR H    H  N N 373 
THR H2   H  N N 374 
THR HA   H  N N 375 
THR HB   H  N N 376 
THR HG1  H  N N 377 
THR HG21 H  N N 378 
THR HG22 H  N N 379 
THR HG23 H  N N 380 
THR HXT  H  N N 381 
TRP N    N  N N 382 
TRP CA   C  N S 383 
TRP C    C  N N 384 
TRP O    O  N N 385 
TRP CB   C  N N 386 
TRP CG   C  Y N 387 
TRP CD1  C  Y N 388 
TRP CD2  C  Y N 389 
TRP NE1  N  Y N 390 
TRP CE2  C  Y N 391 
TRP CE3  C  Y N 392 
TRP CZ2  C  Y N 393 
TRP CZ3  C  Y N 394 
TRP CH2  C  Y N 395 
TRP OXT  O  N N 396 
TRP H    H  N N 397 
TRP H2   H  N N 398 
TRP HA   H  N N 399 
TRP HB2  H  N N 400 
TRP HB3  H  N N 401 
TRP HD1  H  N N 402 
TRP HE1  H  N N 403 
TRP HE3  H  N N 404 
TRP HZ2  H  N N 405 
TRP HZ3  H  N N 406 
TRP HH2  H  N N 407 
TRP HXT  H  N N 408 
TYR N    N  N N 409 
TYR CA   C  N S 410 
TYR C    C  N N 411 
TYR O    O  N N 412 
TYR CB   C  N N 413 
TYR CG   C  Y N 414 
TYR CD1  C  Y N 415 
TYR CD2  C  Y N 416 
TYR CE1  C  Y N 417 
TYR CE2  C  Y N 418 
TYR CZ   C  Y N 419 
TYR OH   O  N N 420 
TYR OXT  O  N N 421 
TYR H    H  N N 422 
TYR H2   H  N N 423 
TYR HA   H  N N 424 
TYR HB2  H  N N 425 
TYR HB3  H  N N 426 
TYR HD1  H  N N 427 
TYR HD2  H  N N 428 
TYR HE1  H  N N 429 
TYR HE2  H  N N 430 
TYR HH   H  N N 431 
TYR HXT  H  N N 432 
VAL N    N  N N 433 
VAL CA   C  N S 434 
VAL C    C  N N 435 
VAL O    O  N N 436 
VAL CB   C  N N 437 
VAL CG1  C  N N 438 
VAL CG2  C  N N 439 
VAL OXT  O  N N 440 
VAL H    H  N N 441 
VAL H2   H  N N 442 
VAL HA   H  N N 443 
VAL HB   H  N N 444 
VAL HG11 H  N N 445 
VAL HG12 H  N N 446 
VAL HG13 H  N N 447 
VAL HG21 H  N N 448 
VAL HG22 H  N N 449 
VAL HG23 H  N N 450 
VAL HXT  H  N N 451 
# 
loop_
_chem_comp_bond.comp_id 
_chem_comp_bond.atom_id_1 
_chem_comp_bond.atom_id_2 
_chem_comp_bond.value_order 
_chem_comp_bond.pdbx_aromatic_flag 
_chem_comp_bond.pdbx_stereo_config 
_chem_comp_bond.pdbx_ordinal 
ALA N   CA   sing N N 1   
ALA N   H    sing N N 2   
ALA N   H2   sing N N 3   
ALA CA  C    sing N N 4   
ALA CA  CB   sing N N 5   
ALA CA  HA   sing N N 6   
ALA C   O    doub N N 7   
ALA C   OXT  sing N N 8   
ALA CB  HB1  sing N N 9   
ALA CB  HB2  sing N N 10  
ALA CB  HB3  sing N N 11  
ALA OXT HXT  sing N N 12  
ARG N   CA   sing N N 13  
ARG N   H    sing N N 14  
ARG N   H2   sing N N 15  
ARG CA  C    sing N N 16  
ARG CA  CB   sing N N 17  
ARG CA  HA   sing N N 18  
ARG C   O    doub N N 19  
ARG C   OXT  sing N N 20  
ARG CB  CG   sing N N 21  
ARG CB  HB2  sing N N 22  
ARG CB  HB3  sing N N 23  
ARG CG  CD   sing N N 24  
ARG CG  HG2  sing N N 25  
ARG CG  HG3  sing N N 26  
ARG CD  NE   sing N N 27  
ARG CD  HD2  sing N N 28  
ARG CD  HD3  sing N N 29  
ARG NE  CZ   sing N N 30  
ARG NE  HE   sing N N 31  
ARG CZ  NH1  sing N N 32  
ARG CZ  NH2  doub N N 33  
ARG NH1 HH11 sing N N 34  
ARG NH1 HH12 sing N N 35  
ARG NH2 HH21 sing N N 36  
ARG NH2 HH22 sing N N 37  
ARG OXT HXT  sing N N 38  
ASN N   CA   sing N N 39  
ASN N   H    sing N N 40  
ASN N   H2   sing N N 41  
ASN CA  C    sing N N 42  
ASN CA  CB   sing N N 43  
ASN CA  HA   sing N N 44  
ASN C   O    doub N N 45  
ASN C   OXT  sing N N 46  
ASN CB  CG   sing N N 47  
ASN CB  HB2  sing N N 48  
ASN CB  HB3  sing N N 49  
ASN CG  OD1  doub N N 50  
ASN CG  ND2  sing N N 51  
ASN ND2 HD21 sing N N 52  
ASN ND2 HD22 sing N N 53  
ASN OXT HXT  sing N N 54  
ASP N   CA   sing N N 55  
ASP N   H    sing N N 56  
ASP N   H2   sing N N 57  
ASP CA  C    sing N N 58  
ASP CA  CB   sing N N 59  
ASP CA  HA   sing N N 60  
ASP C   O    doub N N 61  
ASP C   OXT  sing N N 62  
ASP CB  CG   sing N N 63  
ASP CB  HB2  sing N N 64  
ASP CB  HB3  sing N N 65  
ASP CG  OD1  doub N N 66  
ASP CG  OD2  sing N N 67  
ASP OD2 HD2  sing N N 68  
ASP OXT HXT  sing N N 69  
CYS N   CA   sing N N 70  
CYS N   H    sing N N 71  
CYS N   H2   sing N N 72  
CYS CA  C    sing N N 73  
CYS CA  CB   sing N N 74  
CYS CA  HA   sing N N 75  
CYS C   O    doub N N 76  
CYS C   OXT  sing N N 77  
CYS CB  SG   sing N N 78  
CYS CB  HB2  sing N N 79  
CYS CB  HB3  sing N N 80  
CYS SG  HG   sing N N 81  
CYS OXT HXT  sing N N 82  
EDO C1  O1   sing N N 83  
EDO C1  C2   sing N N 84  
EDO C1  H11  sing N N 85  
EDO C1  H12  sing N N 86  
EDO O1  HO1  sing N N 87  
EDO C2  O2   sing N N 88  
EDO C2  H21  sing N N 89  
EDO C2  H22  sing N N 90  
EDO O2  HO2  sing N N 91  
GLN N   CA   sing N N 92  
GLN N   H    sing N N 93  
GLN N   H2   sing N N 94  
GLN CA  C    sing N N 95  
GLN CA  CB   sing N N 96  
GLN CA  HA   sing N N 97  
GLN C   O    doub N N 98  
GLN C   OXT  sing N N 99  
GLN CB  CG   sing N N 100 
GLN CB  HB2  sing N N 101 
GLN CB  HB3  sing N N 102 
GLN CG  CD   sing N N 103 
GLN CG  HG2  sing N N 104 
GLN CG  HG3  sing N N 105 
GLN CD  OE1  doub N N 106 
GLN CD  NE2  sing N N 107 
GLN NE2 HE21 sing N N 108 
GLN NE2 HE22 sing N N 109 
GLN OXT HXT  sing N N 110 
GLU N   CA   sing N N 111 
GLU N   H    sing N N 112 
GLU N   H2   sing N N 113 
GLU CA  C    sing N N 114 
GLU CA  CB   sing N N 115 
GLU CA  HA   sing N N 116 
GLU C   O    doub N N 117 
GLU C   OXT  sing N N 118 
GLU CB  CG   sing N N 119 
GLU CB  HB2  sing N N 120 
GLU CB  HB3  sing N N 121 
GLU CG  CD   sing N N 122 
GLU CG  HG2  sing N N 123 
GLU CG  HG3  sing N N 124 
GLU CD  OE1  doub N N 125 
GLU CD  OE2  sing N N 126 
GLU OE2 HE2  sing N N 127 
GLU OXT HXT  sing N N 128 
GLY N   CA   sing N N 129 
GLY N   H    sing N N 130 
GLY N   H2   sing N N 131 
GLY CA  C    sing N N 132 
GLY CA  HA2  sing N N 133 
GLY CA  HA3  sing N N 134 
GLY C   O    doub N N 135 
GLY C   OXT  sing N N 136 
GLY OXT HXT  sing N N 137 
HIS N   CA   sing N N 138 
HIS N   H    sing N N 139 
HIS N   H2   sing N N 140 
HIS CA  C    sing N N 141 
HIS CA  CB   sing N N 142 
HIS CA  HA   sing N N 143 
HIS C   O    doub N N 144 
HIS C   OXT  sing N N 145 
HIS CB  CG   sing N N 146 
HIS CB  HB2  sing N N 147 
HIS CB  HB3  sing N N 148 
HIS CG  ND1  sing Y N 149 
HIS CG  CD2  doub Y N 150 
HIS ND1 CE1  doub Y N 151 
HIS ND1 HD1  sing N N 152 
HIS CD2 NE2  sing Y N 153 
HIS CD2 HD2  sing N N 154 
HIS CE1 NE2  sing Y N 155 
HIS CE1 HE1  sing N N 156 
HIS NE2 HE2  sing N N 157 
HIS OXT HXT  sing N N 158 
HLI C8  C1   sing N N 159 
HLI C1  O5   sing N N 160 
HLI C1  H1   sing N N 161 
HLI C1  H1A  sing N N 162 
HLI C3  N1   sing Y N 163 
HLI N1  C4   doub Y N 164 
HLI C6  O1   doub N N 165 
HLI O3  P1   doub N N 166 
HLI C11 P1   sing N N 167 
HLI P1  O2   sing N N 168 
HLI P1  O4   sing N N 169 
HLI C18 CL1  sing N N 170 
HLI C3  C2   doub Y N 171 
HLI C6  C2   sing N N 172 
HLI C2  N2   sing Y N 173 
HLI C4  N2   sing Y N 174 
HLI N2  C8   sing N N 175 
HLI O2  HO2  sing N N 176 
HLI N4  C3   sing N N 177 
HLI C5  N3   sing N N 178 
HLI N3  C6   sing N N 179 
HLI N3  HN3  sing N N 180 
HLI C4  C7   sing N N 181 
HLI C5  N4   doub N N 182 
HLI O4  HO4  sing N N 183 
HLI N5  C5   sing N N 184 
HLI C14 N5   sing N N 185 
HLI O5  C15  sing N N 186 
HLI C13 C7   doub Y N 187 
HLI C7  C9   sing Y N 188 
HLI C8  H8   sing N N 189 
HLI C8  H8A  sing N N 190 
HLI C9  C10  doub Y N 191 
HLI C9  H9   sing N N 192 
HLI C11 C10  sing Y N 193 
HLI C10 H10  sing N N 194 
HLI C12 C11  doub Y N 195 
HLI C13 C12  sing Y N 196 
HLI C12 H12  sing N N 197 
HLI C13 H13  sing N N 198 
HLI C14 H14  sing N N 199 
HLI C14 H14A sing N N 200 
HLI C15 C16  doub Y N 201 
HLI C15 C20  sing Y N 202 
HLI C16 C17  sing Y N 203 
HLI C16 H16  sing N N 204 
HLI C17 C18  doub Y N 205 
HLI C17 H17  sing N N 206 
HLI C19 C18  sing Y N 207 
HLI C20 C19  doub Y N 208 
HLI C19 H19  sing N N 209 
HLI C20 H20  sing N N 210 
HLI C14 H14B sing N N 211 
HLI N5  HN5  sing N N 212 
HOH O   H1   sing N N 213 
HOH O   H2   sing N N 214 
ILE N   CA   sing N N 215 
ILE N   H    sing N N 216 
ILE N   H2   sing N N 217 
ILE CA  C    sing N N 218 
ILE CA  CB   sing N N 219 
ILE CA  HA   sing N N 220 
ILE C   O    doub N N 221 
ILE C   OXT  sing N N 222 
ILE CB  CG1  sing N N 223 
ILE CB  CG2  sing N N 224 
ILE CB  HB   sing N N 225 
ILE CG1 CD1  sing N N 226 
ILE CG1 HG12 sing N N 227 
ILE CG1 HG13 sing N N 228 
ILE CG2 HG21 sing N N 229 
ILE CG2 HG22 sing N N 230 
ILE CG2 HG23 sing N N 231 
ILE CD1 HD11 sing N N 232 
ILE CD1 HD12 sing N N 233 
ILE CD1 HD13 sing N N 234 
ILE OXT HXT  sing N N 235 
LEU N   CA   sing N N 236 
LEU N   H    sing N N 237 
LEU N   H2   sing N N 238 
LEU CA  C    sing N N 239 
LEU CA  CB   sing N N 240 
LEU CA  HA   sing N N 241 
LEU C   O    doub N N 242 
LEU C   OXT  sing N N 243 
LEU CB  CG   sing N N 244 
LEU CB  HB2  sing N N 245 
LEU CB  HB3  sing N N 246 
LEU CG  CD1  sing N N 247 
LEU CG  CD2  sing N N 248 
LEU CG  HG   sing N N 249 
LEU CD1 HD11 sing N N 250 
LEU CD1 HD12 sing N N 251 
LEU CD1 HD13 sing N N 252 
LEU CD2 HD21 sing N N 253 
LEU CD2 HD22 sing N N 254 
LEU CD2 HD23 sing N N 255 
LEU OXT HXT  sing N N 256 
LYS N   CA   sing N N 257 
LYS N   H    sing N N 258 
LYS N   H2   sing N N 259 
LYS CA  C    sing N N 260 
LYS CA  CB   sing N N 261 
LYS CA  HA   sing N N 262 
LYS C   O    doub N N 263 
LYS C   OXT  sing N N 264 
LYS CB  CG   sing N N 265 
LYS CB  HB2  sing N N 266 
LYS CB  HB3  sing N N 267 
LYS CG  CD   sing N N 268 
LYS CG  HG2  sing N N 269 
LYS CG  HG3  sing N N 270 
LYS CD  CE   sing N N 271 
LYS CD  HD2  sing N N 272 
LYS CD  HD3  sing N N 273 
LYS CE  NZ   sing N N 274 
LYS CE  HE2  sing N N 275 
LYS CE  HE3  sing N N 276 
LYS NZ  HZ1  sing N N 277 
LYS NZ  HZ2  sing N N 278 
LYS NZ  HZ3  sing N N 279 
LYS OXT HXT  sing N N 280 
MET N   CA   sing N N 281 
MET N   H    sing N N 282 
MET N   H2   sing N N 283 
MET CA  C    sing N N 284 
MET CA  CB   sing N N 285 
MET CA  HA   sing N N 286 
MET C   O    doub N N 287 
MET C   OXT  sing N N 288 
MET CB  CG   sing N N 289 
MET CB  HB2  sing N N 290 
MET CB  HB3  sing N N 291 
MET CG  SD   sing N N 292 
MET CG  HG2  sing N N 293 
MET CG  HG3  sing N N 294 
MET SD  CE   sing N N 295 
MET CE  HE1  sing N N 296 
MET CE  HE2  sing N N 297 
MET CE  HE3  sing N N 298 
MET OXT HXT  sing N N 299 
PHE N   CA   sing N N 300 
PHE N   H    sing N N 301 
PHE N   H2   sing N N 302 
PHE CA  C    sing N N 303 
PHE CA  CB   sing N N 304 
PHE CA  HA   sing N N 305 
PHE C   O    doub N N 306 
PHE C   OXT  sing N N 307 
PHE CB  CG   sing N N 308 
PHE CB  HB2  sing N N 309 
PHE CB  HB3  sing N N 310 
PHE CG  CD1  doub Y N 311 
PHE CG  CD2  sing Y N 312 
PHE CD1 CE1  sing Y N 313 
PHE CD1 HD1  sing N N 314 
PHE CD2 CE2  doub Y N 315 
PHE CD2 HD2  sing N N 316 
PHE CE1 CZ   doub Y N 317 
PHE CE1 HE1  sing N N 318 
PHE CE2 CZ   sing Y N 319 
PHE CE2 HE2  sing N N 320 
PHE CZ  HZ   sing N N 321 
PHE OXT HXT  sing N N 322 
PRO N   CA   sing N N 323 
PRO N   CD   sing N N 324 
PRO N   H    sing N N 325 
PRO CA  C    sing N N 326 
PRO CA  CB   sing N N 327 
PRO CA  HA   sing N N 328 
PRO C   O    doub N N 329 
PRO C   OXT  sing N N 330 
PRO CB  CG   sing N N 331 
PRO CB  HB2  sing N N 332 
PRO CB  HB3  sing N N 333 
PRO CG  CD   sing N N 334 
PRO CG  HG2  sing N N 335 
PRO CG  HG3  sing N N 336 
PRO CD  HD2  sing N N 337 
PRO CD  HD3  sing N N 338 
PRO OXT HXT  sing N N 339 
SER N   CA   sing N N 340 
SER N   H    sing N N 341 
SER N   H2   sing N N 342 
SER CA  C    sing N N 343 
SER CA  CB   sing N N 344 
SER CA  HA   sing N N 345 
SER C   O    doub N N 346 
SER C   OXT  sing N N 347 
SER CB  OG   sing N N 348 
SER CB  HB2  sing N N 349 
SER CB  HB3  sing N N 350 
SER OG  HG   sing N N 351 
SER OXT HXT  sing N N 352 
THR N   CA   sing N N 353 
THR N   H    sing N N 354 
THR N   H2   sing N N 355 
THR CA  C    sing N N 356 
THR CA  CB   sing N N 357 
THR CA  HA   sing N N 358 
THR C   O    doub N N 359 
THR C   OXT  sing N N 360 
THR CB  OG1  sing N N 361 
THR CB  CG2  sing N N 362 
THR CB  HB   sing N N 363 
THR OG1 HG1  sing N N 364 
THR CG2 HG21 sing N N 365 
THR CG2 HG22 sing N N 366 
THR CG2 HG23 sing N N 367 
THR OXT HXT  sing N N 368 
TRP N   CA   sing N N 369 
TRP N   H    sing N N 370 
TRP N   H2   sing N N 371 
TRP CA  C    sing N N 372 
TRP CA  CB   sing N N 373 
TRP CA  HA   sing N N 374 
TRP C   O    doub N N 375 
TRP C   OXT  sing N N 376 
TRP CB  CG   sing N N 377 
TRP CB  HB2  sing N N 378 
TRP CB  HB3  sing N N 379 
TRP CG  CD1  doub Y N 380 
TRP CG  CD2  sing Y N 381 
TRP CD1 NE1  sing Y N 382 
TRP CD1 HD1  sing N N 383 
TRP CD2 CE2  doub Y N 384 
TRP CD2 CE3  sing Y N 385 
TRP NE1 CE2  sing Y N 386 
TRP NE1 HE1  sing N N 387 
TRP CE2 CZ2  sing Y N 388 
TRP CE3 CZ3  doub Y N 389 
TRP CE3 HE3  sing N N 390 
TRP CZ2 CH2  doub Y N 391 
TRP CZ2 HZ2  sing N N 392 
TRP CZ3 CH2  sing Y N 393 
TRP CZ3 HZ3  sing N N 394 
TRP CH2 HH2  sing N N 395 
TRP OXT HXT  sing N N 396 
TYR N   CA   sing N N 397 
TYR N   H    sing N N 398 
TYR N   H2   sing N N 399 
TYR CA  C    sing N N 400 
TYR CA  CB   sing N N 401 
TYR CA  HA   sing N N 402 
TYR C   O    doub N N 403 
TYR C   OXT  sing N N 404 
TYR CB  CG   sing N N 405 
TYR CB  HB2  sing N N 406 
TYR CB  HB3  sing N N 407 
TYR CG  CD1  doub Y N 408 
TYR CG  CD2  sing Y N 409 
TYR CD1 CE1  sing Y N 410 
TYR CD1 HD1  sing N N 411 
TYR CD2 CE2  doub Y N 412 
TYR CD2 HD2  sing N N 413 
TYR CE1 CZ   doub Y N 414 
TYR CE1 HE1  sing N N 415 
TYR CE2 CZ   sing Y N 416 
TYR CE2 HE2  sing N N 417 
TYR CZ  OH   sing N N 418 
TYR OH  HH   sing N N 419 
TYR OXT HXT  sing N N 420 
VAL N   CA   sing N N 421 
VAL N   H    sing N N 422 
VAL N   H2   sing N N 423 
VAL CA  C    sing N N 424 
VAL CA  CB   sing N N 425 
VAL CA  HA   sing N N 426 
VAL C   O    doub N N 427 
VAL C   OXT  sing N N 428 
VAL CB  CG1  sing N N 429 
VAL CB  CG2  sing N N 430 
VAL CB  HB   sing N N 431 
VAL CG1 HG11 sing N N 432 
VAL CG1 HG12 sing N N 433 
VAL CG1 HG13 sing N N 434 
VAL CG2 HG21 sing N N 435 
VAL CG2 HG22 sing N N 436 
VAL CG2 HG23 sing N N 437 
VAL OXT HXT  sing N N 438 
# 
_atom_sites.entry_id                    4DUM 
_atom_sites.fract_transf_matrix[1][1]   0.02224318 
_atom_sites.fract_transf_matrix[1][2]   -0.00905974 
_atom_sites.fract_transf_matrix[1][3]   -0.01037112 
_atom_sites.fract_transf_matrix[2][1]   -0.00458297 
_atom_sites.fract_transf_matrix[2][2]   -0.01588143 
_atom_sites.fract_transf_matrix[2][3]   0.00404409 
_atom_sites.fract_transf_matrix[3][1]   -0.00360557 
_atom_sites.fract_transf_matrix[3][2]   -0.00075968 
_atom_sites.fract_transf_matrix[3][3]   -0.00706934 
_atom_sites.fract_transf_vector[1]      -0.016095 
_atom_sites.fract_transf_vector[2]      0.241516 
_atom_sites.fract_transf_vector[3]      -0.145917 
# 
loop_
_atom_type.symbol 
C  
CL 
N  
O  
P  
S  
# 
loop_
_atom_site.group_PDB 
_atom_site.id 
_atom_site.type_symbol 
_atom_site.label_atom_id 
_atom_site.label_alt_id 
_atom_site.label_comp_id 
_atom_site.label_asym_id 
_atom_site.label_entity_id 
_atom_site.label_seq_id 
_atom_site.pdbx_PDB_ins_code 
_atom_site.Cartn_x 
_atom_site.Cartn_y 
_atom_site.Cartn_z 
_atom_site.occupancy 
_atom_site.B_iso_or_equiv 
_atom_site.pdbx_formal_charge 
_atom_site.auth_seq_id 
_atom_site.auth_comp_id 
_atom_site.auth_asym_id 
_atom_site.auth_atom_id 
_atom_site.pdbx_PDB_model_num 
ATOM   1    N  N   . GLU A 1 50  ? -40.749 -11.015 -8.268  1.00 65.61 ? 27   GLU A N   1 
ATOM   2    C  CA  . GLU A 1 50  ? -40.991 -10.124 -9.441  1.00 65.84 ? 27   GLU A CA  1 
ATOM   3    C  C   . GLU A 1 50  ? -39.776 -9.220  -9.774  1.00 65.38 ? 27   GLU A C   1 
ATOM   4    O  O   . GLU A 1 50  ? -39.705 -8.651  -10.882 1.00 65.26 ? 27   GLU A O   1 
ATOM   5    C  CB  . GLU A 1 50  ? -42.297 -9.302  -9.264  1.00 66.08 ? 27   GLU A CB  1 
ATOM   6    C  CG  . GLU A 1 50  ? -43.642 -10.104 -9.397  1.00 67.18 ? 27   GLU A CG  1 
ATOM   7    C  CD  . GLU A 1 50  ? -43.956 -10.628 -10.830 1.00 68.52 ? 27   GLU A CD  1 
ATOM   8    O  OE1 . GLU A 1 50  ? -44.719 -9.955  -11.571 1.00 69.06 ? 27   GLU A OE1 1 
ATOM   9    O  OE2 . GLU A 1 50  ? -43.456 -11.719 -11.209 1.00 67.51 ? 27   GLU A OE2 1 
ATOM   10   N  N   . VAL A 1 51  ? -38.836 -9.103  -8.826  1.00 64.56 ? 28   VAL A N   1 
ATOM   11   C  CA  . VAL A 1 51  ? -37.574 -8.351  -9.031  1.00 63.72 ? 28   VAL A CA  1 
ATOM   12   C  C   . VAL A 1 51  ? -36.434 -9.238  -9.554  1.00 63.06 ? 28   VAL A C   1 
ATOM   13   O  O   . VAL A 1 51  ? -36.509 -10.461 -9.472  1.00 63.09 ? 28   VAL A O   1 
ATOM   14   C  CB  . VAL A 1 51  ? -37.096 -7.575  -7.754  1.00 63.93 ? 28   VAL A CB  1 
ATOM   15   C  CG1 . VAL A 1 51  ? -38.076 -6.444  -7.397  1.00 63.59 ? 28   VAL A CG1 1 
ATOM   16   C  CG2 . VAL A 1 51  ? -36.833 -8.535  -6.556  1.00 63.64 ? 28   VAL A CG2 1 
ATOM   17   N  N   . ALA A 1 52  ? -35.386 -8.618  -10.093 1.00 62.16 ? 29   ALA A N   1 
ATOM   18   C  CA  . ALA A 1 52  ? -34.263 -9.360  -10.676 1.00 61.25 ? 29   ALA A CA  1 
ATOM   19   C  C   . ALA A 1 52  ? -33.336 -9.893  -9.593  1.00 60.60 ? 29   ALA A C   1 
ATOM   20   O  O   . ALA A 1 52  ? -33.149 -9.228  -8.574  1.00 60.79 ? 29   ALA A O   1 
ATOM   21   C  CB  . ALA A 1 52  ? -33.497 -8.473  -11.640 1.00 61.15 ? 29   ALA A CB  1 
ATOM   22   N  N   . ASN A 1 53  ? -32.774 -11.087 -9.804  1.00 59.74 ? 30   ASN A N   1 
ATOM   23   C  CA  . ASN A 1 53  ? -31.772 -11.659 -8.878  1.00 59.04 ? 30   ASN A CA  1 
ATOM   24   C  C   . ASN A 1 53  ? -30.396 -10.941 -8.970  1.00 58.41 ? 30   ASN A C   1 
ATOM   25   O  O   . ASN A 1 53  ? -29.629 -11.151 -9.935  1.00 58.55 ? 30   ASN A O   1 
ATOM   26   C  CB  . ASN A 1 53  ? -31.649 -13.202 -9.017  1.00 59.00 ? 30   ASN A CB  1 
ATOM   27   C  CG  . ASN A 1 53  ? -30.287 -13.746 -8.526  1.00 59.03 ? 30   ASN A CG  1 
ATOM   28   O  OD1 . ASN A 1 53  ? -29.617 -14.500 -9.230  1.00 58.84 ? 30   ASN A OD1 1 
ATOM   29   N  ND2 . ASN A 1 53  ? -29.875 -13.343 -7.330  1.00 59.11 ? 30   ASN A ND2 1 
ATOM   30   N  N   . PRO A 1 54  ? -30.076 -10.109 -7.947  1.00 57.50 ? 31   PRO A N   1 
ATOM   31   C  CA  . PRO A 1 54  ? -28.925 -9.210  -7.975  1.00 56.58 ? 31   PRO A CA  1 
ATOM   32   C  C   . PRO A 1 54  ? -27.645 -9.823  -8.528  1.00 55.81 ? 31   PRO A C   1 
ATOM   33   O  O   . PRO A 1 54  ? -26.959 -9.154  -9.292  1.00 55.73 ? 31   PRO A O   1 
ATOM   34   C  CB  . PRO A 1 54  ? -28.771 -8.810  -6.509  1.00 56.68 ? 31   PRO A CB  1 
ATOM   35   C  CG  . PRO A 1 54  ? -30.174 -8.796  -6.002  1.00 56.91 ? 31   PRO A CG  1 
ATOM   36   C  CD  . PRO A 1 54  ? -30.824 -9.978  -6.674  1.00 57.46 ? 31   PRO A CD  1 
ATOM   37   N  N   . GLU A 1 55  ? -27.363 -11.085 -8.180  1.00 55.07 ? 32   GLU A N   1 
ATOM   38   C  CA  . GLU A 1 55  ? -26.118 -11.790 -8.572  1.00 54.39 ? 32   GLU A CA  1 
ATOM   39   C  C   . GLU A 1 55  ? -25.646 -11.491 -9.989  1.00 53.17 ? 32   GLU A C   1 
ATOM   40   O  O   . GLU A 1 55  ? -24.446 -11.327 -10.230 1.00 52.79 ? 32   GLU A O   1 
ATOM   41   C  CB  . GLU A 1 55  ? -26.251 -13.315 -8.382  1.00 54.88 ? 32   GLU A CB  1 
ATOM   42   C  CG  . GLU A 1 55  ? -25.327 -13.925 -7.303  1.00 57.50 ? 32   GLU A CG  1 
ATOM   43   C  CD  . GLU A 1 55  ? -25.674 -13.484 -5.855  1.00 61.38 ? 32   GLU A CD  1 
ATOM   44   O  OE1 . GLU A 1 55  ? -26.744 -13.898 -5.330  1.00 61.36 ? 32   GLU A OE1 1 
ATOM   45   O  OE2 . GLU A 1 55  ? -24.863 -12.731 -5.242  1.00 62.07 ? 32   GLU A OE2 1 
ATOM   46   N  N   . HIS A 1 56  ? -26.600 -11.400 -10.912 1.00 51.77 ? 33   HIS A N   1 
ATOM   47   C  CA  . HIS A 1 56  ? -26.284 -11.226 -12.320 1.00 50.51 ? 33   HIS A CA  1 
ATOM   48   C  C   . HIS A 1 56  ? -25.836 -9.804  -12.666 1.00 48.80 ? 33   HIS A C   1 
ATOM   49   O  O   . HIS A 1 56  ? -24.860 -9.628  -13.390 1.00 48.88 ? 33   HIS A O   1 
ATOM   50   C  CB  . HIS A 1 56  ? -27.472 -11.622 -13.185 1.00 51.09 ? 33   HIS A CB  1 
ATOM   51   C  CG  . HIS A 1 56  ? -28.177 -12.868 -12.731 1.00 53.66 ? 33   HIS A CG  1 
ATOM   52   N  ND1 . HIS A 1 56  ? -29.405 -12.842 -12.099 1.00 55.01 ? 33   HIS A ND1 1 
ATOM   53   C  CD2 . HIS A 1 56  ? -27.837 -14.178 -12.839 1.00 54.79 ? 33   HIS A CD2 1 
ATOM   54   C  CE1 . HIS A 1 56  ? -29.795 -14.081 -11.847 1.00 55.50 ? 33   HIS A CE1 1 
ATOM   55   N  NE2 . HIS A 1 56  ? -28.856 -14.909 -12.274 1.00 55.48 ? 33   HIS A NE2 1 
ATOM   56   N  N   . TYR A 1 57  ? -26.528 -8.791  -12.136 1.00 46.34 ? 34   TYR A N   1 
ATOM   57   C  CA  . TYR A 1 57  ? -26.309 -7.408  -12.581 1.00 43.54 ? 34   TYR A CA  1 
ATOM   58   C  C   . TYR A 1 57  ? -25.631 -6.466  -11.576 1.00 42.22 ? 34   TYR A C   1 
ATOM   59   O  O   . TYR A 1 57  ? -25.113 -5.428  -11.975 1.00 41.96 ? 34   TYR A O   1 
ATOM   60   C  CB  . TYR A 1 57  ? -27.633 -6.801  -13.048 1.00 43.09 ? 34   TYR A CB  1 
ATOM   61   C  CG  . TYR A 1 57  ? -28.608 -6.620  -11.927 1.00 41.36 ? 34   TYR A CG  1 
ATOM   62   C  CD1 . TYR A 1 57  ? -28.581 -5.473  -11.142 1.00 40.56 ? 34   TYR A CD1 1 
ATOM   63   C  CD2 . TYR A 1 57  ? -29.542 -7.592  -11.638 1.00 39.96 ? 34   TYR A CD2 1 
ATOM   64   C  CE1 . TYR A 1 57  ? -29.455 -5.297  -10.096 1.00 40.85 ? 34   TYR A CE1 1 
ATOM   65   C  CE2 . TYR A 1 57  ? -30.436 -7.426  -10.606 1.00 41.10 ? 34   TYR A CE2 1 
ATOM   66   C  CZ  . TYR A 1 57  ? -30.392 -6.277  -9.823  1.00 41.78 ? 34   TYR A CZ  1 
ATOM   67   O  OH  . TYR A 1 57  ? -31.286 -6.107  -8.765  1.00 42.53 ? 34   TYR A OH  1 
ATOM   68   N  N   . ILE A 1 58  ? -25.678 -6.807  -10.288 1.00 40.48 ? 35   ILE A N   1 
ATOM   69   C  CA  . ILE A 1 58  ? -25.049 -6.025  -9.207  1.00 39.02 ? 35   ILE A CA  1 
ATOM   70   C  C   . ILE A 1 58  ? -23.532 -6.073  -9.305  1.00 38.21 ? 35   ILE A C   1 
ATOM   71   O  O   . ILE A 1 58  ? -22.991 -7.161  -9.535  1.00 38.95 ? 35   ILE A O   1 
ATOM   72   C  CB  . ILE A 1 58  ? -25.490 -6.606  -7.829  1.00 39.19 ? 35   ILE A CB  1 
ATOM   73   C  CG1 . ILE A 1 58  ? -26.766 -5.928  -7.358  1.00 39.98 ? 35   ILE A CG1 1 
ATOM   74   C  CG2 . ILE A 1 58  ? -24.420 -6.514  -6.738  1.00 37.74 ? 35   ILE A CG2 1 
ATOM   75   C  CD1 . ILE A 1 58  ? -26.739 -4.459  -7.530  1.00 42.01 ? 35   ILE A CD1 1 
ATOM   76   N  N   . LYS A 1 59  ? -22.853 -4.924  -9.166  1.00 36.34 ? 36   LYS A N   1 
ATOM   77   C  CA  . LYS A 1 59  ? -21.381 -4.889  -9.030  1.00 35.15 ? 36   LYS A CA  1 
ATOM   78   C  C   . LYS A 1 59  ? -21.004 -5.421  -7.662  1.00 34.69 ? 36   LYS A C   1 
ATOM   79   O  O   . LYS A 1 59  ? -21.795 -5.296  -6.734  1.00 35.50 ? 36   LYS A O   1 
ATOM   80   C  CB  . LYS A 1 59  ? -20.853 -3.465  -9.172  1.00 34.96 ? 36   LYS A CB  1 
ATOM   81   C  CG  . LYS A 1 59  ? -19.989 -3.231  -10.407 1.00 34.65 ? 36   LYS A CG  1 
ATOM   82   C  CD  . LYS A 1 59  ? -20.342 -1.919  -11.123 1.00 32.48 ? 36   LYS A CD  1 
ATOM   83   C  CE  . LYS A 1 59  ? -19.986 -0.714  -10.291 1.00 30.64 ? 36   LYS A CE  1 
ATOM   84   N  NZ  . LYS A 1 59  ? -19.760 0.465   -11.161 1.00 30.23 ? 36   LYS A NZ  1 
ATOM   85   N  N   . HIS A 1 60  ? -19.822 -6.005  -7.490  1.00 33.51 ? 37   HIS A N   1 
ATOM   86   C  CA  . HIS A 1 60  ? -19.475 -6.540  -6.160  1.00 32.61 ? 37   HIS A CA  1 
ATOM   87   C  C   . HIS A 1 60  ? -18.800 -5.536  -5.212  1.00 31.89 ? 37   HIS A C   1 
ATOM   88   O  O   . HIS A 1 60  ? -17.628 -5.204  -5.411  1.00 32.18 ? 37   HIS A O   1 
ATOM   89   C  CB  . HIS A 1 60  ? -18.647 -7.790  -6.315  1.00 32.69 ? 37   HIS A CB  1 
ATOM   90   C  CG  . HIS A 1 60  ? -19.314 -8.818  -7.166  1.00 33.99 ? 37   HIS A CG  1 
ATOM   91   N  ND1 . HIS A 1 60  ? -19.092 -8.915  -8.523  1.00 33.75 ? 37   HIS A ND1 1 
ATOM   92   C  CD2 . HIS A 1 60  ? -20.229 -9.769  -6.858  1.00 34.16 ? 37   HIS A CD2 1 
ATOM   93   C  CE1 . HIS A 1 60  ? -19.825 -9.900  -9.010  1.00 35.29 ? 37   HIS A CE1 1 
ATOM   94   N  NE2 . HIS A 1 60  ? -20.523 -10.434 -8.020  1.00 34.91 ? 37   HIS A NE2 1 
ATOM   95   N  N   . PRO A 1 61  ? -19.529 -5.059  -4.173  1.00 30.80 ? 38   PRO A N   1 
ATOM   96   C  CA  . PRO A 1 61  ? -19.001 -3.930  -3.414  1.00 30.03 ? 38   PRO A CA  1 
ATOM   97   C  C   . PRO A 1 61  ? -17.849 -4.335  -2.500  1.00 29.77 ? 38   PRO A C   1 
ATOM   98   O  O   . PRO A 1 61  ? -17.955 -5.292  -1.744  1.00 30.29 ? 38   PRO A O   1 
ATOM   99   C  CB  . PRO A 1 61  ? -20.200 -3.472  -2.592  1.00 29.96 ? 38   PRO A CB  1 
ATOM   100  C  CG  . PRO A 1 61  ? -21.014 -4.701  -2.395  1.00 30.21 ? 38   PRO A CG  1 
ATOM   101  C  CD  . PRO A 1 61  ? -20.763 -5.603  -3.570  1.00 30.59 ? 38   PRO A CD  1 
ATOM   102  N  N   . LEU A 1 62  ? -16.737 -3.621  -2.580  1.00 28.96 ? 39   LEU A N   1 
ATOM   103  C  CA  . LEU A 1 62  ? -15.658 -3.828  -1.631  1.00 27.46 ? 39   LEU A CA  1 
ATOM   104  C  C   . LEU A 1 62  ? -16.132 -3.352  -0.287  1.00 27.03 ? 39   LEU A C   1 
ATOM   105  O  O   . LEU A 1 62  ? -17.037 -2.530  -0.193  1.00 26.95 ? 39   LEU A O   1 
ATOM   106  C  CB  . LEU A 1 62  ? -14.434 -3.028  -2.057  1.00 27.03 ? 39   LEU A CB  1 
ATOM   107  C  CG  . LEU A 1 62  ? -13.894 -3.524  -3.388  1.00 24.99 ? 39   LEU A CG  1 
ATOM   108  C  CD1 . LEU A 1 62  ? -12.948 -2.497  -3.959  1.00 22.88 ? 39   LEU A CD1 1 
ATOM   109  C  CD2 . LEU A 1 62  ? -13.250 -4.884  -3.217  1.00 21.83 ? 39   LEU A CD2 1 
ATOM   110  N  N   . GLN A 1 63  ? -15.513 -3.867  0.758   1.00 26.69 ? 40   GLN A N   1 
ATOM   111  C  CA  . GLN A 1 63  ? -15.840 -3.475  2.119   1.00 26.37 ? 40   GLN A CA  1 
ATOM   112  C  C   . GLN A 1 63  ? -15.476 -2.022  2.387   1.00 25.36 ? 40   GLN A C   1 
ATOM   113  O  O   . GLN A 1 63  ? -15.940 -1.460  3.350   1.00 24.82 ? 40   GLN A O   1 
ATOM   114  C  CB  . GLN A 1 63  ? -15.151 -4.440  3.082   1.00 27.03 ? 40   GLN A CB  1 
ATOM   115  C  CG  . GLN A 1 63  ? -14.739 -3.898  4.431   1.00 30.33 ? 40   GLN A CG  1 
ATOM   116  C  CD  . GLN A 1 63  ? -15.829 -3.963  5.481   1.00 33.71 ? 40   GLN A CD  1 
ATOM   117  O  OE1 . GLN A 1 63  ? -16.935 -4.455  5.233   1.00 34.65 ? 40   GLN A OE1 1 
ATOM   118  N  NE2 . GLN A 1 63  ? -15.513 -3.465  6.678   1.00 34.61 ? 40   GLN A NE2 1 
ATOM   119  N  N   . ASN A 1 64  ? -14.647 -1.426  1.525   1.00 24.87 ? 41   ASN A N   1 
ATOM   120  C  CA  . ASN A 1 64  ? -14.235 -0.018  1.659   1.00 24.66 ? 41   ASN A CA  1 
ATOM   121  C  C   . ASN A 1 64  ? -14.052 0.663   0.332   1.00 24.37 ? 41   ASN A C   1 
ATOM   122  O  O   . ASN A 1 64  ? -13.763 -0.015  -0.650  1.00 24.75 ? 41   ASN A O   1 
ATOM   123  C  CB  . ASN A 1 64  ? -12.899 0.114   2.368   1.00 24.85 ? 41   ASN A CB  1 
ATOM   124  C  CG  . ASN A 1 64  ? -12.990 -0.145  3.832   1.00 24.60 ? 41   ASN A CG  1 
ATOM   125  O  OD1 . ASN A 1 64  ? -12.903 -1.288  4.265   1.00 24.16 ? 41   ASN A OD1 1 
ATOM   126  N  ND2 . ASN A 1 64  ? -13.127 0.918   4.618   1.00 24.92 ? 41   ASN A ND2 1 
ATOM   127  N  N   . ARG A 1 65  ? -14.212 1.993   0.305   1.00 23.75 ? 42   ARG A N   1 
ATOM   128  C  CA  . ARG A 1 65  ? -13.886 2.776   -0.889  1.00 23.48 ? 42   ARG A CA  1 
ATOM   129  C  C   . ARG A 1 65  ? -12.398 3.132   -0.798  1.00 22.42 ? 42   ARG A C   1 
ATOM   130  O  O   . ARG A 1 65  ? -11.909 3.502   0.260   1.00 22.47 ? 42   ARG A O   1 
ATOM   131  C  CB  . ARG A 1 65  ? -14.783 4.038   -1.076  1.00 23.65 ? 42   ARG A CB  1 
ATOM   132  C  CG  . ARG A 1 65  ? -14.244 4.999   -2.183  1.00 26.47 ? 42   ARG A CG  1 
ATOM   133  C  CD  . ARG A 1 65  ? -15.088 6.216   -2.578  1.00 31.74 ? 42   ARG A CD  1 
ATOM   134  N  NE  . ARG A 1 65  ? -16.334 5.855   -3.247  1.00 38.29 ? 42   ARG A NE  1 
ATOM   135  C  CZ  . ARG A 1 65  ? -17.545 6.048   -2.700  1.00 43.97 ? 42   ARG A CZ  1 
ATOM   136  N  NH1 . ARG A 1 65  ? -17.664 6.619   -1.486  1.00 44.01 ? 42   ARG A NH1 1 
ATOM   137  N  NH2 . ARG A 1 65  ? -18.652 5.676   -3.360  1.00 44.64 ? 42   ARG A NH2 1 
ATOM   138  N  N   . TRP A 1 66  ? -11.686 3.007   -1.908  1.00 21.02 ? 43   TRP A N   1 
ATOM   139  C  CA  . TRP A 1 66  ? -10.256 3.237   -1.920  1.00 19.77 ? 43   TRP A CA  1 
ATOM   140  C  C   . TRP A 1 66  ? -9.904  4.372   -2.863  1.00 20.10 ? 43   TRP A C   1 
ATOM   141  O  O   . TRP A 1 66  ? -10.625 4.650   -3.805  1.00 20.45 ? 43   TRP A O   1 
ATOM   142  C  CB  . TRP A 1 66  ? -9.535  1.954   -2.339  1.00 19.17 ? 43   TRP A CB  1 
ATOM   143  C  CG  . TRP A 1 66  ? -9.768  0.857   -1.383  1.00 14.47 ? 43   TRP A CG  1 
ATOM   144  C  CD1 . TRP A 1 66  ? -10.774 -0.055  -1.417  1.00 12.11 ? 43   TRP A CD1 1 
ATOM   145  C  CD2 . TRP A 1 66  ? -8.995  0.564   -0.231  1.00 12.22 ? 43   TRP A CD2 1 
ATOM   146  N  NE1 . TRP A 1 66  ? -10.680 -0.920  -0.351  1.00 10.75 ? 43   TRP A NE1 1 
ATOM   147  C  CE2 . TRP A 1 66  ? -9.594  -0.559  0.402   1.00 11.35 ? 43   TRP A CE2 1 
ATOM   148  C  CE3 . TRP A 1 66  ? -7.838  1.132   0.337   1.00 12.19 ? 43   TRP A CE3 1 
ATOM   149  C  CZ2 . TRP A 1 66  ? -9.086  -1.119  1.587   1.00 7.82  ? 43   TRP A CZ2 1 
ATOM   150  C  CZ3 . TRP A 1 66  ? -7.345  0.578   1.536   1.00 9.78  ? 43   TRP A CZ3 1 
ATOM   151  C  CH2 . TRP A 1 66  ? -7.976  -0.534  2.137   1.00 7.23  ? 43   TRP A CH2 1 
ATOM   152  N  N   . ALA A 1 67  ? -8.804  5.046   -2.604  1.00 19.99 ? 44   ALA A N   1 
ATOM   153  C  CA  . ALA A 1 67  ? -8.378  6.052   -3.513  1.00 20.59 ? 44   ALA A CA  1 
ATOM   154  C  C   . ALA A 1 67  ? -6.945  5.755   -3.955  1.00 21.41 ? 44   ALA A C   1 
ATOM   155  O  O   . ALA A 1 67  ? -6.053  5.535   -3.115  1.00 20.74 ? 44   ALA A O   1 
ATOM   156  C  CB  . ALA A 1 67  ? -8.487  7.391   -2.872  1.00 20.77 ? 44   ALA A CB  1 
ATOM   157  N  N   . LEU A 1 68  ? -6.756  5.720   -5.281  1.00 22.01 ? 45   LEU A N   1 
ATOM   158  C  CA  . LEU A 1 68  ? -5.457  5.509   -5.893  1.00 22.99 ? 45   LEU A CA  1 
ATOM   159  C  C   . LEU A 1 68  ? -4.835  6.862   -6.187  1.00 24.45 ? 45   LEU A C   1 
ATOM   160  O  O   . LEU A 1 68  ? -5.490  7.766   -6.719  1.00 24.70 ? 45   LEU A O   1 
ATOM   161  C  CB  . LEU A 1 68  ? -5.581  4.684   -7.173  1.00 22.45 ? 45   LEU A CB  1 
ATOM   162  C  CG  . LEU A 1 68  ? -4.274  4.274   -7.870  1.00 21.50 ? 45   LEU A CG  1 
ATOM   163  C  CD1 . LEU A 1 68  ? -3.492  3.266   -7.059  1.00 19.44 ? 45   LEU A CD1 1 
ATOM   164  C  CD2 . LEU A 1 68  ? -4.555  3.709   -9.244  1.00 20.54 ? 45   LEU A CD2 1 
ATOM   165  N  N   . TRP A 1 69  ? -3.568  7.004   -5.819  1.00 25.91 ? 46   TRP A N   1 
ATOM   166  C  CA  . TRP A 1 69  ? -2.871  8.280   -5.919  1.00 27.25 ? 46   TRP A CA  1 
ATOM   167  C  C   . TRP A 1 69  ? -1.598  8.059   -6.714  1.00 28.09 ? 46   TRP A C   1 
ATOM   168  O  O   . TRP A 1 69  ? -0.992  6.997   -6.616  1.00 28.54 ? 46   TRP A O   1 
ATOM   169  C  CB  . TRP A 1 69  ? -2.497  8.765   -4.514  1.00 27.21 ? 46   TRP A CB  1 
ATOM   170  C  CG  . TRP A 1 69  ? -3.636  9.177   -3.611  1.00 28.02 ? 46   TRP A CG  1 
ATOM   171  C  CD1 . TRP A 1 69  ? -4.417  8.369   -2.821  1.00 29.27 ? 46   TRP A CD1 1 
ATOM   172  C  CD2 . TRP A 1 69  ? -4.077  10.508  -3.373  1.00 30.25 ? 46   TRP A CD2 1 
ATOM   173  N  NE1 . TRP A 1 69  ? -5.333  9.124   -2.112  1.00 29.44 ? 46   TRP A NE1 1 
ATOM   174  C  CE2 . TRP A 1 69  ? -5.138  10.443  -2.435  1.00 30.72 ? 46   TRP A CE2 1 
ATOM   175  C  CE3 . TRP A 1 69  ? -3.678  11.769  -3.861  1.00 32.75 ? 46   TRP A CE3 1 
ATOM   176  C  CZ2 . TRP A 1 69  ? -5.807  11.588  -1.987  1.00 32.15 ? 46   TRP A CZ2 1 
ATOM   177  C  CZ3 . TRP A 1 69  ? -4.354  12.912  -3.411  1.00 32.84 ? 46   TRP A CZ3 1 
ATOM   178  C  CH2 . TRP A 1 69  ? -5.409  12.807  -2.491  1.00 31.91 ? 46   TRP A CH2 1 
ATOM   179  N  N   . PHE A 1 70  ? -1.179  9.050   -7.486  1.00 29.44 ? 47   PHE A N   1 
ATOM   180  C  CA  . PHE A 1 70  ? 0.090   8.990   -8.206  1.00 31.09 ? 47   PHE A CA  1 
ATOM   181  C  C   . PHE A 1 70  ? 0.976   10.124  -7.764  1.00 33.54 ? 47   PHE A C   1 
ATOM   182  O  O   . PHE A 1 70  ? 0.495   11.238  -7.539  1.00 33.52 ? 47   PHE A O   1 
ATOM   183  C  CB  . PHE A 1 70  ? -0.164  9.155   -9.692  1.00 30.58 ? 47   PHE A CB  1 
ATOM   184  C  CG  . PHE A 1 70  ? 1.061   9.063   -10.544 1.00 28.12 ? 47   PHE A CG  1 
ATOM   185  C  CD1 . PHE A 1 70  ? 1.669   7.827   -10.792 1.00 27.48 ? 47   PHE A CD1 1 
ATOM   186  C  CD2 . PHE A 1 70  ? 1.577   10.186  -11.142 1.00 25.26 ? 47   PHE A CD2 1 
ATOM   187  C  CE1 . PHE A 1 70  ? 2.809   7.726   -11.600 1.00 25.58 ? 47   PHE A CE1 1 
ATOM   188  C  CE2 . PHE A 1 70  ? 2.712   10.092  -11.953 1.00 25.18 ? 47   PHE A CE2 1 
ATOM   189  C  CZ  . PHE A 1 70  ? 3.327   8.862   -12.181 1.00 24.68 ? 47   PHE A CZ  1 
ATOM   190  N  N   . PHE A 1 71  ? 2.270   9.843   -7.649  1.00 36.69 ? 48   PHE A N   1 
ATOM   191  C  CA  . PHE A 1 71  ? 3.266   10.884  -7.429  1.00 40.27 ? 48   PHE A CA  1 
ATOM   192  C  C   . PHE A 1 71  ? 4.281   10.863  -8.555  1.00 42.74 ? 48   PHE A C   1 
ATOM   193  O  O   . PHE A 1 71  ? 4.913   9.827   -8.784  1.00 43.01 ? 48   PHE A O   1 
ATOM   194  C  CB  . PHE A 1 71  ? 3.978   10.682  -6.093  1.00 40.17 ? 48   PHE A CB  1 
ATOM   195  C  CG  . PHE A 1 71  ? 5.074   11.690  -5.826  1.00 41.82 ? 48   PHE A CG  1 
ATOM   196  C  CD1 . PHE A 1 71  ? 4.778   12.924  -5.230  1.00 43.52 ? 48   PHE A CD1 1 
ATOM   197  C  CD2 . PHE A 1 71  ? 6.398   11.407  -6.162  1.00 42.67 ? 48   PHE A CD2 1 
ATOM   198  C  CE1 . PHE A 1 71  ? 5.782   13.861  -4.980  1.00 43.92 ? 48   PHE A CE1 1 
ATOM   199  C  CE2 . PHE A 1 71  ? 7.406   12.334  -5.927  1.00 43.77 ? 48   PHE A CE2 1 
ATOM   200  C  CZ  . PHE A 1 71  ? 7.096   13.567  -5.334  1.00 44.56 ? 48   PHE A CZ  1 
ATOM   201  N  N   . LYS A 1 72  ? 4.430   11.992  -9.257  1.00 46.26 ? 49   LYS A N   1 
ATOM   202  C  CA  . LYS A 1 72  ? 5.484   12.143  -10.272 1.00 49.91 ? 49   LYS A CA  1 
ATOM   203  C  C   . LYS A 1 72  ? 6.509   13.125  -9.802  1.00 51.97 ? 49   LYS A C   1 
ATOM   204  O  O   . LYS A 1 72  ? 6.157   14.277  -9.553  1.00 52.11 ? 49   LYS A O   1 
ATOM   205  C  CB  . LYS A 1 72  ? 4.955   12.678  -11.606 1.00 50.17 ? 49   LYS A CB  1 
ATOM   206  C  CG  . LYS A 1 72  ? 5.822   12.201  -12.777 1.00 51.90 ? 49   LYS A CG  1 
ATOM   207  C  CD  . LYS A 1 72  ? 6.419   13.333  -13.599 1.00 53.65 ? 49   LYS A CD  1 
ATOM   208  C  CE  . LYS A 1 72  ? 7.483   12.784  -14.563 1.00 53.63 ? 49   LYS A CE  1 
ATOM   209  N  NZ  . LYS A 1 72  ? 6.903   11.812  -15.548 1.00 53.23 ? 49   LYS A NZ  1 
ATOM   210  N  N   . ASN A 1 73  ? 7.770   12.691  -9.715  1.00 55.02 ? 50   ASN A N   1 
ATOM   211  C  CA  . ASN A 1 73  ? 8.851   13.605  -9.325  1.00 58.16 ? 50   ASN A CA  1 
ATOM   212  C  C   . ASN A 1 73  ? 9.231   14.530  -10.465 1.00 59.70 ? 50   ASN A C   1 
ATOM   213  O  O   . ASN A 1 73  ? 10.048  14.172  -11.321 1.00 60.02 ? 50   ASN A O   1 
ATOM   214  C  CB  . ASN A 1 73  ? 10.104  12.903  -8.755  1.00 58.49 ? 50   ASN A CB  1 
ATOM   215  C  CG  . ASN A 1 73  ? 10.848  13.783  -7.706  1.00 60.31 ? 50   ASN A CG  1 
ATOM   216  O  OD1 . ASN A 1 73  ? 10.665  15.014  -7.660  1.00 61.74 ? 50   ASN A OD1 1 
ATOM   217  N  ND2 . ASN A 1 73  ? 11.672  13.150  -6.865  1.00 60.15 ? 50   ASN A ND2 1 
ATOM   218  N  N   . ASP A 1 74  ? 8.599   15.708  -10.444 1.00 61.59 ? 51   ASP A N   1 
ATOM   219  C  CA  . ASP A 1 74  ? 8.797   16.812  -11.373 1.00 63.34 ? 51   ASP A CA  1 
ATOM   220  C  C   . ASP A 1 74  ? 9.428   17.866  -10.476 1.00 64.33 ? 51   ASP A C   1 
ATOM   221  O  O   . ASP A 1 74  ? 8.703   18.621  -9.806  1.00 64.61 ? 51   ASP A O   1 
ATOM   222  C  CB  . ASP A 1 74  ? 7.415   17.252  -11.894 1.00 63.79 ? 51   ASP A CB  1 
ATOM   223  C  CG  . ASP A 1 74  ? 7.443   18.540  -12.729 1.00 65.03 ? 51   ASP A CG  1 
ATOM   224  O  OD1 . ASP A 1 74  ? 8.019   19.573  -12.280 1.00 65.51 ? 51   ASP A OD1 1 
ATOM   225  O  OD2 . ASP A 1 74  ? 6.823   18.518  -13.823 1.00 64.92 ? 51   ASP A OD2 1 
ATOM   226  N  N   . LYS A 1 75  ? 10.773  17.895  -10.453 1.00 65.24 ? 52   LYS A N   1 
ATOM   227  C  CA  . LYS A 1 75  ? 11.581  18.559  -9.384  1.00 65.74 ? 52   LYS A CA  1 
ATOM   228  C  C   . LYS A 1 75  ? 11.306  20.046  -9.123  1.00 65.75 ? 52   LYS A C   1 
ATOM   229  O  O   . LYS A 1 75  ? 11.721  20.598  -8.099  1.00 65.78 ? 52   LYS A O   1 
ATOM   230  C  CB  . LYS A 1 75  ? 13.071  18.335  -9.635  1.00 65.86 ? 52   LYS A CB  1 
ATOM   231  C  CG  . LYS A 1 75  ? 13.499  16.899  -9.418  1.00 66.80 ? 52   LYS A CG  1 
ATOM   232  C  CD  . LYS A 1 75  ? 14.589  16.495  -10.398 1.00 67.52 ? 52   LYS A CD  1 
ATOM   233  C  CE  . LYS A 1 75  ? 15.100  15.107  -10.079 1.00 67.41 ? 52   LYS A CE  1 
ATOM   234  N  NZ  . LYS A 1 75  ? 16.149  14.703  -11.030 1.00 67.51 ? 52   LYS A NZ  1 
ATOM   235  N  N   . SER A 1 76  ? 10.579  20.659  -10.054 1.00 65.65 ? 53   SER A N   1 
ATOM   236  C  CA  . SER A 1 76  ? 10.285  22.080  -10.079 1.00 65.39 ? 53   SER A CA  1 
ATOM   237  C  C   . SER A 1 76  ? 8.901   22.419  -9.509  1.00 65.26 ? 53   SER A C   1 
ATOM   238  O  O   . SER A 1 76  ? 8.347   23.476  -9.819  1.00 65.08 ? 53   SER A O   1 
ATOM   239  C  CB  . SER A 1 76  ? 10.366  22.549  -11.532 1.00 65.75 ? 53   SER A CB  1 
ATOM   240  O  OG  . SER A 1 76  ? 9.761   21.590  -12.398 1.00 65.92 ? 53   SER A OG  1 
ATOM   241  N  N   . LYS A 1 77  ? 8.348   21.514  -8.694  1.00 65.04 ? 54   LYS A N   1 
ATOM   242  C  CA  . LYS A 1 77  ? 7.074   21.729  -7.969  1.00 64.32 ? 54   LYS A CA  1 
ATOM   243  C  C   . LYS A 1 77  ? 7.218   21.303  -6.516  1.00 63.73 ? 54   LYS A C   1 
ATOM   244  O  O   . LYS A 1 77  ? 8.023   20.420  -6.193  1.00 63.62 ? 54   LYS A O   1 
ATOM   245  C  CB  . LYS A 1 77  ? 5.936   20.914  -8.586  1.00 64.32 ? 54   LYS A CB  1 
ATOM   246  C  CG  . LYS A 1 77  ? 5.304   21.523  -9.808  1.00 64.67 ? 54   LYS A CG  1 
ATOM   247  C  CD  . LYS A 1 77  ? 4.280   20.477  -10.388 1.00 65.68 ? 54   LYS A CD  1 
ATOM   248  C  CE  . LYS A 1 77  ? 3.823   20.895  -11.793 1.00 66.46 ? 54   LYS A CE  1 
ATOM   249  N  NZ  . LYS A 1 77  ? 4.880   20.428  -12.857 1.00 66.42 ? 54   LYS A NZ  1 
ATOM   250  N  N   . THR A 1 78  ? 6.425   21.918  -5.645  1.00 63.05 ? 55   THR A N   1 
ATOM   251  C  CA  . THR A 1 78  ? 6.361   21.507  -4.238  1.00 62.38 ? 55   THR A CA  1 
ATOM   252  C  C   . THR A 1 78  ? 5.885   20.051  -4.120  1.00 61.68 ? 55   THR A C   1 
ATOM   253  O  O   . THR A 1 78  ? 4.963   19.646  -4.836  1.00 61.66 ? 55   THR A O   1 
ATOM   254  C  CB  . THR A 1 78  ? 5.429   22.433  -3.419  1.00 62.59 ? 55   THR A CB  1 
ATOM   255  O  OG1 . THR A 1 78  ? 4.444   23.019  -4.291  1.00 61.88 ? 55   THR A OG1 1 
ATOM   256  C  CG2 . THR A 1 78  ? 6.254   23.539  -2.713  1.00 62.90 ? 55   THR A CG2 1 
ATOM   257  N  N   . TRP A 1 79  ? 6.513   19.272  -3.234  1.00 60.40 ? 56   TRP A N   1 
ATOM   258  C  CA  . TRP A 1 79  ? 6.120   17.870  -3.022  1.00 58.97 ? 56   TRP A CA  1 
ATOM   259  C  C   . TRP A 1 79  ? 4.592   17.646  -2.904  1.00 58.26 ? 56   TRP A C   1 
ATOM   260  O  O   . TRP A 1 79  ? 4.036   16.839  -3.661  1.00 58.28 ? 56   TRP A O   1 
ATOM   261  C  CB  . TRP A 1 79  ? 6.849   17.276  -1.816  1.00 58.84 ? 56   TRP A CB  1 
ATOM   262  C  CG  . TRP A 1 79  ? 6.614   15.787  -1.596  1.00 58.18 ? 56   TRP A CG  1 
ATOM   263  C  CD1 . TRP A 1 79  ? 7.421   14.754  -2.002  1.00 57.73 ? 56   TRP A CD1 1 
ATOM   264  C  CD2 . TRP A 1 79  ? 5.513   15.181  -0.907  1.00 57.42 ? 56   TRP A CD2 1 
ATOM   265  N  NE1 . TRP A 1 79  ? 6.890   13.546  -1.609  1.00 57.45 ? 56   TRP A NE1 1 
ATOM   266  C  CE2 . TRP A 1 79  ? 5.718   13.780  -0.936  1.00 57.54 ? 56   TRP A CE2 1 
ATOM   267  C  CE3 . TRP A 1 79  ? 4.374   15.682  -0.269  1.00 57.16 ? 56   TRP A CE3 1 
ATOM   268  C  CZ2 . TRP A 1 79  ? 4.823   12.881  -0.351  1.00 56.91 ? 56   TRP A CZ2 1 
ATOM   269  C  CZ3 . TRP A 1 79  ? 3.485   14.784  0.309   1.00 57.83 ? 56   TRP A CZ3 1 
ATOM   270  C  CH2 . TRP A 1 79  ? 3.717   13.401  0.266   1.00 57.00 ? 56   TRP A CH2 1 
ATOM   271  N  N   . GLN A 1 80  ? 3.918   18.348  -1.977  1.00 57.04 ? 57   GLN A N   1 
ATOM   272  C  CA  . GLN A 1 80  ? 2.462   18.195  -1.795  1.00 55.13 ? 57   GLN A CA  1 
ATOM   273  C  C   . GLN A 1 80  ? 1.744   18.337  -3.153  1.00 53.89 ? 57   GLN A C   1 
ATOM   274  O  O   . GLN A 1 80  ? 0.757   17.650  -3.419  1.00 53.90 ? 57   GLN A O   1 
ATOM   275  C  CB  . GLN A 1 80  ? 1.908   19.179  -0.746  1.00 55.19 ? 57   GLN A CB  1 
ATOM   276  C  CG  . GLN A 1 80  ? 1.147   18.501  0.420   1.00 54.76 ? 57   GLN A CG  1 
ATOM   277  C  CD  . GLN A 1 80  ? -0.085  19.293  0.944   1.00 54.42 ? 57   GLN A CD  1 
ATOM   278  O  OE1 . GLN A 1 80  ? -1.015  19.595  0.196   1.00 54.24 ? 57   GLN A OE1 1 
ATOM   279  N  NE2 . GLN A 1 80  ? -0.093  19.593  2.239   1.00 53.05 ? 57   GLN A NE2 1 
ATOM   280  N  N   . ALA A 1 81  ? 2.276   19.188  -4.026  1.00 52.16 ? 58   ALA A N   1 
ATOM   281  C  CA  . ALA A 1 81  ? 1.664   19.434  -5.343  1.00 50.65 ? 58   ALA A CA  1 
ATOM   282  C  C   . ALA A 1 81  ? 2.039   18.402  -6.413  1.00 49.33 ? 58   ALA A C   1 
ATOM   283  O  O   . ALA A 1 81  ? 1.380   18.301  -7.446  1.00 49.31 ? 58   ALA A O   1 
ATOM   284  C  CB  . ALA A 1 81  ? 1.991   20.861  -5.835  1.00 50.85 ? 58   ALA A CB  1 
ATOM   285  N  N   . ASN A 1 82  ? 3.109   17.655  -6.170  1.00 47.76 ? 59   ASN A N   1 
ATOM   286  C  CA  . ASN A 1 82  ? 3.518   16.567  -7.061  1.00 45.96 ? 59   ASN A CA  1 
ATOM   287  C  C   . ASN A 1 82  ? 2.650   15.329  -6.871  1.00 44.58 ? 59   ASN A C   1 
ATOM   288  O  O   . ASN A 1 82  ? 2.484   14.521  -7.795  1.00 44.22 ? 59   ASN A O   1 
ATOM   289  C  CB  . ASN A 1 82  ? 4.994   16.216  -6.855  1.00 45.97 ? 59   ASN A CB  1 
ATOM   290  C  CG  . ASN A 1 82  ? 5.891   16.827  -7.906  1.00 45.95 ? 59   ASN A CG  1 
ATOM   291  O  OD1 . ASN A 1 82  ? 5.427   17.237  -8.977  1.00 45.74 ? 59   ASN A OD1 1 
ATOM   292  N  ND2 . ASN A 1 82  ? 7.191   16.871  -7.618  1.00 46.40 ? 59   ASN A ND2 1 
ATOM   293  N  N   . LEU A 1 83  ? 2.092   15.209  -5.668  1.00 42.90 ? 60   LEU A N   1 
ATOM   294  C  CA  . LEU A 1 83  ? 1.167   14.133  -5.305  1.00 41.33 ? 60   LEU A CA  1 
ATOM   295  C  C   . LEU A 1 83  ? -0.276  14.431  -5.732  1.00 39.94 ? 60   LEU A C   1 
ATOM   296  O  O   . LEU A 1 83  ? -0.882  15.397  -5.255  1.00 39.84 ? 60   LEU A O   1 
ATOM   297  C  CB  . LEU A 1 83  ? 1.229   13.908  -3.794  1.00 41.64 ? 60   LEU A CB  1 
ATOM   298  C  CG  . LEU A 1 83  ? 0.254   12.924  -3.167  1.00 41.72 ? 60   LEU A CG  1 
ATOM   299  C  CD1 . LEU A 1 83  ? 0.977   11.642  -2.894  1.00 42.12 ? 60   LEU A CD1 1 
ATOM   300  C  CD2 . LEU A 1 83  ? -0.280  13.523  -1.880  1.00 43.60 ? 60   LEU A CD2 1 
ATOM   301  N  N   . ARG A 1 84  ? -0.820  13.586  -6.610  1.00 38.09 ? 61   ARG A N   1 
ATOM   302  C  CA  . ARG A 1 84  ? -2.126  13.823  -7.230  1.00 36.39 ? 61   ARG A CA  1 
ATOM   303  C  C   . ARG A 1 84  ? -3.032  12.588  -7.198  1.00 34.47 ? 61   ARG A C   1 
ATOM   304  O  O   . ARG A 1 84  ? -2.563  11.477  -7.312  1.00 34.50 ? 61   ARG A O   1 
ATOM   305  C  CB  . ARG A 1 84  ? -1.933  14.291  -8.673  1.00 36.69 ? 61   ARG A CB  1 
ATOM   306  C  CG  . ARG A 1 84  ? -1.323  15.678  -8.821  1.00 38.85 ? 61   ARG A CG  1 
ATOM   307  C  CD  . ARG A 1 84  ? -2.380  16.720  -8.544  1.00 45.31 ? 61   ARG A CD  1 
ATOM   308  N  NE  . ARG A 1 84  ? -1.943  18.105  -8.760  1.00 48.85 ? 61   ARG A NE  1 
ATOM   309  C  CZ  . ARG A 1 84  ? -1.827  19.019  -7.793  1.00 49.26 ? 61   ARG A CZ  1 
ATOM   310  N  NH1 . ARG A 1 84  ? -1.443  20.251  -8.099  1.00 50.45 ? 61   ARG A NH1 1 
ATOM   311  N  NH2 . ARG A 1 84  ? -2.086  18.708  -6.525  1.00 48.30 ? 61   ARG A NH2 1 
ATOM   312  N  N   . LEU A 1 85  ? -4.331  12.795  -7.047  1.00 32.37 ? 62   LEU A N   1 
ATOM   313  C  CA  . LEU A 1 85  ? -5.299  11.714  -7.034  1.00 30.73 ? 62   LEU A CA  1 
ATOM   314  C  C   . LEU A 1 85  ? -5.659  11.190  -8.439  1.00 29.79 ? 62   LEU A C   1 
ATOM   315  O  O   . LEU A 1 85  ? -6.233  11.908  -9.264  1.00 29.63 ? 62   LEU A O   1 
ATOM   316  C  CB  . LEU A 1 85  ? -6.559  12.166  -6.299  1.00 30.69 ? 62   LEU A CB  1 
ATOM   317  C  CG  . LEU A 1 85  ? -7.777  11.258  -6.476  1.00 31.77 ? 62   LEU A CG  1 
ATOM   318  C  CD1 . LEU A 1 85  ? -7.769  10.119  -5.439  1.00 33.68 ? 62   LEU A CD1 1 
ATOM   319  C  CD2 . LEU A 1 85  ? -9.078  12.053  -6.401  1.00 32.01 ? 62   LEU A CD2 1 
ATOM   320  N  N   . ILE A 1 86  ? -5.324  9.931   -8.717  1.00 28.54 ? 63   ILE A N   1 
ATOM   321  C  CA  . ILE A 1 86  ? -5.768  9.310   -9.955  1.00 27.05 ? 63   ILE A CA  1 
ATOM   322  C  C   . ILE A 1 86  ? -7.293  9.170   -9.921  1.00 26.98 ? 63   ILE A C   1 
ATOM   323  O  O   . ILE A 1 86  ? -7.990  9.908   -10.609 1.00 27.59 ? 63   ILE A O   1 
ATOM   324  C  CB  . ILE A 1 86  ? -5.097  7.958   -10.202 1.00 26.81 ? 63   ILE A CB  1 
ATOM   325  C  CG1 . ILE A 1 86  ? -3.593  8.148   -10.390 1.00 26.01 ? 63   ILE A CG1 1 
ATOM   326  C  CG2 . ILE A 1 86  ? -5.708  7.281   -11.414 1.00 25.79 ? 63   ILE A CG2 1 
ATOM   327  C  CD1 . ILE A 1 86  ? -2.821  6.848   -10.601 1.00 23.45 ? 63   ILE A CD1 1 
ATOM   328  N  N   . SER A 1 87  ? -7.815  8.272   -9.086  1.00 26.23 ? 64   SER A N   1 
ATOM   329  C  CA  . SER A 1 87  ? -9.236  7.947   -9.094  1.00 25.43 ? 64   SER A CA  1 
ATOM   330  C  C   . SER A 1 87  ? -9.673  7.161   -7.852  1.00 24.99 ? 64   SER A C   1 
ATOM   331  O  O   . SER A 1 87  ? -8.824  6.655   -7.128  1.00 25.22 ? 64   SER A O   1 
ATOM   332  C  CB  . SER A 1 87  ? -9.527  7.143   -10.342 1.00 25.28 ? 64   SER A CB  1 
ATOM   333  O  OG  . SER A 1 87  ? -10.413 6.116   -10.007 1.00 25.74 ? 64   SER A OG  1 
ATOM   334  N  N   . LYS A 1 88  ? -10.981 7.056   -7.603  1.00 24.53 ? 65   LYS A N   1 
ATOM   335  C  CA  . LYS A 1 88  ? -11.504 6.278   -6.444  1.00 24.70 ? 65   LYS A CA  1 
ATOM   336  C  C   . LYS A 1 88  ? -12.486 5.167   -6.844  1.00 24.53 ? 65   LYS A C   1 
ATOM   337  O  O   . LYS A 1 88  ? -13.159 5.290   -7.869  1.00 25.05 ? 65   LYS A O   1 
ATOM   338  C  CB  . LYS A 1 88  ? -12.220 7.175   -5.444  1.00 24.45 ? 65   LYS A CB  1 
ATOM   339  C  CG  . LYS A 1 88  ? -11.373 8.191   -4.751  1.00 25.59 ? 65   LYS A CG  1 
ATOM   340  C  CD  . LYS A 1 88  ? -12.257 8.925   -3.757  1.00 28.43 ? 65   LYS A CD  1 
ATOM   341  C  CE  . LYS A 1 88  ? -11.501 9.952   -2.946  1.00 29.08 ? 65   LYS A CE  1 
ATOM   342  N  NZ  . LYS A 1 88  ? -12.492 10.865  -2.340  1.00 29.26 ? 65   LYS A NZ  1 
ATOM   343  N  N   . PHE A 1 89  ? -12.604 4.118   -6.024  1.00 23.77 ? 66   PHE A N   1 
ATOM   344  C  CA  . PHE A 1 89  ? -13.440 2.956   -6.362  1.00 23.65 ? 66   PHE A CA  1 
ATOM   345  C  C   . PHE A 1 89  ? -13.876 2.173   -5.129  1.00 24.05 ? 66   PHE A C   1 
ATOM   346  O  O   . PHE A 1 89  ? -13.118 2.041   -4.165  1.00 24.26 ? 66   PHE A O   1 
ATOM   347  C  CB  . PHE A 1 89  ? -12.693 2.010   -7.321  1.00 23.21 ? 66   PHE A CB  1 
ATOM   348  C  CG  . PHE A 1 89  ? -11.418 1.450   -6.746  1.00 21.74 ? 66   PHE A CG  1 
ATOM   349  C  CD1 . PHE A 1 89  ? -11.412 0.206   -6.108  1.00 19.98 ? 66   PHE A CD1 1 
ATOM   350  C  CD2 . PHE A 1 89  ? -10.226 2.171   -6.830  1.00 19.53 ? 66   PHE A CD2 1 
ATOM   351  C  CE1 . PHE A 1 89  ? -10.261 -0.302  -5.555  1.00 17.70 ? 66   PHE A CE1 1 
ATOM   352  C  CE2 . PHE A 1 89  ? -9.063  1.666   -6.295  1.00 18.15 ? 66   PHE A CE2 1 
ATOM   353  C  CZ  . PHE A 1 89  ? -9.084  0.420   -5.652  1.00 18.36 ? 66   PHE A CZ  1 
ATOM   354  N  N   . ASP A 1 90  ? -15.078 1.620   -5.159  1.00 24.55 ? 67   ASP A N   1 
ATOM   355  C  CA  . ASP A 1 90  ? -15.510 0.804   -4.031  1.00 25.37 ? 67   ASP A CA  1 
ATOM   356  C  C   . ASP A 1 90  ? -16.130 -0.539  -4.407  1.00 24.79 ? 67   ASP A C   1 
ATOM   357  O  O   . ASP A 1 90  ? -16.936 -1.080  -3.633  1.00 24.16 ? 67   ASP A O   1 
ATOM   358  C  CB  . ASP A 1 90  ? -16.435 1.602   -3.104  1.00 26.41 ? 67   ASP A CB  1 
ATOM   359  C  CG  . ASP A 1 90  ? -17.799 1.875   -3.718  1.00 29.42 ? 67   ASP A CG  1 
ATOM   360  O  OD1 . ASP A 1 90  ? -17.882 2.618   -4.724  1.00 33.68 ? 67   ASP A OD1 1 
ATOM   361  O  OD2 . ASP A 1 90  ? -18.793 1.352   -3.178  1.00 31.92 ? 67   ASP A OD2 1 
ATOM   362  N  N   . THR A 1 91  ? -15.731 -1.069  -5.575  1.00 24.21 ? 68   THR A N   1 
ATOM   363  C  CA  . THR A 1 91  ? -16.221 -2.365  -6.097  1.00 23.84 ? 68   THR A CA  1 
ATOM   364  C  C   . THR A 1 91  ? -15.134 -3.158  -6.833  1.00 23.76 ? 68   THR A C   1 
ATOM   365  O  O   . THR A 1 91  ? -14.174 -2.578  -7.358  1.00 24.07 ? 68   THR A O   1 
ATOM   366  C  CB  . THR A 1 91  ? -17.427 -2.222  -7.065  1.00 23.86 ? 68   THR A CB  1 
ATOM   367  O  OG1 . THR A 1 91  ? -17.031 -1.486  -8.230  1.00 24.15 ? 68   THR A OG1 1 
ATOM   368  C  CG2 . THR A 1 91  ? -18.670 -1.575  -6.394  1.00 23.41 ? 68   THR A CG2 1 
ATOM   369  N  N   . VAL A 1 92  ? -15.295 -4.484  -6.883  1.00 23.31 ? 69   VAL A N   1 
ATOM   370  C  CA  . VAL A 1 92  ? -14.257 -5.377  -7.410  1.00 22.47 ? 69   VAL A CA  1 
ATOM   371  C  C   . VAL A 1 92  ? -14.034 -5.042  -8.862  1.00 22.79 ? 69   VAL A C   1 
ATOM   372  O  O   . VAL A 1 92  ? -12.885 -4.907  -9.312  1.00 23.01 ? 69   VAL A O   1 
ATOM   373  C  CB  . VAL A 1 92  ? -14.647 -6.866  -7.331  1.00 22.26 ? 69   VAL A CB  1 
ATOM   374  C  CG1 . VAL A 1 92  ? -13.619 -7.700  -8.039  1.00 21.43 ? 69   VAL A CG1 1 
ATOM   375  C  CG2 . VAL A 1 92  ? -14.818 -7.331  -5.886  1.00 20.93 ? 69   VAL A CG2 1 
ATOM   376  N  N   . GLU A 1 93  ? -15.147 -4.908  -9.589  1.00 22.68 ? 70   GLU A N   1 
ATOM   377  C  CA  . GLU A 1 93  ? -15.111 -4.609  -11.020 1.00 22.42 ? 70   GLU A CA  1 
ATOM   378  C  C   . GLU A 1 93  ? -14.365 -3.318  -11.285 1.00 22.06 ? 70   GLU A C   1 
ATOM   379  O  O   . GLU A 1 93  ? -13.488 -3.278  -12.137 1.00 22.02 ? 70   GLU A O   1 
ATOM   380  C  CB  . GLU A 1 93  ? -16.517 -4.537  -11.588 1.00 22.55 ? 70   GLU A CB  1 
ATOM   381  C  CG  . GLU A 1 93  ? -17.170 -5.897  -11.796 1.00 23.31 ? 70   GLU A CG  1 
ATOM   382  C  CD  . GLU A 1 93  ? -17.734 -6.478  -10.525 1.00 24.51 ? 70   GLU A CD  1 
ATOM   383  O  OE1 . GLU A 1 93  ? -17.559 -5.846  -9.465  1.00 25.41 ? 70   GLU A OE1 1 
ATOM   384  O  OE2 . GLU A 1 93  ? -18.347 -7.570  -10.585 1.00 25.16 ? 70   GLU A OE2 1 
ATOM   385  N  N   . ASP A 1 94  ? -14.686 -2.274  -10.536 1.00 21.33 ? 71   ASP A N   1 
ATOM   386  C  CA  . ASP A 1 94  ? -14.009 -1.006  -10.748 1.00 21.31 ? 71   ASP A CA  1 
ATOM   387  C  C   . ASP A 1 94  ? -12.537 -1.023  -10.393 1.00 21.18 ? 71   ASP A C   1 
ATOM   388  O  O   . ASP A 1 94  ? -11.751 -0.320  -11.027 1.00 21.71 ? 71   ASP A O   1 
ATOM   389  C  CB  . ASP A 1 94  ? -14.726 0.135   -10.033 1.00 21.28 ? 71   ASP A CB  1 
ATOM   390  C  CG  . ASP A 1 94  ? -16.153 0.292   -10.510 1.00 21.39 ? 71   ASP A CG  1 
ATOM   391  O  OD1 . ASP A 1 94  ? -16.443 -0.028  -11.681 1.00 22.03 ? 71   ASP A OD1 1 
ATOM   392  O  OD2 . ASP A 1 94  ? -16.993 0.721   -9.708  1.00 21.79 ? 71   ASP A OD2 1 
ATOM   393  N  N   . PHE A 1 95  ? -12.145 -1.809  -9.396  1.00 20.55 ? 72   PHE A N   1 
ATOM   394  C  CA  . PHE A 1 95  ? -10.735 -1.937  -9.148  1.00 19.86 ? 72   PHE A CA  1 
ATOM   395  C  C   . PHE A 1 95  ? -10.057 -2.486  -10.410 1.00 20.30 ? 72   PHE A C   1 
ATOM   396  O  O   . PHE A 1 95  ? -9.125  -1.884  -10.922 1.00 20.59 ? 72   PHE A O   1 
ATOM   397  C  CB  . PHE A 1 95  ? -10.437 -2.806  -7.947  1.00 19.40 ? 72   PHE A CB  1 
ATOM   398  C  CG  . PHE A 1 95  ? -9.013  -3.283  -7.898  1.00 19.19 ? 72   PHE A CG  1 
ATOM   399  C  CD1 . PHE A 1 95  ? -7.986  -2.420  -7.510  1.00 18.55 ? 72   PHE A CD1 1 
ATOM   400  C  CD2 . PHE A 1 95  ? -8.688  -4.590  -8.270  1.00 19.29 ? 72   PHE A CD2 1 
ATOM   401  C  CE1 . PHE A 1 95  ? -6.658  -2.847  -7.492  1.00 18.98 ? 72   PHE A CE1 1 
ATOM   402  C  CE2 . PHE A 1 95  ? -7.353  -5.036  -8.248  1.00 18.93 ? 72   PHE A CE2 1 
ATOM   403  C  CZ  . PHE A 1 95  ? -6.342  -4.160  -7.854  1.00 19.12 ? 72   PHE A CZ  1 
ATOM   404  N  N   . TRP A 1 96  ? -10.518 -3.610  -10.946 1.00 20.76 ? 73   TRP A N   1 
ATOM   405  C  CA  . TRP A 1 96  ? -9.826  -4.174  -12.118 1.00 21.18 ? 73   TRP A CA  1 
ATOM   406  C  C   . TRP A 1 96  ? -9.814  -3.229  -13.336 1.00 21.66 ? 73   TRP A C   1 
ATOM   407  O  O   . TRP A 1 96  ? -8.867  -3.222  -14.121 1.00 21.71 ? 73   TRP A O   1 
ATOM   408  C  CB  . TRP A 1 96  ? -10.359 -5.557  -12.491 1.00 20.51 ? 73   TRP A CB  1 
ATOM   409  C  CG  . TRP A 1 96  ? -9.992  -6.609  -11.507 1.00 20.72 ? 73   TRP A CG  1 
ATOM   410  C  CD1 . TRP A 1 96  ? -10.842 -7.283  -10.697 1.00 21.60 ? 73   TRP A CD1 1 
ATOM   411  C  CD2 . TRP A 1 96  ? -8.674  -7.105  -11.205 1.00 20.62 ? 73   TRP A CD2 1 
ATOM   412  N  NE1 . TRP A 1 96  ? -10.152 -8.186  -9.924  1.00 20.99 ? 73   TRP A NE1 1 
ATOM   413  C  CE2 . TRP A 1 96  ? -8.821  -8.099  -10.214 1.00 20.06 ? 73   TRP A CE2 1 
ATOM   414  C  CE3 . TRP A 1 96  ? -7.387  -6.815  -11.684 1.00 22.11 ? 73   TRP A CE3 1 
ATOM   415  C  CZ2 . TRP A 1 96  ? -7.731  -8.799  -9.674  1.00 20.16 ? 73   TRP A CZ2 1 
ATOM   416  C  CZ3 . TRP A 1 96  ? -6.293  -7.522  -11.144 1.00 21.84 ? 73   TRP A CZ3 1 
ATOM   417  C  CH2 . TRP A 1 96  ? -6.481  -8.497  -10.144 1.00 20.81 ? 73   TRP A CH2 1 
ATOM   418  N  N   . ALA A 1 97  ? -10.854 -2.414  -13.475 1.00 22.27 ? 74   ALA A N   1 
ATOM   419  C  CA  . ALA A 1 97  ? -10.900 -1.419  -14.549 1.00 22.54 ? 74   ALA A CA  1 
ATOM   420  C  C   . ALA A 1 97  ? -9.736  -0.469  -14.315 1.00 22.35 ? 74   ALA A C   1 
ATOM   421  O  O   . ALA A 1 97  ? -8.949  -0.175  -15.223 1.00 22.60 ? 74   ALA A O   1 
ATOM   422  C  CB  . ALA A 1 97  ? -12.245 -0.661  -14.544 1.00 22.67 ? 74   ALA A CB  1 
ATOM   423  N  N   . LEU A 1 98  ? -9.607  -0.034  -13.070 1.00 21.80 ? 75   LEU A N   1 
ATOM   424  C  CA  . LEU A 1 98  ? -8.527  0.841   -12.720 1.00 21.85 ? 75   LEU A CA  1 
ATOM   425  C  C   . LEU A 1 98  ? -7.166  0.189   -12.957 1.00 21.93 ? 75   LEU A C   1 
ATOM   426  O  O   . LEU A 1 98  ? -6.325  0.727   -13.672 1.00 21.82 ? 75   LEU A O   1 
ATOM   427  C  CB  . LEU A 1 98  ? -8.666  1.309   -11.279 1.00 21.38 ? 75   LEU A CB  1 
ATOM   428  C  CG  . LEU A 1 98  ? -7.658  2.381   -10.906 1.00 21.48 ? 75   LEU A CG  1 
ATOM   429  C  CD1 . LEU A 1 98  ? -7.578  3.499   -11.957 1.00 21.87 ? 75   LEU A CD1 1 
ATOM   430  C  CD2 . LEU A 1 98  ? -8.066  2.933   -9.585  1.00 22.74 ? 75   LEU A CD2 1 
ATOM   431  N  N   . TYR A 1 99  ? -6.959  -0.975  -12.367 1.00 22.27 ? 76   TYR A N   1 
ATOM   432  C  CA  . TYR A 1 99  ? -5.649  -1.573  -12.383 1.00 22.62 ? 76   TYR A CA  1 
ATOM   433  C  C   . TYR A 1 99  ? -5.211  -1.758  -13.829 1.00 23.10 ? 76   TYR A C   1 
ATOM   434  O  O   . TYR A 1 99  ? -4.077  -1.401  -14.208 1.00 23.66 ? 76   TYR A O   1 
ATOM   435  C  CB  . TYR A 1 99  ? -5.682  -2.906  -11.666 1.00 22.40 ? 76   TYR A CB  1 
ATOM   436  C  CG  . TYR A 1 99  ? -4.342  -3.599  -11.678 1.00 23.02 ? 76   TYR A CG  1 
ATOM   437  C  CD1 . TYR A 1 99  ? -3.294  -3.138  -10.885 1.00 22.13 ? 76   TYR A CD1 1 
ATOM   438  C  CD2 . TYR A 1 99  ? -4.127  -4.732  -12.480 1.00 23.39 ? 76   TYR A CD2 1 
ATOM   439  C  CE1 . TYR A 1 99  ? -2.064  -3.773  -10.882 1.00 23.83 ? 76   TYR A CE1 1 
ATOM   440  C  CE2 . TYR A 1 99  ? -2.902  -5.382  -12.494 1.00 24.62 ? 76   TYR A CE2 1 
ATOM   441  C  CZ  . TYR A 1 99  ? -1.864  -4.896  -11.693 1.00 26.99 ? 76   TYR A CZ  1 
ATOM   442  O  OH  . TYR A 1 99  ? -0.615  -5.538  -11.705 1.00 30.61 ? 76   TYR A OH  1 
ATOM   443  N  N   . ASN A 1 100 ? -6.128  -2.284  -14.642 1.00 22.97 ? 77   ASN A N   1 
ATOM   444  C  CA  . ASN A 1 100 ? -5.825  -2.657  -16.009 1.00 22.28 ? 77   ASN A CA  1 
ATOM   445  C  C   . ASN A 1 100 ? -5.587  -1.494  -16.909 1.00 22.59 ? 77   ASN A C   1 
ATOM   446  O  O   . ASN A 1 100 ? -4.889  -1.626  -17.879 1.00 22.20 ? 77   ASN A O   1 
ATOM   447  C  CB  . ASN A 1 100 ? -6.944  -3.492  -16.588 1.00 22.10 ? 77   ASN A CB  1 
ATOM   448  C  CG  . ASN A 1 100 ? -7.032  -4.858  -15.962 1.00 21.33 ? 77   ASN A CG  1 
ATOM   449  O  OD1 . ASN A 1 100 ? -6.024  -5.469  -15.598 1.00 21.16 ? 77   ASN A OD1 1 
ATOM   450  N  ND2 . ASN A 1 100 ? -8.246  -5.354  -15.843 1.00 20.77 ? 77   ASN A ND2 1 
ATOM   451  N  N   . HIS A 1 101 ? -6.159  -0.342  -16.616 1.00 23.71 ? 78   HIS A N   1 
ATOM   452  C  CA  . HIS A 1 101 ? -5.919  0.753   -17.527 1.00 25.64 ? 78   HIS A CA  1 
ATOM   453  C  C   . HIS A 1 101 ? -4.663  1.589   -17.188 1.00 25.63 ? 78   HIS A C   1 
ATOM   454  O  O   . HIS A 1 101 ? -4.265  2.460   -17.957 1.00 26.39 ? 78   HIS A O   1 
ATOM   455  C  CB  . HIS A 1 101 ? -7.228  1.510   -17.878 1.00 26.39 ? 78   HIS A CB  1 
ATOM   456  C  CG  . HIS A 1 101 ? -7.303  2.934   -17.406 1.00 31.47 ? 78   HIS A CG  1 
ATOM   457  N  ND1 . HIS A 1 101 ? -7.597  3.981   -18.264 1.00 35.61 ? 78   HIS A ND1 1 
ATOM   458  C  CD2 . HIS A 1 101 ? -7.191  3.484   -16.168 1.00 35.82 ? 78   HIS A CD2 1 
ATOM   459  C  CE1 . HIS A 1 101 ? -7.653  5.112   -17.578 1.00 37.50 ? 78   HIS A CE1 1 
ATOM   460  N  NE2 . HIS A 1 101 ? -7.396  4.843   -16.305 1.00 38.18 ? 78   HIS A NE2 1 
ATOM   461  N  N   . ILE A 1 102 ? -3.982  1.260   -16.096 1.00 25.53 ? 79   ILE A N   1 
ATOM   462  C  CA  . ILE A 1 102 ? -2.789  2.019   -15.697 1.00 25.41 ? 79   ILE A CA  1 
ATOM   463  C  C   . ILE A 1 102 ? -1.494  1.199   -15.724 1.00 25.53 ? 79   ILE A C   1 
ATOM   464  O  O   . ILE A 1 102 ? -1.538  -0.025  -15.547 1.00 25.74 ? 79   ILE A O   1 
ATOM   465  C  CB  . ILE A 1 102 ? -2.970  2.649   -14.310 1.00 25.33 ? 79   ILE A CB  1 
ATOM   466  C  CG1 . ILE A 1 102 ? -3.271  1.562   -13.280 1.00 24.45 ? 79   ILE A CG1 1 
ATOM   467  C  CG2 . ILE A 1 102 ? -4.082  3.709   -14.364 1.00 25.63 ? 79   ILE A CG2 1 
ATOM   468  C  CD1 . ILE A 1 102 ? -2.942  1.934   -11.892 1.00 23.89 ? 79   ILE A CD1 1 
ATOM   469  N  N   . GLN A 1 103 ? -0.363  1.894   -15.912 1.00 25.26 ? 80   GLN A N   1 
ATOM   470  C  CA  . GLN A 1 103 ? 0.966   1.296   -16.087 1.00 25.62 ? 80   GLN A CA  1 
ATOM   471  C  C   . GLN A 1 103 ? 1.348   0.366   -14.979 1.00 25.41 ? 80   GLN A C   1 
ATOM   472  O  O   . GLN A 1 103 ? 1.022   0.619   -13.814 1.00 25.62 ? 80   GLN A O   1 
ATOM   473  C  CB  . GLN A 1 103 ? 2.048   2.372   -16.119 1.00 26.19 ? 80   GLN A CB  1 
ATOM   474  C  CG  . GLN A 1 103 ? 1.983   3.318   -17.293 1.00 28.48 ? 80   GLN A CG  1 
ATOM   475  C  CD  . GLN A 1 103 ? 2.625   2.750   -18.521 1.00 32.18 ? 80   GLN A CD  1 
ATOM   476  O  OE1 . GLN A 1 103 ? 2.947   1.556   -18.594 1.00 34.61 ? 80   GLN A OE1 1 
ATOM   477  N  NE2 . GLN A 1 103 ? 2.828   3.603   -19.506 1.00 34.24 ? 80   GLN A NE2 1 
ATOM   478  N  N   . LEU A 1 104 ? 2.052   -0.702  -15.341 1.00 25.39 ? 81   LEU A N   1 
ATOM   479  C  CA  . LEU A 1 104 ? 2.592   -1.641  -14.357 1.00 25.87 ? 81   LEU A CA  1 
ATOM   480  C  C   . LEU A 1 104 ? 3.669   -0.920  -13.579 1.00 26.59 ? 81   LEU A C   1 
ATOM   481  O  O   . LEU A 1 104 ? 4.431   -0.166  -14.183 1.00 27.10 ? 81   LEU A O   1 
ATOM   482  C  CB  . LEU A 1 104 ? 3.183   -2.865  -15.052 1.00 25.25 ? 81   LEU A CB  1 
ATOM   483  C  CG  . LEU A 1 104 ? 2.201   -4.000  -15.328 1.00 24.04 ? 81   LEU A CG  1 
ATOM   484  C  CD1 . LEU A 1 104 ? 2.944   -5.093  -16.092 1.00 23.84 ? 81   LEU A CD1 1 
ATOM   485  C  CD2 . LEU A 1 104 ? 1.521   -4.541  -14.059 1.00 18.65 ? 81   LEU A CD2 1 
ATOM   486  N  N   . SER A 1 105 ? 3.753   -1.125  -12.264 1.00 27.26 ? 82   SER A N   1 
ATOM   487  C  CA  . SER A 1 105 ? 4.714   -0.327  -11.462 1.00 28.25 ? 82   SER A CA  1 
ATOM   488  C  C   . SER A 1 105 ? 6.130   -0.362  -12.024 1.00 28.65 ? 82   SER A C   1 
ATOM   489  O  O   . SER A 1 105 ? 6.835   0.644   -11.967 1.00 28.87 ? 82   SER A O   1 
ATOM   490  C  CB  . SER A 1 105 ? 4.729   -0.725  -9.988  1.00 28.14 ? 82   SER A CB  1 
ATOM   491  O  OG  . SER A 1 105 ? 3.395   -0.797  -9.497  1.00 29.82 ? 82   SER A OG  1 
ATOM   492  N  N   . SER A 1 106 ? 6.524   -1.503  -12.599 1.00 29.09 ? 83   SER A N   1 
ATOM   493  C  CA  . SER A 1 106 ? 7.843   -1.648  -13.221 1.00 29.34 ? 83   SER A CA  1 
ATOM   494  C  C   . SER A 1 106 ? 8.119   -0.720  -14.431 1.00 30.50 ? 83   SER A C   1 
ATOM   495  O  O   . SER A 1 106 ? 9.278   -0.453  -14.739 1.00 30.39 ? 83   SER A O   1 
ATOM   496  C  CB  . SER A 1 106 ? 8.105   -3.115  -13.565 1.00 28.91 ? 83   SER A CB  1 
ATOM   497  O  OG  . SER A 1 106 ? 7.361   -3.549  -14.680 1.00 27.46 ? 83   SER A OG  1 
ATOM   498  N  N   . ASN A 1 107 ? 7.069   -0.231  -15.104 1.00 31.77 ? 84   ASN A N   1 
ATOM   499  C  CA  . ASN A 1 107 ? 7.239   0.694   -16.243 1.00 33.19 ? 84   ASN A CA  1 
ATOM   500  C  C   . ASN A 1 107 ? 7.049   2.167   -15.882 1.00 34.03 ? 84   ASN A C   1 
ATOM   501  O  O   . ASN A 1 107 ? 6.901   3.002   -16.781 1.00 34.84 ? 84   ASN A O   1 
ATOM   502  C  CB  . ASN A 1 107 ? 6.318   0.351   -17.445 1.00 33.30 ? 84   ASN A CB  1 
ATOM   503  C  CG  . ASN A 1 107 ? 6.396   -1.119  -17.866 1.00 34.14 ? 84   ASN A CG  1 
ATOM   504  O  OD1 . ASN A 1 107 ? 5.402   -1.708  -18.324 1.00 33.36 ? 84   ASN A OD1 1 
ATOM   505  N  ND2 . ASN A 1 107 ? 7.572   -1.721  -17.701 1.00 34.08 ? 84   ASN A ND2 1 
ATOM   506  N  N   . LEU A 1 108 ? 7.026   2.503   -14.591 1.00 34.68 ? 85   LEU A N   1 
ATOM   507  C  CA  . LEU A 1 108 ? 7.024   3.913   -14.178 1.00 35.18 ? 85   LEU A CA  1 
ATOM   508  C  C   . LEU A 1 108 ? 8.469   4.418   -14.192 1.00 36.87 ? 85   LEU A C   1 
ATOM   509  O  O   . LEU A 1 108 ? 9.407   3.637   -13.941 1.00 36.98 ? 85   LEU A O   1 
ATOM   510  C  CB  . LEU A 1 108 ? 6.455   4.067   -12.773 1.00 34.12 ? 85   LEU A CB  1 
ATOM   511  C  CG  . LEU A 1 108 ? 5.011   3.759   -12.415 1.00 32.24 ? 85   LEU A CG  1 
ATOM   512  C  CD1 . LEU A 1 108 ? 4.822   3.983   -10.935 1.00 29.97 ? 85   LEU A CD1 1 
ATOM   513  C  CD2 . LEU A 1 108 ? 4.031   4.604   -13.190 1.00 29.91 ? 85   LEU A CD2 1 
ATOM   514  N  N   . MET A 1 109 ? 8.695   5.700   -14.478 1.00 38.59 ? 86   MET A N   1 
ATOM   515  C  CA  . MET A 1 109 ? 10.095  6.147   -14.397 1.00 40.45 ? 86   MET A CA  1 
ATOM   516  C  C   . MET A 1 109 ? 10.525  6.460   -12.968 1.00 40.62 ? 86   MET A C   1 
ATOM   517  O  O   . MET A 1 109 ? 9.690   6.873   -12.159 1.00 40.78 ? 86   MET A O   1 
ATOM   518  C  CB  . MET A 1 109 ? 10.450  7.279   -15.359 1.00 41.21 ? 86   MET A CB  1 
ATOM   519  C  CG  . MET A 1 109 ? 9.315   8.117   -15.907 1.00 44.56 ? 86   MET A CG  1 
ATOM   520  S  SD  . MET A 1 109 ? 10.142  9.328   -16.990 1.00 54.33 ? 86   MET A SD  1 
ATOM   521  C  CE  . MET A 1 109 ? 11.423  8.293   -17.802 1.00 50.90 ? 86   MET A CE  1 
ATOM   522  N  N   . PRO A 1 110 ? 11.825  6.245   -12.649 1.00 40.74 ? 87   PRO A N   1 
ATOM   523  C  CA  . PRO A 1 110 ? 12.412  6.528   -11.342 1.00 40.17 ? 87   PRO A CA  1 
ATOM   524  C  C   . PRO A 1 110 ? 11.861  7.786   -10.690 1.00 39.53 ? 87   PRO A C   1 
ATOM   525  O  O   . PRO A 1 110 ? 11.630  8.788   -11.373 1.00 39.85 ? 87   PRO A O   1 
ATOM   526  C  CB  . PRO A 1 110 ? 13.882  6.711   -11.688 1.00 40.46 ? 87   PRO A CB  1 
ATOM   527  C  CG  . PRO A 1 110 ? 14.106  5.649   -12.735 1.00 40.99 ? 87   PRO A CG  1 
ATOM   528  C  CD  . PRO A 1 110 ? 12.799  5.548   -13.516 1.00 40.98 ? 87   PRO A CD  1 
ATOM   529  N  N   . GLY A 1 111 ? 11.642  7.728   -9.379  1.00 38.55 ? 88   GLY A N   1 
ATOM   530  C  CA  . GLY A 1 111 ? 11.131  8.869   -8.641  1.00 36.98 ? 88   GLY A CA  1 
ATOM   531  C  C   . GLY A 1 111 ? 9.627   9.026   -8.704  1.00 36.10 ? 88   GLY A C   1 
ATOM   532  O  O   . GLY A 1 111 ? 9.107   10.002  -8.196  1.00 36.34 ? 88   GLY A O   1 
ATOM   533  N  N   . CYS A 1 112 ? 8.928   8.067   -9.308  1.00 35.20 ? 89   CYS A N   1 
ATOM   534  C  CA  . CYS A 1 112 ? 7.454   8.020   -9.295  1.00 34.52 ? 89   CYS A CA  1 
ATOM   535  C  C   . CYS A 1 112 ? 6.909   7.000   -8.299  1.00 33.53 ? 89   CYS A C   1 
ATOM   536  O  O   . CYS A 1 112 ? 7.608   6.039   -7.953  1.00 33.49 ? 89   CYS A O   1 
ATOM   537  C  CB  . CYS A 1 112 ? 6.911   7.688   -10.682 1.00 34.69 ? 89   CYS A CB  1 
ATOM   538  S  SG  . CYS A 1 112 ? 7.196   8.980   -11.925 1.00 37.53 ? 89   CYS A SG  1 
ATOM   539  N  N   . ASP A 1 113 ? 5.668   7.198   -7.847  1.00 32.16 ? 90   ASP A N   1 
ATOM   540  C  CA  . ASP A 1 113 ? 5.050   6.275   -6.881  1.00 31.28 ? 90   ASP A CA  1 
ATOM   541  C  C   . ASP A 1 113 ? 3.594   6.064   -7.186  1.00 30.04 ? 90   ASP A C   1 
ATOM   542  O  O   . ASP A 1 113 ? 2.938   6.958   -7.711  1.00 30.00 ? 90   ASP A O   1 
ATOM   543  C  CB  . ASP A 1 113 ? 5.120   6.829   -5.455  1.00 31.60 ? 90   ASP A CB  1 
ATOM   544  C  CG  . ASP A 1 113 ? 6.505   7.304   -5.075  1.00 34.03 ? 90   ASP A CG  1 
ATOM   545  O  OD1 . ASP A 1 113 ? 7.447   6.477   -5.084  1.00 36.76 ? 90   ASP A OD1 1 
ATOM   546  O  OD2 . ASP A 1 113 ? 6.660   8.507   -4.769  1.00 36.07 ? 90   ASP A OD2 1 
ATOM   547  N  N   . TYR A 1 114 ? 3.080   4.888   -6.854  1.00 28.54 ? 91   TYR A N   1 
ATOM   548  C  CA  . TYR A 1 114 ? 1.637   4.735   -6.726  1.00 27.42 ? 91   TYR A CA  1 
ATOM   549  C  C   . TYR A 1 114 ? 1.359   4.609   -5.236  1.00 27.03 ? 91   TYR A C   1 
ATOM   550  O  O   . TYR A 1 114 ? 2.281   4.296   -4.466  1.00 27.50 ? 91   TYR A O   1 
ATOM   551  C  CB  . TYR A 1 114 ? 1.129   3.462   -7.400  1.00 27.22 ? 91   TYR A CB  1 
ATOM   552  C  CG  . TYR A 1 114 ? 0.915   3.468   -8.907  1.00 25.83 ? 91   TYR A CG  1 
ATOM   553  C  CD1 . TYR A 1 114 ? 1.588   2.544   -9.707  1.00 24.76 ? 91   TYR A CD1 1 
ATOM   554  C  CD2 . TYR A 1 114 ? 0.014   4.337   -9.521  1.00 23.94 ? 91   TYR A CD2 1 
ATOM   555  C  CE1 . TYR A 1 114 ? 1.403   2.496   -11.071 1.00 23.70 ? 91   TYR A CE1 1 
ATOM   556  C  CE2 . TYR A 1 114 ? -0.179  4.300   -10.894 1.00 23.71 ? 91   TYR A CE2 1 
ATOM   557  C  CZ  . TYR A 1 114 ? 0.521   3.362   -11.662 1.00 23.96 ? 91   TYR A CZ  1 
ATOM   558  O  OH  . TYR A 1 114 ? 0.354   3.256   -13.028 1.00 24.61 ? 91   TYR A OH  1 
ATOM   559  N  N   . SER A 1 115 ? 0.107   4.841   -4.829  1.00 25.59 ? 92   SER A N   1 
ATOM   560  C  CA  . SER A 1 115 ? -0.358  4.422   -3.505  1.00 24.40 ? 92   SER A CA  1 
ATOM   561  C  C   . SER A 1 115 ? -1.862  4.375   -3.441  1.00 23.74 ? 92   SER A C   1 
ATOM   562  O  O   . SER A 1 115 ? -2.566  5.154   -4.106  1.00 23.52 ? 92   SER A O   1 
ATOM   563  C  CB  . SER A 1 115 ? 0.155   5.318   -2.392  1.00 24.31 ? 92   SER A CB  1 
ATOM   564  O  OG  . SER A 1 115 ? -0.396  6.597   -2.536  1.00 25.10 ? 92   SER A OG  1 
ATOM   565  N  N   . LEU A 1 116 ? -2.332  3.450   -2.620  1.00 22.59 ? 93   LEU A N   1 
ATOM   566  C  CA  . LEU A 1 116 ? -3.725  3.191   -2.451  1.00 22.10 ? 93   LEU A CA  1 
ATOM   567  C  C   . LEU A 1 116 ? -4.065  3.402   -0.984  1.00 22.34 ? 93   LEU A C   1 
ATOM   568  O  O   . LEU A 1 116 ? -3.477  2.747   -0.120  1.00 22.61 ? 93   LEU A O   1 
ATOM   569  C  CB  . LEU A 1 116 ? -4.027  1.746   -2.847  1.00 21.76 ? 93   LEU A CB  1 
ATOM   570  C  CG  . LEU A 1 116 ? -5.515  1.430   -3.030  1.00 20.77 ? 93   LEU A CG  1 
ATOM   571  C  CD1 . LEU A 1 116 ? -5.986  1.861   -4.417  1.00 18.85 ? 93   LEU A CD1 1 
ATOM   572  C  CD2 . LEU A 1 116 ? -5.762  -0.017  -2.811  1.00 18.62 ? 93   LEU A CD2 1 
ATOM   573  N  N   . PHE A 1 117 ? -5.013  4.299   -0.702  1.00 22.10 ? 94   PHE A N   1 
ATOM   574  C  CA  . PHE A 1 117 ? -5.455  4.545   0.659   1.00 22.28 ? 94   PHE A CA  1 
ATOM   575  C  C   . PHE A 1 117 ? -6.952  4.463   0.770   1.00 22.09 ? 94   PHE A C   1 
ATOM   576  O  O   . PHE A 1 117 ? -7.635  4.811   -0.176  1.00 22.89 ? 94   PHE A O   1 
ATOM   577  C  CB  . PHE A 1 117 ? -4.960  5.904   1.128   1.00 22.51 ? 94   PHE A CB  1 
ATOM   578  C  CG  . PHE A 1 117 ? -3.595  5.847   1.742   1.00 24.95 ? 94   PHE A CG  1 
ATOM   579  C  CD1 . PHE A 1 117 ? -2.458  5.676   0.942   1.00 27.67 ? 94   PHE A CD1 1 
ATOM   580  C  CD2 . PHE A 1 117 ? -3.434  5.913   3.116   1.00 26.24 ? 94   PHE A CD2 1 
ATOM   581  C  CE1 . PHE A 1 117 ? -1.176  5.589   1.502   1.00 27.92 ? 94   PHE A CE1 1 
ATOM   582  C  CE2 . PHE A 1 117 ? -2.162  5.827   3.684   1.00 28.27 ? 94   PHE A CE2 1 
ATOM   583  C  CZ  . PHE A 1 117 ? -1.032  5.656   2.875   1.00 27.94 ? 94   PHE A CZ  1 
ATOM   584  N  N   . LYS A 1 118 ? -7.461  3.989   1.909   1.00 21.77 ? 95   LYS A N   1 
ATOM   585  C  CA  . LYS A 1 118 ? -8.881  4.068   2.223   1.00 21.63 ? 95   LYS A CA  1 
ATOM   586  C  C   . LYS A 1 118 ? -9.313  5.506   2.051   1.00 22.80 ? 95   LYS A C   1 
ATOM   587  O  O   . LYS A 1 118 ? -8.591  6.432   2.416   1.00 22.38 ? 95   LYS A O   1 
ATOM   588  C  CB  . LYS A 1 118 ? -9.147  3.664   3.664   1.00 21.40 ? 95   LYS A CB  1 
ATOM   589  C  CG  . LYS A 1 118 ? -9.073  2.195   3.962   1.00 20.39 ? 95   LYS A CG  1 
ATOM   590  C  CD  . LYS A 1 118 ? -9.257  1.939   5.450   1.00 19.40 ? 95   LYS A CD  1 
ATOM   591  C  CE  . LYS A 1 118 ? -9.318  0.425   5.739   1.00 20.79 ? 95   LYS A CE  1 
ATOM   592  N  NZ  . LYS A 1 118 ? -9.067  0.059   7.148   1.00 19.58 ? 95   LYS A NZ  1 
ATOM   593  N  N   . ASP A 1 119 ? -10.490 5.698   1.472   1.00 24.57 ? 96   ASP A N   1 
ATOM   594  C  CA  . ASP A 1 119 ? -11.028 7.034   1.239   1.00 25.95 ? 96   ASP A CA  1 
ATOM   595  C  C   . ASP A 1 119 ? -11.034 7.806   2.548   1.00 26.32 ? 96   ASP A C   1 
ATOM   596  O  O   . ASP A 1 119 ? -11.433 7.267   3.604   1.00 26.83 ? 96   ASP A O   1 
ATOM   597  C  CB  . ASP A 1 119 ? -12.459 6.948   0.675   1.00 26.41 ? 96   ASP A CB  1 
ATOM   598  C  CG  . ASP A 1 119 ? -12.912 8.257   0.005   1.00 28.37 ? 96   ASP A CG  1 
ATOM   599  O  OD1 . ASP A 1 119 ? -14.063 8.306   -0.520  1.00 29.83 ? 96   ASP A OD1 1 
ATOM   600  O  OD2 . ASP A 1 119 ? -12.109 9.228   -0.003  1.00 29.62 ? 96   ASP A OD2 1 
ATOM   601  N  N   . GLY A 1 120 ? -10.584 9.053   2.486   1.00 26.39 ? 97   GLY A N   1 
ATOM   602  C  CA  . GLY A 1 120 ? -10.568 9.910   3.667   1.00 27.00 ? 97   GLY A CA  1 
ATOM   603  C  C   . GLY A 1 120 ? -9.271  9.862   4.456   1.00 27.47 ? 97   GLY A C   1 
ATOM   604  O  O   . GLY A 1 120 ? -9.045  10.678  5.361   1.00 28.39 ? 97   GLY A O   1 
ATOM   605  N  N   . ILE A 1 121 ? -8.416  8.893   4.155   1.00 27.16 ? 98   ILE A N   1 
ATOM   606  C  CA  . ILE A 1 121 ? -7.063  8.927   4.684   1.00 26.23 ? 98   ILE A CA  1 
ATOM   607  C  C   . ILE A 1 121 ? -6.195  9.451   3.553   1.00 26.76 ? 98   ILE A C   1 
ATOM   608  O  O   . ILE A 1 121 ? -6.078  8.819   2.512   1.00 26.70 ? 98   ILE A O   1 
ATOM   609  C  CB  . ILE A 1 121 ? -6.622  7.543   5.274   1.00 25.61 ? 98   ILE A CB  1 
ATOM   610  C  CG1 . ILE A 1 121 ? -7.682  7.059   6.264   1.00 23.64 ? 98   ILE A CG1 1 
ATOM   611  C  CG2 . ILE A 1 121 ? -5.234  7.622   5.914   1.00 23.94 ? 98   ILE A CG2 1 
ATOM   612  C  CD1 . ILE A 1 121 ? -7.423  5.754   6.916   1.00 21.14 ? 98   ILE A CD1 1 
ATOM   613  N  N   . GLU A 1 122 ? -5.655  10.647  3.734   1.00 27.81 ? 99   GLU A N   1 
ATOM   614  C  CA  . GLU A 1 122 ? -4.648  11.174  2.822   1.00 29.34 ? 99   GLU A CA  1 
ATOM   615  C  C   . GLU A 1 122 ? -3.333  10.405  2.957   1.00 29.92 ? 99   GLU A C   1 
ATOM   616  O  O   . GLU A 1 122 ? -2.957  9.991   4.058   1.00 30.36 ? 99   GLU A O   1 
ATOM   617  C  CB  . GLU A 1 122 ? -4.458  12.670  3.017   1.00 29.48 ? 99   GLU A CB  1 
ATOM   618  C  CG  . GLU A 1 122 ? -5.486  13.480  2.237   1.00 32.94 ? 99   GLU A CG  1 
ATOM   619  C  CD  . GLU A 1 122 ? -5.099  14.944  2.127   1.00 38.40 ? 99   GLU A CD  1 
ATOM   620  O  OE1 . GLU A 1 122 ? -4.552  15.378  1.070   1.00 40.44 ? 99   GLU A OE1 1 
ATOM   621  O  OE2 . GLU A 1 122 ? -5.329  15.659  3.120   1.00 39.65 ? 99   GLU A OE2 1 
ATOM   622  N  N   . PRO A 1 123 ? -2.630  10.183  1.829   1.00 30.60 ? 100  PRO A N   1 
ATOM   623  C  CA  . PRO A 1 123 ? -1.482  9.272   1.892   1.00 30.76 ? 100  PRO A CA  1 
ATOM   624  C  C   . PRO A 1 123 ? -0.237  9.992   2.339   1.00 30.97 ? 100  PRO A C   1 
ATOM   625  O  O   . PRO A 1 123 ? 0.763   9.954   1.634   1.00 31.16 ? 100  PRO A O   1 
ATOM   626  C  CB  . PRO A 1 123 ? -1.311  8.818   0.437   1.00 30.79 ? 100  PRO A CB  1 
ATOM   627  C  CG  . PRO A 1 123 ? -1.902  9.939   -0.401  1.00 30.60 ? 100  PRO A CG  1 
ATOM   628  C  CD  . PRO A 1 123 ? -2.767  10.813  0.498   1.00 30.45 ? 100  PRO A CD  1 
ATOM   629  N  N   . MET A 1 124 ? -0.306  10.661  3.483   1.00 31.35 ? 101  MET A N   1 
ATOM   630  C  CA  . MET A 1 124 ? 0.859   11.342  4.039   1.00 32.03 ? 101  MET A CA  1 
ATOM   631  C  C   . MET A 1 124 ? 0.882   11.335  5.575   1.00 32.18 ? 101  MET A C   1 
ATOM   632  O  O   . MET A 1 124 ? -0.169  11.294  6.243   1.00 31.98 ? 101  MET A O   1 
ATOM   633  C  CB  . MET A 1 124 ? 1.012   12.754  3.446   1.00 32.26 ? 101  MET A CB  1 
ATOM   634  C  CG  . MET A 1 124 ? -0.272  13.574  3.340   1.00 33.99 ? 101  MET A CG  1 
ATOM   635  S  SD  . MET A 1 124 ? -0.221  14.751  1.966   1.00 38.90 ? 101  MET A SD  1 
ATOM   636  C  CE  . MET A 1 124 ? 1.064   15.883  2.509   1.00 37.00 ? 101  MET A CE  1 
ATOM   637  N  N   . TRP A 1 125 ? 2.092   11.345  6.118   1.00 32.50 ? 102  TRP A N   1 
ATOM   638  C  CA  . TRP A 1 125 ? 2.318   11.399  7.557   1.00 33.11 ? 102  TRP A CA  1 
ATOM   639  C  C   . TRP A 1 125 ? 1.312   12.282  8.266   1.00 33.71 ? 102  TRP A C   1 
ATOM   640  O  O   . TRP A 1 125 ? 0.755   11.902  9.297   1.00 34.28 ? 102  TRP A O   1 
ATOM   641  C  CB  . TRP A 1 125 ? 3.711   11.928  7.840   1.00 32.99 ? 102  TRP A CB  1 
ATOM   642  C  CG  . TRP A 1 125 ? 4.783   11.060  7.313   1.00 33.79 ? 102  TRP A CG  1 
ATOM   643  C  CD1 . TRP A 1 125 ? 4.784   9.697   7.274   1.00 35.00 ? 102  TRP A CD1 1 
ATOM   644  C  CD2 . TRP A 1 125 ? 6.040   11.477  6.769   1.00 34.01 ? 102  TRP A CD2 1 
ATOM   645  N  NE1 . TRP A 1 125 ? 5.962   9.235   6.730   1.00 34.57 ? 102  TRP A NE1 1 
ATOM   646  C  CE2 . TRP A 1 125 ? 6.754   10.308  6.422   1.00 33.40 ? 102  TRP A CE2 1 
ATOM   647  C  CE3 . TRP A 1 125 ? 6.633   12.722  6.546   1.00 34.81 ? 102  TRP A CE3 1 
ATOM   648  C  CZ2 . TRP A 1 125 ? 8.025   10.344  5.856   1.00 33.51 ? 102  TRP A CZ2 1 
ATOM   649  C  CZ3 . TRP A 1 125 ? 7.908   12.757  5.977   1.00 34.28 ? 102  TRP A CZ3 1 
ATOM   650  C  CH2 . TRP A 1 125 ? 8.583   11.576  5.635   1.00 33.59 ? 102  TRP A CH2 1 
ATOM   651  N  N   . GLU A 1 126 ? 1.079   13.459  7.703   1.00 33.97 ? 103  GLU A N   1 
ATOM   652  C  CA  . GLU A 1 126 ? 0.173   14.441  8.281   1.00 34.51 ? 103  GLU A CA  1 
ATOM   653  C  C   . GLU A 1 126 ? -1.212  13.922  8.617   1.00 34.29 ? 103  GLU A C   1 
ATOM   654  O  O   . GLU A 1 126 ? -1.834  14.433  9.507   1.00 34.14 ? 103  GLU A O   1 
ATOM   655  C  CB  . GLU A 1 126 ? 0.020   15.641  7.344   1.00 35.16 ? 103  GLU A CB  1 
ATOM   656  C  CG  . GLU A 1 126 ? 1.306   16.475  7.139   1.00 36.22 ? 103  GLU A CG  1 
ATOM   657  C  CD  . GLU A 1 126 ? 2.247   15.886  6.100   1.00 36.75 ? 103  GLU A CD  1 
ATOM   658  O  OE1 . GLU A 1 126 ? 2.435   14.646  6.075   1.00 36.98 ? 103  GLU A OE1 1 
ATOM   659  O  OE2 . GLU A 1 126 ? 2.803   16.674  5.313   1.00 36.85 ? 103  GLU A OE2 1 
ATOM   660  N  N   . ASP A 1 127 ? -1.717  12.926  7.910   1.00 34.66 ? 104  ASP A N   1 
ATOM   661  C  CA  . ASP A 1 127 ? -3.101  12.525  8.152   1.00 35.17 ? 104  ASP A CA  1 
ATOM   662  C  C   . ASP A 1 127 ? -3.322  12.122  9.610   1.00 35.25 ? 104  ASP A C   1 
ATOM   663  O  O   . ASP A 1 127 ? -2.460  11.511  10.231  1.00 34.84 ? 104  ASP A O   1 
ATOM   664  C  CB  . ASP A 1 127 ? -3.557  11.420  7.186   1.00 35.22 ? 104  ASP A CB  1 
ATOM   665  C  CG  . ASP A 1 127 ? -5.075  11.189  7.225   1.00 36.18 ? 104  ASP A CG  1 
ATOM   666  O  OD1 . ASP A 1 127 ? -5.732  11.532  6.224   1.00 37.03 ? 104  ASP A OD1 1 
ATOM   667  O  OD2 . ASP A 1 127 ? -5.622  10.675  8.244   1.00 37.04 ? 104  ASP A OD2 1 
ATOM   668  N  N   . GLU A 1 128 ? -4.486  12.493  10.139  1.00 36.27 ? 105  GLU A N   1 
ATOM   669  C  CA  . GLU A 1 128 ? -4.910  12.147  11.505  1.00 37.48 ? 105  GLU A CA  1 
ATOM   670  C  C   . GLU A 1 128 ? -4.665  10.659  11.759  1.00 37.25 ? 105  GLU A C   1 
ATOM   671  O  O   . GLU A 1 128 ? -3.940  10.301  12.690  1.00 37.39 ? 105  GLU A O   1 
ATOM   672  C  CB  . GLU A 1 128 ? -6.393  12.530  11.740  1.00 37.97 ? 105  GLU A CB  1 
ATOM   673  C  CG  . GLU A 1 128 ? -6.831  12.650  13.198  1.00 41.49 ? 105  GLU A CG  1 
ATOM   674  C  CD  . GLU A 1 128 ? -6.238  13.887  13.872  1.00 47.07 ? 105  GLU A CD  1 
ATOM   675  O  OE1 . GLU A 1 128 ? -5.195  13.767  14.582  1.00 48.99 ? 105  GLU A OE1 1 
ATOM   676  O  OE2 . GLU A 1 128 ? -6.806  14.987  13.668  1.00 48.55 ? 105  GLU A OE2 1 
ATOM   677  N  N   . LYS A 1 129 ? -5.223  9.811   10.899  1.00 37.10 ? 106  LYS A N   1 
ATOM   678  C  CA  . LYS A 1 129 ? -5.023  8.371   10.999  1.00 37.49 ? 106  LYS A CA  1 
ATOM   679  C  C   . LYS A 1 129 ? -3.579  7.876   10.707  1.00 37.73 ? 106  LYS A C   1 
ATOM   680  O  O   . LYS A 1 129 ? -3.236  6.717   11.004  1.00 37.34 ? 106  LYS A O   1 
ATOM   681  C  CB  . LYS A 1 129 ? -6.047  7.657   10.133  1.00 37.32 ? 106  LYS A CB  1 
ATOM   682  C  CG  . LYS A 1 129 ? -7.481  7.893   10.585  1.00 38.56 ? 106  LYS A CG  1 
ATOM   683  C  CD  . LYS A 1 129 ? -7.948  6.822   11.584  1.00 40.50 ? 106  LYS A CD  1 
ATOM   684  C  CE  . LYS A 1 129 ? -9.475  6.827   11.746  1.00 41.94 ? 106  LYS A CE  1 
ATOM   685  N  NZ  . LYS A 1 129 ? -9.952  7.877   12.709  1.00 42.33 ? 106  LYS A NZ  1 
ATOM   686  N  N   . ASN A 1 130 ? -2.729  8.760   10.179  1.00 37.91 ? 107  ASN A N   1 
ATOM   687  C  CA  . ASN A 1 130 ? -1.346  8.406   9.859   1.00 38.49 ? 107  ASN A CA  1 
ATOM   688  C  C   . ASN A 1 130 ? -0.270  8.836   10.862  1.00 39.25 ? 107  ASN A C   1 
ATOM   689  O  O   . ASN A 1 130 ? 0.777   8.177   10.970  1.00 39.30 ? 107  ASN A O   1 
ATOM   690  C  CB  . ASN A 1 130 ? -0.968  8.919   8.473   1.00 38.14 ? 107  ASN A CB  1 
ATOM   691  C  CG  . ASN A 1 130 ? -1.446  8.009   7.366   1.00 38.51 ? 107  ASN A CG  1 
ATOM   692  O  OD1 . ASN A 1 130 ? -1.646  6.807   7.565   1.00 38.64 ? 107  ASN A OD1 1 
ATOM   693  N  ND2 . ASN A 1 130 ? -1.638  8.578   6.184   1.00 38.99 ? 107  ASN A ND2 1 
ATOM   694  N  N   . LYS A 1 131 ? -0.517  9.930   11.587  1.00 39.93 ? 108  LYS A N   1 
ATOM   695  C  CA  . LYS A 1 131 ? 0.522   10.551  12.421  1.00 40.57 ? 108  LYS A CA  1 
ATOM   696  C  C   . LYS A 1 131 ? 1.033   9.639   13.541  1.00 40.65 ? 108  LYS A C   1 
ATOM   697  O  O   . LYS A 1 131 ? 2.209   9.692   13.870  1.00 40.85 ? 108  LYS A O   1 
ATOM   698  C  CB  . LYS A 1 131 ? 0.072   11.914  12.978  1.00 40.85 ? 108  LYS A CB  1 
ATOM   699  C  CG  . LYS A 1 131 ? -1.185  11.856  13.868  1.00 43.34 ? 108  LYS A CG  1 
ATOM   700  C  CD  . LYS A 1 131 ? -1.382  13.127  14.724  1.00 47.28 ? 108  LYS A CD  1 
ATOM   701  C  CE  . LYS A 1 131 ? -2.168  12.811  16.008  1.00 48.74 ? 108  LYS A CE  1 
ATOM   702  N  NZ  . LYS A 1 131 ? -2.813  14.018  16.592  1.00 49.95 ? 108  LYS A NZ  1 
ATOM   703  N  N   . ARG A 1 132 ? 0.161   8.802   14.112  1.00 40.70 ? 109  ARG A N   1 
ATOM   704  C  CA  . ARG A 1 132 ? 0.543   7.900   15.209  1.00 40.86 ? 109  ARG A CA  1 
ATOM   705  C  C   . ARG A 1 132 ? 1.045   6.540   14.692  1.00 39.86 ? 109  ARG A C   1 
ATOM   706  O  O   . ARG A 1 132 ? 1.273   5.604   15.479  1.00 40.32 ? 109  ARG A O   1 
ATOM   707  C  CB  . ARG A 1 132 ? -0.635  7.680   16.194  1.00 41.64 ? 109  ARG A CB  1 
ATOM   708  C  CG  . ARG A 1 132 ? -0.998  8.876   17.107  1.00 45.98 ? 109  ARG A CG  1 
ATOM   709  C  CD  . ARG A 1 132 ? -2.358  8.717   17.858  1.00 52.97 ? 109  ARG A CD  1 
ATOM   710  N  NE  . ARG A 1 132 ? -3.227  9.892   17.627  1.00 59.69 ? 109  ARG A NE  1 
ATOM   711  C  CZ  . ARG A 1 132 ? -3.995  10.508  18.543  1.00 62.87 ? 109  ARG A CZ  1 
ATOM   712  N  NH1 . ARG A 1 132 ? -4.729  11.570  18.185  1.00 62.89 ? 109  ARG A NH1 1 
ATOM   713  N  NH2 . ARG A 1 132 ? -4.032  10.084  19.815  1.00 63.68 ? 109  ARG A NH2 1 
ATOM   714  N  N   . GLY A 1 133 ? 1.227   6.418   13.378  1.00 38.37 ? 110  GLY A N   1 
ATOM   715  C  CA  . GLY A 1 133 ? 1.368   5.092   12.777  1.00 36.06 ? 110  GLY A CA  1 
ATOM   716  C  C   . GLY A 1 133 ? 2.745   4.765   12.296  1.00 34.39 ? 110  GLY A C   1 
ATOM   717  O  O   . GLY A 1 133 ? 3.722   5.283   12.829  1.00 34.53 ? 110  GLY A O   1 
ATOM   718  N  N   . GLY A 1 134 ? 2.804   3.901   11.282  1.00 32.90 ? 111  GLY A N   1 
ATOM   719  C  CA  . GLY A 1 134 ? 4.059   3.457   10.677  1.00 31.24 ? 111  GLY A CA  1 
ATOM   720  C  C   . GLY A 1 134 ? 3.861   2.540   9.487   1.00 30.12 ? 111  GLY A C   1 
ATOM   721  O  O   . GLY A 1 134 ? 2.792   2.516   8.898   1.00 29.98 ? 111  GLY A O   1 
ATOM   722  N  N   . ARG A 1 135 ? 4.882   1.763   9.141   1.00 29.09 ? 112  ARG A N   1 
ATOM   723  C  CA  . ARG A 1 135 ? 4.805   0.932   7.952   1.00 28.46 ? 112  ARG A CA  1 
ATOM   724  C  C   . ARG A 1 135 ? 5.662   -0.335  7.991   1.00 28.22 ? 112  ARG A C   1 
ATOM   725  O  O   . ARG A 1 135 ? 6.722   -0.365  8.626   1.00 27.98 ? 112  ARG A O   1 
ATOM   726  C  CB  . ARG A 1 135 ? 5.197   1.754   6.728   1.00 28.46 ? 112  ARG A CB  1 
ATOM   727  C  CG  . ARG A 1 135 ? 6.671   2.057   6.691   1.00 28.97 ? 112  ARG A CG  1 
ATOM   728  C  CD  . ARG A 1 135 ? 7.054   2.996   5.596   1.00 29.20 ? 112  ARG A CD  1 
ATOM   729  N  NE  . ARG A 1 135 ? 8.497   3.171   5.583   1.00 29.72 ? 112  ARG A NE  1 
ATOM   730  C  CZ  . ARG A 1 135 ? 9.168   3.842   4.653   1.00 30.60 ? 112  ARG A CZ  1 
ATOM   731  N  NH1 . ARG A 1 135 ? 10.481  3.943   4.746   1.00 31.15 ? 112  ARG A NH1 1 
ATOM   732  N  NH2 . ARG A 1 135 ? 8.539   4.422   3.640   1.00 30.94 ? 112  ARG A NH2 1 
ATOM   733  N  N   . TRP A 1 136 ? 5.177   -1.376  7.307   1.00 27.79 ? 113  TRP A N   1 
ATOM   734  C  CA  . TRP A 1 136 ? 5.945   -2.568  6.986   1.00 27.08 ? 113  TRP A CA  1 
ATOM   735  C  C   . TRP A 1 136 ? 6.648   -2.308  5.684   1.00 27.27 ? 113  TRP A C   1 
ATOM   736  O  O   . TRP A 1 136 ? 6.009   -2.106  4.672   1.00 27.75 ? 113  TRP A O   1 
ATOM   737  C  CB  . TRP A 1 136 ? 5.013   -3.767  6.875   1.00 26.65 ? 113  TRP A CB  1 
ATOM   738  C  CG  . TRP A 1 136 ? 4.604   -4.223  8.207   1.00 26.93 ? 113  TRP A CG  1 
ATOM   739  C  CD1 . TRP A 1 136 ? 3.368   -4.109  8.791   1.00 26.46 ? 113  TRP A CD1 1 
ATOM   740  C  CD2 . TRP A 1 136 ? 5.457   -4.828  9.180   1.00 28.45 ? 113  TRP A CD2 1 
ATOM   741  N  NE1 . TRP A 1 136 ? 3.393   -4.630  10.066  1.00 25.99 ? 113  TRP A NE1 1 
ATOM   742  C  CE2 . TRP A 1 136 ? 4.669   -5.068  10.335  1.00 28.79 ? 113  TRP A CE2 1 
ATOM   743  C  CE3 . TRP A 1 136 ? 6.820   -5.207  9.187   1.00 27.63 ? 113  TRP A CE3 1 
ATOM   744  C  CZ2 . TRP A 1 136 ? 5.205   -5.669  11.491  1.00 29.15 ? 113  TRP A CZ2 1 
ATOM   745  C  CZ3 . TRP A 1 136 ? 7.349   -5.800  10.326  1.00 27.09 ? 113  TRP A CZ3 1 
ATOM   746  C  CH2 . TRP A 1 136 ? 6.543   -6.028  11.462  1.00 28.58 ? 113  TRP A CH2 1 
ATOM   747  N  N   . LEU A 1 137 ? 7.969   -2.271  5.700   1.00 28.03 ? 114  LEU A N   1 
ATOM   748  C  CA  . LEU A 1 137 ? 8.727   -1.981  4.482   1.00 28.81 ? 114  LEU A CA  1 
ATOM   749  C  C   . LEU A 1 137 ? 9.279   -3.224  3.801   1.00 29.20 ? 114  LEU A C   1 
ATOM   750  O  O   . LEU A 1 137 ? 9.933   -4.064  4.433   1.00 29.06 ? 114  LEU A O   1 
ATOM   751  C  CB  . LEU A 1 137 ? 9.854   -0.980  4.764   1.00 28.96 ? 114  LEU A CB  1 
ATOM   752  C  CG  . LEU A 1 137 ? 10.588  -0.321  3.581   1.00 29.46 ? 114  LEU A CG  1 
ATOM   753  C  CD1 . LEU A 1 137 ? 9.656   0.553   2.736   1.00 30.33 ? 114  LEU A CD1 1 
ATOM   754  C  CD2 . LEU A 1 137 ? 11.750  0.507   4.068   1.00 27.80 ? 114  LEU A CD2 1 
ATOM   755  N  N   . ILE A 1 138 ? 8.977   -3.325  2.512   1.00 30.07 ? 115  ILE A N   1 
ATOM   756  C  CA  . ILE A 1 138 ? 9.543   -4.333  1.605   1.00 31.27 ? 115  ILE A CA  1 
ATOM   757  C  C   . ILE A 1 138 ? 10.549  -3.631  0.692   1.00 32.19 ? 115  ILE A C   1 
ATOM   758  O  O   . ILE A 1 138 ? 10.178  -2.919  -0.243  1.00 32.55 ? 115  ILE A O   1 
ATOM   759  C  CB  . ILE A 1 138 ? 8.445   -4.979  0.716   1.00 31.27 ? 115  ILE A CB  1 
ATOM   760  C  CG1 . ILE A 1 138 ? 7.297   -5.543  1.566   1.00 31.62 ? 115  ILE A CG1 1 
ATOM   761  C  CG2 . ILE A 1 138 ? 9.039   -5.978  -0.259  1.00 30.18 ? 115  ILE A CG2 1 
ATOM   762  C  CD1 . ILE A 1 138 ? 7.728   -6.551  2.598   1.00 33.70 ? 115  ILE A CD1 1 
ATOM   763  N  N   . THR A 1 139 ? 11.823  -3.798  0.992   1.00 33.38 ? 116  THR A N   1 
ATOM   764  C  CA  . THR A 1 139 ? 12.885  -3.219  0.182   1.00 34.51 ? 116  THR A CA  1 
ATOM   765  C  C   . THR A 1 139 ? 13.232  -4.241  -0.899  1.00 35.20 ? 116  THR A C   1 
ATOM   766  O  O   . THR A 1 139 ? 13.742  -5.322  -0.603  1.00 35.77 ? 116  THR A O   1 
ATOM   767  C  CB  . THR A 1 139 ? 14.130  -2.925  1.035   1.00 34.40 ? 116  THR A CB  1 
ATOM   768  O  OG1 . THR A 1 139 ? 14.499  -4.112  1.761   1.00 34.43 ? 116  THR A OG1 1 
ATOM   769  C  CG2 . THR A 1 139 ? 13.851  -1.802  2.017   1.00 34.11 ? 116  THR A CG2 1 
ATOM   770  N  N   . LEU A 1 140 ? 12.899  -3.911  -2.137  1.00 35.86 ? 117  LEU A N   1 
ATOM   771  C  CA  . LEU A 1 140 ? 13.224  -4.735  -3.290  1.00 36.76 ? 117  LEU A CA  1 
ATOM   772  C  C   . LEU A 1 140 ? 14.493  -4.200  -3.930  1.00 37.68 ? 117  LEU A C   1 
ATOM   773  O  O   . LEU A 1 140 ? 14.619  -2.982  -4.163  1.00 38.28 ? 117  LEU A O   1 
ATOM   774  C  CB  . LEU A 1 140 ? 12.097  -4.672  -4.324  1.00 36.44 ? 117  LEU A CB  1 
ATOM   775  C  CG  . LEU A 1 140 ? 10.801  -5.308  -3.858  1.00 35.32 ? 117  LEU A CG  1 
ATOM   776  C  CD1 . LEU A 1 140 ? 9.647   -4.608  -4.485  1.00 34.40 ? 117  LEU A CD1 1 
ATOM   777  C  CD2 . LEU A 1 140 ? 10.795  -6.764  -4.224  1.00 35.12 ? 117  LEU A CD2 1 
ATOM   778  N  N   . ASN A 1 141 ? 15.440  -5.093  -4.218  1.00 38.07 ? 118  ASN A N   1 
ATOM   779  C  CA  . ASN A 1 141 ? 16.598  -4.678  -5.002  1.00 38.47 ? 118  ASN A CA  1 
ATOM   780  C  C   . ASN A 1 141 ? 16.231  -4.674  -6.484  1.00 38.49 ? 118  ASN A C   1 
ATOM   781  O  O   . ASN A 1 141 ? 15.060  -4.844  -6.844  1.00 38.68 ? 118  ASN A O   1 
ATOM   782  C  CB  . ASN A 1 141 ? 17.850  -5.512  -4.702  1.00 38.52 ? 118  ASN A CB  1 
ATOM   783  C  CG  . ASN A 1 141 ? 17.760  -6.933  -5.239  1.00 38.53 ? 118  ASN A CG  1 
ATOM   784  O  OD1 . ASN A 1 141 ? 17.275  -7.178  -6.348  1.00 37.34 ? 118  ASN A OD1 1 
ATOM   785  N  ND2 . ASN A 1 141 ? 18.253  -7.879  -4.451  1.00 38.64 ? 118  ASN A ND2 1 
ATOM   786  N  N   . LYS A 1 142 ? 17.231  -4.507  -7.332  1.00 38.22 ? 119  LYS A N   1 
ATOM   787  C  CA  . LYS A 1 142 ? 16.996  -4.102  -8.700  1.00 38.29 ? 119  LYS A CA  1 
ATOM   788  C  C   . LYS A 1 142 ? 16.837  -5.330  -9.598  1.00 37.97 ? 119  LYS A C   1 
ATOM   789  O  O   . LYS A 1 142 ? 16.498  -5.219  -10.770 1.00 38.19 ? 119  LYS A O   1 
ATOM   790  C  CB  . LYS A 1 142 ? 18.124  -3.143  -9.103  1.00 38.72 ? 119  LYS A CB  1 
ATOM   791  C  CG  . LYS A 1 142 ? 18.878  -2.599  -7.814  1.00 39.65 ? 119  LYS A CG  1 
ATOM   792  C  CD  . LYS A 1 142 ? 19.475  -1.195  -7.938  1.00 40.47 ? 119  LYS A CD  1 
ATOM   793  C  CE  . LYS A 1 142 ? 20.679  -1.193  -8.890  1.00 41.06 ? 119  LYS A CE  1 
ATOM   794  N  NZ  . LYS A 1 142 ? 21.613  -0.016  -8.766  1.00 40.78 ? 119  LYS A NZ  1 
ATOM   795  N  N   . GLN A 1 143 ? 17.049  -6.508  -9.012  1.00 37.87 ? 120  GLN A N   1 
ATOM   796  C  CA  A GLN A 1 143 ? 16.843  -7.794  -9.680  0.50 37.67 ? 120  GLN A CA  1 
ATOM   797  C  CA  B GLN A 1 143 ? 16.800  -7.794  -9.703  0.50 37.71 ? 120  GLN A CA  1 
ATOM   798  C  C   . GLN A 1 143 ? 15.433  -8.339  -9.326  1.00 37.99 ? 120  GLN A C   1 
ATOM   799  O  O   . GLN A 1 143 ? 14.910  -9.259  -9.966  1.00 38.00 ? 120  GLN A O   1 
ATOM   800  C  CB  A GLN A 1 143 ? 17.985  -8.771  -9.303  0.50 37.30 ? 120  GLN A CB  1 
ATOM   801  C  CB  B GLN A 1 143 ? 17.880  -8.843  -9.396  0.50 37.35 ? 120  GLN A CB  1 
ATOM   802  C  CG  A GLN A 1 143 ? 19.445  -8.298  -9.696  0.50 35.59 ? 120  GLN A CG  1 
ATOM   803  C  CG  B GLN A 1 143 ? 18.983  -8.942  -10.440 0.50 35.94 ? 120  GLN A CG  1 
ATOM   804  C  CD  A GLN A 1 143 ? 20.211  -7.508  -8.598  0.50 33.13 ? 120  GLN A CD  1 
ATOM   805  C  CD  B GLN A 1 143 ? 18.520  -9.600  -11.729 0.50 34.05 ? 120  GLN A CD  1 
ATOM   806  O  OE1 A GLN A 1 143 ? 20.381  -7.975  -7.478  0.50 31.67 ? 120  GLN A OE1 1 
ATOM   807  O  OE1 B GLN A 1 143 ? 17.636  -10.449 -11.726 0.50 32.89 ? 120  GLN A OE1 1 
ATOM   808  N  NE2 A GLN A 1 143 ? 20.696  -6.327  -8.947  0.50 32.14 ? 120  GLN A NE2 1 
ATOM   809  N  NE2 B GLN A 1 143 ? 19.125  -9.210  -12.837 0.50 33.67 ? 120  GLN A NE2 1 
ATOM   810  N  N   . GLN A 1 144 ? 14.833  -7.750  -8.294  1.00 38.47 ? 121  GLN A N   1 
ATOM   811  C  CA  . GLN A 1 144 ? 13.469  -8.086  -7.895  1.00 38.57 ? 121  GLN A CA  1 
ATOM   812  C  C   . GLN A 1 144 ? 12.477  -7.074  -8.483  1.00 38.73 ? 121  GLN A C   1 
ATOM   813  O  O   . GLN A 1 144 ? 11.256  -7.283  -8.396  1.00 39.13 ? 121  GLN A O   1 
ATOM   814  C  CB  . GLN A 1 144 ? 13.324  -8.117  -6.374  1.00 38.31 ? 121  GLN A CB  1 
ATOM   815  C  CG  . GLN A 1 144 ? 14.484  -8.697  -5.620  1.00 37.96 ? 121  GLN A CG  1 
ATOM   816  C  CD  . GLN A 1 144 ? 14.324  -8.485  -4.135  1.00 38.11 ? 121  GLN A CD  1 
ATOM   817  O  OE1 . GLN A 1 144 ? 14.989  -7.635  -3.538  1.00 36.31 ? 121  GLN A OE1 1 
ATOM   818  N  NE2 . GLN A 1 144 ? 13.404  -9.234  -3.529  1.00 38.31 ? 121  GLN A NE2 1 
ATOM   819  N  N   . ARG A 1 145 ? 12.972  -5.973  -9.062  1.00 38.31 ? 122  ARG A N   1 
ATOM   820  C  CA  . ARG A 1 145 ? 12.091  -5.133  -9.875  1.00 38.33 ? 122  ARG A CA  1 
ATOM   821  C  C   . ARG A 1 145 ? 11.549  -6.011  -11.024 1.00 38.19 ? 122  ARG A C   1 
ATOM   822  O  O   . ARG A 1 145 ? 10.355  -5.940  -11.375 1.00 38.13 ? 122  ARG A O   1 
ATOM   823  C  CB  . ARG A 1 145 ? 12.804  -3.897  -10.425 1.00 38.32 ? 122  ARG A CB  1 
ATOM   824  C  CG  . ARG A 1 145 ? 12.214  -3.445  -11.775 1.00 39.54 ? 122  ARG A CG  1 
ATOM   825  C  CD  . ARG A 1 145 ? 12.601  -2.050  -12.199 1.00 41.51 ? 122  ARG A CD  1 
ATOM   826  N  NE  . ARG A 1 145 ? 12.735  -1.151  -11.063 1.00 43.40 ? 122  ARG A NE  1 
ATOM   827  C  CZ  . ARG A 1 145 ? 13.353  0.020   -11.131 1.00 45.90 ? 122  ARG A CZ  1 
ATOM   828  N  NH1 . ARG A 1 145 ? 13.857  0.423   -12.287 1.00 47.19 ? 122  ARG A NH1 1 
ATOM   829  N  NH2 . ARG A 1 145 ? 13.473  0.792   -10.056 1.00 46.57 ? 122  ARG A NH2 1 
ATOM   830  N  N   . ARG A 1 146 ? 12.455  -6.842  -11.566 1.00 37.79 ? 123  ARG A N   1 
ATOM   831  C  CA  . ARG A 1 146 ? 12.179  -7.808  -12.621 1.00 36.82 ? 123  ARG A CA  1 
ATOM   832  C  C   . ARG A 1 146 ? 11.213  -8.882  -12.156 1.00 36.80 ? 123  ARG A C   1 
ATOM   833  O  O   . ARG A 1 146 ? 10.105  -8.948  -12.663 1.00 37.17 ? 123  ARG A O   1 
ATOM   834  C  CB  . ARG A 1 146 ? 13.474  -8.442  -13.154 1.00 36.65 ? 123  ARG A CB  1 
ATOM   835  C  CG  . ARG A 1 146 ? 13.242  -9.456  -14.267 1.00 34.88 ? 123  ARG A CG  1 
ATOM   836  C  CD  . ARG A 1 146 ? 14.500  -10.175 -14.707 1.00 32.07 ? 123  ARG A CD  1 
ATOM   837  N  NE  . ARG A 1 146 ? 14.181  -11.313 -15.575 1.00 28.23 ? 123  ARG A NE  1 
ATOM   838  C  CZ  . ARG A 1 146 ? 14.321  -12.591 -15.232 1.00 25.96 ? 123  ARG A CZ  1 
ATOM   839  N  NH1 . ARG A 1 146 ? 14.793  -12.926 -14.041 1.00 27.05 ? 123  ARG A NH1 1 
ATOM   840  N  NH2 . ARG A 1 146 ? 14.004  -13.546 -16.080 1.00 23.90 ? 123  ARG A NH2 1 
ATOM   841  N  N   . SER A 1 147 ? 11.598  -9.709  -11.192 1.00 36.64 ? 124  SER A N   1 
ATOM   842  C  CA  . SER A 1 147 ? 10.757  -10.877 -10.862 1.00 36.85 ? 124  SER A CA  1 
ATOM   843  C  C   . SER A 1 147 ? 9.645   -10.662 -9.797  1.00 35.95 ? 124  SER A C   1 
ATOM   844  O  O   . SER A 1 147 ? 8.739   -11.506 -9.630  1.00 35.77 ? 124  SER A O   1 
ATOM   845  C  CB  . SER A 1 147 ? 11.644  -12.082 -10.499 1.00 37.40 ? 124  SER A CB  1 
ATOM   846  O  OG  . SER A 1 147 ? 12.312  -11.865 -9.255  1.00 40.21 ? 124  SER A OG  1 
ATOM   847  N  N   . ASP A 1 148 ? 9.690   -9.538  -9.091  1.00 34.82 ? 125  ASP A N   1 
ATOM   848  C  CA  . ASP A 1 148 ? 8.832   -9.399  -7.921  1.00 33.85 ? 125  ASP A CA  1 
ATOM   849  C  C   . ASP A 1 148 ? 7.910   -8.188  -7.830  1.00 32.09 ? 125  ASP A C   1 
ATOM   850  O  O   . ASP A 1 148 ? 6.809   -8.285  -7.287  1.00 31.73 ? 125  ASP A O   1 
ATOM   851  C  CB  . ASP A 1 148 ? 9.691   -9.450  -6.662  1.00 34.51 ? 125  ASP A CB  1 
ATOM   852  C  CG  . ASP A 1 148 ? 10.271  -10.823 -6.400  1.00 36.44 ? 125  ASP A CG  1 
ATOM   853  O  OD1 . ASP A 1 148 ? 9.690   -11.835 -6.883  1.00 36.60 ? 125  ASP A OD1 1 
ATOM   854  O  OD2 . ASP A 1 148 ? 11.304  -10.871 -5.678  1.00 39.60 ? 125  ASP A OD2 1 
ATOM   855  N  N   . LEU A 1 149 ? 8.374   -7.052  -8.314  1.00 30.01 ? 126  LEU A N   1 
ATOM   856  C  CA  . LEU A 1 149 ? 7.696   -5.805  -8.040  1.00 28.74 ? 126  LEU A CA  1 
ATOM   857  C  C   . LEU A 1 149 ? 6.189   -5.817  -8.352  1.00 27.97 ? 126  LEU A C   1 
ATOM   858  O  O   . LEU A 1 149 ? 5.363   -5.567  -7.476  1.00 27.62 ? 126  LEU A O   1 
ATOM   859  C  CB  . LEU A 1 149 ? 8.392   -4.660  -8.781  1.00 28.91 ? 126  LEU A CB  1 
ATOM   860  C  CG  . LEU A 1 149 ? 7.851   -3.240  -8.591  1.00 27.84 ? 126  LEU A CG  1 
ATOM   861  C  CD1 . LEU A 1 149 ? 8.079   -2.723  -7.197  1.00 26.23 ? 126  LEU A CD1 1 
ATOM   862  C  CD2 . LEU A 1 149 ? 8.542   -2.358  -9.587  1.00 29.00 ? 126  LEU A CD2 1 
ATOM   863  N  N   . ASP A 1 150 ? 5.838   -6.098  -9.601  1.00 26.97 ? 127  ASP A N   1 
ATOM   864  C  CA  . ASP A 1 150 ? 4.467   -6.013  -10.032 1.00 25.94 ? 127  ASP A CA  1 
ATOM   865  C  C   . ASP A 1 150 ? 3.551   -6.950  -9.268  1.00 26.11 ? 127  ASP A C   1 
ATOM   866  O  O   . ASP A 1 150 ? 2.445   -6.563  -8.920  1.00 26.94 ? 127  ASP A O   1 
ATOM   867  C  CB  . ASP A 1 150 ? 4.386   -6.226  -11.521 1.00 25.35 ? 127  ASP A CB  1 
ATOM   868  C  CG  . ASP A 1 150 ? 5.032   -5.092  -12.290 1.00 26.25 ? 127  ASP A CG  1 
ATOM   869  O  OD1 . ASP A 1 150 ? 5.317   -5.271  -13.501 1.00 25.66 ? 127  ASP A OD1 1 
ATOM   870  O  OD2 . ASP A 1 150 ? 5.257   -4.009  -11.683 1.00 25.30 ? 127  ASP A OD2 1 
ATOM   871  N  N   . ARG A 1 151 ? 4.007   -8.160  -8.967  1.00 25.82 ? 128  ARG A N   1 
ATOM   872  C  CA  . ARG A 1 151 ? 3.179   -9.102  -8.240  1.00 25.72 ? 128  ARG A CA  1 
ATOM   873  C  C   . ARG A 1 151 ? 3.187   -8.831  -6.741  1.00 25.29 ? 128  ARG A C   1 
ATOM   874  O  O   . ARG A 1 151 ? 2.250   -9.219  -6.040  1.00 25.98 ? 128  ARG A O   1 
ATOM   875  C  CB  . ARG A 1 151 ? 3.536   -10.564 -8.562  1.00 26.25 ? 128  ARG A CB  1 
ATOM   876  C  CG  . ARG A 1 151 ? 4.959   -10.950 -8.257  1.00 29.00 ? 128  ARG A CG  1 
ATOM   877  C  CD  . ARG A 1 151 ? 5.230   -12.441 -8.517  1.00 33.19 ? 128  ARG A CD  1 
ATOM   878  N  NE  . ARG A 1 151 ? 6.507   -12.846 -7.913  1.00 33.30 ? 128  ARG A NE  1 
ATOM   879  C  CZ  . ARG A 1 151 ? 6.620   -13.278 -6.656  1.00 34.66 ? 128  ARG A CZ  1 
ATOM   880  N  NH1 . ARG A 1 151 ? 7.807   -13.598 -6.172  1.00 34.40 ? 128  ARG A NH1 1 
ATOM   881  N  NH2 . ARG A 1 151 ? 5.543   -13.377 -5.870  1.00 34.67 ? 128  ARG A NH2 1 
ATOM   882  N  N   . PHE A 1 152 ? 4.219   -8.165  -6.231  1.00 24.33 ? 129  PHE A N   1 
ATOM   883  C  CA  . PHE A 1 152 ? 4.195   -7.750  -4.812  1.00 23.21 ? 129  PHE A CA  1 
ATOM   884  C  C   . PHE A 1 152 ? 3.222   -6.615  -4.597  1.00 22.54 ? 129  PHE A C   1 
ATOM   885  O  O   . PHE A 1 152 ? 2.422   -6.636  -3.657  1.00 22.53 ? 129  PHE A O   1 
ATOM   886  C  CB  . PHE A 1 152 ? 5.578   -7.352  -4.308  1.00 23.19 ? 129  PHE A CB  1 
ATOM   887  C  CG  . PHE A 1 152 ? 6.428   -8.510  -3.902  1.00 23.18 ? 129  PHE A CG  1 
ATOM   888  C  CD1 . PHE A 1 152 ? 7.617   -8.297  -3.254  1.00 23.24 ? 129  PHE A CD1 1 
ATOM   889  C  CD2 . PHE A 1 152 ? 6.028   -9.819  -4.165  1.00 24.22 ? 129  PHE A CD2 1 
ATOM   890  C  CE1 . PHE A 1 152 ? 8.402   -9.356  -2.889  1.00 24.78 ? 129  PHE A CE1 1 
ATOM   891  C  CE2 . PHE A 1 152 ? 6.792   -10.884 -3.799  1.00 22.93 ? 129  PHE A CE2 1 
ATOM   892  C  CZ  . PHE A 1 152 ? 7.986   -10.659 -3.162  1.00 24.46 ? 129  PHE A CZ  1 
ATOM   893  N  N   . TRP A 1 153 ? 3.284   -5.632  -5.484  1.00 21.91 ? 130  TRP A N   1 
ATOM   894  C  CA  . TRP A 1 153 ? 2.331   -4.541  -5.468  1.00 21.46 ? 130  TRP A CA  1 
ATOM   895  C  C   . TRP A 1 153 ? 0.885   -5.022  -5.664  1.00 21.52 ? 130  TRP A C   1 
ATOM   896  O  O   . TRP A 1 153 ? -0.033  -4.540  -4.972  1.00 21.73 ? 130  TRP A O   1 
ATOM   897  C  CB  . TRP A 1 153 ? 2.693   -3.462  -6.500  1.00 21.31 ? 130  TRP A CB  1 
ATOM   898  C  CG  . TRP A 1 153 ? 1.739   -2.336  -6.472  1.00 20.08 ? 130  TRP A CG  1 
ATOM   899  C  CD1 . TRP A 1 153 ? 0.906   -1.945  -7.481  1.00 20.29 ? 130  TRP A CD1 1 
ATOM   900  C  CD2 . TRP A 1 153 ? 1.466   -1.475  -5.362  1.00 18.45 ? 130  TRP A CD2 1 
ATOM   901  N  NE1 . TRP A 1 153 ? 0.131   -0.880  -7.068  1.00 20.70 ? 130  TRP A NE1 1 
ATOM   902  C  CE2 . TRP A 1 153 ? 0.460   -0.569  -5.773  1.00 19.77 ? 130  TRP A CE2 1 
ATOM   903  C  CE3 . TRP A 1 153 ? 1.973   -1.375  -4.073  1.00 17.38 ? 130  TRP A CE3 1 
ATOM   904  C  CZ2 . TRP A 1 153 ? -0.053  0.414   -4.928  1.00 18.92 ? 130  TRP A CZ2 1 
ATOM   905  C  CZ3 . TRP A 1 153 ? 1.464   -0.389  -3.230  1.00 18.74 ? 130  TRP A CZ3 1 
ATOM   906  C  CH2 . TRP A 1 153 ? 0.462   0.486   -3.659  1.00 18.97 ? 130  TRP A CH2 1 
ATOM   907  N  N   . LEU A 1 154 ? 0.659   -5.962  -6.583  1.00 20.72 ? 131  LEU A N   1 
ATOM   908  C  CA  . LEU A 1 154 ? -0.727  -6.352  -6.823  1.00 20.51 ? 131  LEU A CA  1 
ATOM   909  C  C   . LEU A 1 154 ? -1.242  -7.118  -5.623  1.00 20.90 ? 131  LEU A C   1 
ATOM   910  O  O   . LEU A 1 154 ? -2.341  -6.856  -5.134  1.00 21.35 ? 131  LEU A O   1 
ATOM   911  C  CB  . LEU A 1 154 ? -0.903  -7.142  -8.118  1.00 19.97 ? 131  LEU A CB  1 
ATOM   912  C  CG  . LEU A 1 154 ? -2.295  -7.717  -8.381  1.00 18.70 ? 131  LEU A CG  1 
ATOM   913  C  CD1 . LEU A 1 154 ? -3.323  -6.621  -8.472  1.00 19.15 ? 131  LEU A CD1 1 
ATOM   914  C  CD2 . LEU A 1 154 ? -2.282  -8.517  -9.652  1.00 16.88 ? 131  LEU A CD2 1 
ATOM   915  N  N   . GLU A 1 155 ? -0.434  -8.047  -5.137  1.00 20.98 ? 132  GLU A N   1 
ATOM   916  C  CA  . GLU A 1 155 ? -0.796  -8.783  -3.961  1.00 21.58 ? 132  GLU A CA  1 
ATOM   917  C  C   . GLU A 1 155 ? -1.080  -7.787  -2.838  1.00 21.46 ? 132  GLU A C   1 
ATOM   918  O  O   . GLU A 1 155 ? -2.039  -7.949  -2.078  1.00 22.43 ? 132  GLU A O   1 
ATOM   919  C  CB  . GLU A 1 155 ? 0.317   -9.744  -3.554  1.00 22.00 ? 132  GLU A CB  1 
ATOM   920  C  CG  . GLU A 1 155 ? -0.068  -10.614 -2.367  1.00 25.59 ? 132  GLU A CG  1 
ATOM   921  C  CD  . GLU A 1 155 ? -1.324  -11.467 -2.633  1.00 30.89 ? 132  GLU A CD  1 
ATOM   922  O  OE1 . GLU A 1 155 ? -1.513  -11.917 -3.807  1.00 32.00 ? 132  GLU A OE1 1 
ATOM   923  O  OE2 . GLU A 1 155 ? -2.117  -11.674 -1.665  1.00 32.10 ? 132  GLU A OE2 1 
ATOM   924  N  N   . THR A 1 156 ? -0.270  -6.743  -2.728  1.00 20.18 ? 133  THR A N   1 
ATOM   925  C  CA  . THR A 1 156 ? -0.554  -5.745  -1.720  1.00 19.12 ? 133  THR A CA  1 
ATOM   926  C  C   . THR A 1 156 ? -1.941  -5.126  -1.951  1.00 18.96 ? 133  THR A C   1 
ATOM   927  O  O   . THR A 1 156 ? -2.728  -5.010  -1.020  1.00 19.20 ? 133  THR A O   1 
ATOM   928  C  CB  . THR A 1 156 ? 0.548   -4.676  -1.669  1.00 19.05 ? 133  THR A CB  1 
ATOM   929  O  OG1 . THR A 1 156 ? 1.782   -5.310  -1.305  1.00 18.45 ? 133  THR A OG1 1 
ATOM   930  C  CG2 . THR A 1 156 ? 0.198   -3.560  -0.680  1.00 16.91 ? 133  THR A CG2 1 
ATOM   931  N  N   . LEU A 1 157 ? -2.244  -4.738  -3.179  1.00 18.18 ? 134  LEU A N   1 
ATOM   932  C  CA  . LEU A 1 157 ? -3.512  -4.100  -3.441  1.00 18.13 ? 134  LEU A CA  1 
ATOM   933  C  C   . LEU A 1 157 ? -4.661  -5.001  -3.016  1.00 18.36 ? 134  LEU A C   1 
ATOM   934  O  O   . LEU A 1 157 ? -5.596  -4.523  -2.341  1.00 18.14 ? 134  LEU A O   1 
ATOM   935  C  CB  . LEU A 1 157 ? -3.656  -3.803  -4.929  1.00 18.33 ? 134  LEU A CB  1 
ATOM   936  C  CG  . LEU A 1 157 ? -2.748  -2.734  -5.486  1.00 18.09 ? 134  LEU A CG  1 
ATOM   937  C  CD1 . LEU A 1 157 ? -2.780  -2.800  -6.984  1.00 16.41 ? 134  LEU A CD1 1 
ATOM   938  C  CD2 . LEU A 1 157 ? -3.212  -1.392  -4.953  1.00 16.62 ? 134  LEU A CD2 1 
ATOM   939  N  N   . LEU A 1 158 ? -4.584  -6.286  -3.422  1.00 17.99 ? 135  LEU A N   1 
ATOM   940  C  CA  . LEU A 1 158 ? -5.621  -7.285  -3.159  1.00 18.13 ? 135  LEU A CA  1 
ATOM   941  C  C   . LEU A 1 158 ? -5.703  -7.675  -1.689  1.00 18.85 ? 135  LEU A C   1 
ATOM   942  O  O   . LEU A 1 158 ? -6.685  -8.273  -1.251  1.00 18.79 ? 135  LEU A O   1 
ATOM   943  C  CB  . LEU A 1 158 ? -5.359  -8.556  -3.935  1.00 17.74 ? 135  LEU A CB  1 
ATOM   944  C  CG  . LEU A 1 158 ? -5.174  -8.669  -5.435  1.00 18.71 ? 135  LEU A CG  1 
ATOM   945  C  CD1 . LEU A 1 158 ? -5.238  -10.152 -5.789  1.00 17.41 ? 135  LEU A CD1 1 
ATOM   946  C  CD2 . LEU A 1 158 ? -6.218  -7.870  -6.204  1.00 19.88 ? 135  LEU A CD2 1 
ATOM   947  N  N   . CYS A 1 159 ? -4.637  -7.394  -0.950  1.00 19.82 ? 136  CYS A N   1 
ATOM   948  C  CA  . CYS A 1 159 ? -4.627  -7.551  0.489   1.00 21.17 ? 136  CYS A CA  1 
ATOM   949  C  C   . CYS A 1 159 ? -5.456  -6.455  1.144   1.00 21.30 ? 136  CYS A C   1 
ATOM   950  O  O   . CYS A 1 159 ? -6.200  -6.717  2.085   1.00 22.13 ? 136  CYS A O   1 
ATOM   951  C  CB  . CYS A 1 159 ? -3.197  -7.510  1.028   1.00 21.36 ? 136  CYS A CB  1 
ATOM   952  S  SG  . CYS A 1 159 ? -2.327  -9.100  1.069   1.00 24.99 ? 136  CYS A SG  1 
ATOM   953  N  N   . LEU A 1 160 ? -5.326  -5.232  0.655   1.00 21.01 ? 137  LEU A N   1 
ATOM   954  C  CA  . LEU A 1 160 ? -6.030  -4.135  1.261   1.00 21.28 ? 137  LEU A CA  1 
ATOM   955  C  C   . LEU A 1 160 ? -7.531  -4.251  1.018   1.00 21.55 ? 137  LEU A C   1 
ATOM   956  O  O   . LEU A 1 160 ? -8.308  -4.268  1.977   1.00 22.21 ? 137  LEU A O   1 
ATOM   957  C  CB  . LEU A 1 160 ? -5.519  -2.784  0.750   1.00 21.15 ? 137  LEU A CB  1 
ATOM   958  C  CG  . LEU A 1 160 ? -4.044  -2.399  0.803   1.00 21.60 ? 137  LEU A CG  1 
ATOM   959  C  CD1 . LEU A 1 160 ? -3.909  -0.895  0.658   1.00 22.00 ? 137  LEU A CD1 1 
ATOM   960  C  CD2 . LEU A 1 160 ? -3.364  -2.849  2.081   1.00 23.38 ? 137  LEU A CD2 1 
ATOM   961  N  N   . ILE A 1 161 ? -7.929  -4.343  -0.254  1.00 21.36 ? 138  ILE A N   1 
ATOM   962  C  CA  . ILE A 1 161 ? -9.335  -4.184  -0.661  1.00 20.57 ? 138  ILE A CA  1 
ATOM   963  C  C   . ILE A 1 161 ? -10.139 -5.443  -0.347  1.00 21.13 ? 138  ILE A C   1 
ATOM   964  O  O   . ILE A 1 161 ? -11.347 -5.382  -0.100  1.00 20.12 ? 138  ILE A O   1 
ATOM   965  C  CB  . ILE A 1 161 ? -9.462  -3.811  -2.180  1.00 20.20 ? 138  ILE A CB  1 
ATOM   966  C  CG1 . ILE A 1 161 ? -9.016  -4.950  -3.084  1.00 18.16 ? 138  ILE A CG1 1 
ATOM   967  C  CG2 . ILE A 1 161 ? -8.634  -2.576  -2.520  1.00 19.92 ? 138  ILE A CG2 1 
ATOM   968  C  CD1 . ILE A 1 161 ? -9.333  -4.721  -4.541  1.00 16.58 ? 138  ILE A CD1 1 
ATOM   969  N  N   . GLY A 1 162 ? -9.438  -6.581  -0.365  1.00 22.09 ? 139  GLY A N   1 
ATOM   970  C  CA  . GLY A 1 162 ? -10.007 -7.884  -0.018  1.00 23.52 ? 139  GLY A CA  1 
ATOM   971  C  C   . GLY A 1 162 ? -9.958  -8.147  1.484   1.00 24.79 ? 139  GLY A C   1 
ATOM   972  O  O   . GLY A 1 162 ? -10.365 -9.228  1.947   1.00 24.54 ? 139  GLY A O   1 
ATOM   973  N  N   . GLU A 1 163 ? -9.447  -7.152  2.222   1.00 25.95 ? 140  GLU A N   1 
ATOM   974  C  CA  . GLU A 1 163 ? -9.464  -7.079  3.693   1.00 27.44 ? 140  GLU A CA  1 
ATOM   975  C  C   . GLU A 1 163 ? -8.802  -8.290  4.358   1.00 28.28 ? 140  GLU A C   1 
ATOM   976  O  O   . GLU A 1 163 ? -9.353  -8.866  5.303   1.00 28.71 ? 140  GLU A O   1 
ATOM   977  C  CB  . GLU A 1 163 ? -10.896 -6.887  4.226   1.00 27.34 ? 140  GLU A CB  1 
ATOM   978  C  CG  . GLU A 1 163 ? -11.647 -5.661  3.689   1.00 28.80 ? 140  GLU A CG  1 
ATOM   979  C  CD  . GLU A 1 163 ? -11.205 -4.317  4.291   1.00 30.21 ? 140  GLU A CD  1 
ATOM   980  O  OE1 . GLU A 1 163 ? -10.938 -4.226  5.513   1.00 31.73 ? 140  GLU A OE1 1 
ATOM   981  O  OE2 . GLU A 1 163 ? -11.157 -3.330  3.529   1.00 29.86 ? 140  GLU A OE2 1 
ATOM   982  N  N   . SER A 1 164 ? -7.621  -8.661  3.876   1.00 28.90 ? 141  SER A N   1 
ATOM   983  C  CA  . SER A 1 164 ? -7.037  -9.945  4.209   1.00 29.75 ? 141  SER A CA  1 
ATOM   984  C  C   . SER A 1 164 ? -6.556  -10.025 5.639   1.00 30.70 ? 141  SER A C   1 
ATOM   985  O  O   . SER A 1 164 ? -6.130  -11.082 6.108   1.00 30.55 ? 141  SER A O   1 
ATOM   986  C  CB  . SER A 1 164 ? -5.896  -10.234 3.255   1.00 29.73 ? 141  SER A CB  1 
ATOM   987  O  OG  . SER A 1 164 ? -6.387  -10.195 1.940   1.00 30.66 ? 141  SER A OG  1 
ATOM   988  N  N   . PHE A 1 165 ? -6.622  -8.898  6.336   1.00 32.20 ? 142  PHE A N   1 
ATOM   989  C  CA  . PHE A 1 165 ? -6.125  -8.826  7.698   1.00 33.65 ? 142  PHE A CA  1 
ATOM   990  C  C   . PHE A 1 165 ? -7.225  -9.051  8.756   1.00 35.38 ? 142  PHE A C   1 
ATOM   991  O  O   . PHE A 1 165 ? -7.013  -8.791  9.948   1.00 35.67 ? 142  PHE A O   1 
ATOM   992  C  CB  . PHE A 1 165 ? -5.404  -7.493  7.899   1.00 33.35 ? 142  PHE A CB  1 
ATOM   993  C  CG  . PHE A 1 165 ? -4.294  -7.257  6.914   1.00 32.00 ? 142  PHE A CG  1 
ATOM   994  C  CD1 . PHE A 1 165 ? -4.380  -6.226  5.989   1.00 32.23 ? 142  PHE A CD1 1 
ATOM   995  C  CD2 . PHE A 1 165 ? -3.175  -8.078  6.896   1.00 30.75 ? 142  PHE A CD2 1 
ATOM   996  C  CE1 . PHE A 1 165 ? -3.347  -6.002  5.066   1.00 31.56 ? 142  PHE A CE1 1 
ATOM   997  C  CE2 . PHE A 1 165 ? -2.145  -7.868  5.973   1.00 31.25 ? 142  PHE A CE2 1 
ATOM   998  C  CZ  . PHE A 1 165 ? -2.227  -6.826  5.060   1.00 30.73 ? 142  PHE A CZ  1 
ATOM   999  N  N   . ASP A 1 166 ? -8.387  -9.525  8.295   1.00 37.07 ? 143  ASP A N   1 
ATOM   1000 C  CA  . ASP A 1 166 ? -9.523  -9.856  9.125   1.00 39.06 ? 143  ASP A CA  1 
ATOM   1001 C  C   . ASP A 1 166 ? -9.821  -8.768  10.165  1.00 39.66 ? 143  ASP A C   1 
ATOM   1002 O  O   . ASP A 1 166 ? -10.033 -7.615  9.795   1.00 39.70 ? 143  ASP A O   1 
ATOM   1003 C  CB  . ASP A 1 166 ? -9.309  -11.228 9.770   1.00 39.87 ? 143  ASP A CB  1 
ATOM   1004 C  CG  . ASP A 1 166 ? -10.627 -12.024 9.927   1.00 44.50 ? 143  ASP A CG  1 
ATOM   1005 O  OD1 . ASP A 1 166 ? -11.651 -11.459 10.422  1.00 48.43 ? 143  ASP A OD1 1 
ATOM   1006 O  OD2 . ASP A 1 166 ? -10.639 -13.232 9.563   1.00 48.63 ? 143  ASP A OD2 1 
ATOM   1007 N  N   . ASP A 1 167 ? -9.827  -9.141  11.454  1.00 40.59 ? 144  ASP A N   1 
ATOM   1008 C  CA  . ASP A 1 167 ? -10.096 -8.216  12.569  1.00 41.08 ? 144  ASP A CA  1 
ATOM   1009 C  C   . ASP A 1 167 ? -9.212  -6.983  12.410  1.00 41.34 ? 144  ASP A C   1 
ATOM   1010 O  O   . ASP A 1 167 ? -9.713  -5.859  12.298  1.00 42.21 ? 144  ASP A O   1 
ATOM   1011 C  CB  . ASP A 1 167 ? -9.833  -8.868  13.946  1.00 40.95 ? 144  ASP A CB  1 
ATOM   1012 C  CG  . ASP A 1 167 ? -10.511 -10.245 14.119  1.00 41.90 ? 144  ASP A CG  1 
ATOM   1013 O  OD1 . ASP A 1 167 ? -11.734 -10.353 13.844  1.00 39.79 ? 144  ASP A OD1 1 
ATOM   1014 O  OD2 . ASP A 1 167 ? -9.810  -11.219 14.546  1.00 43.73 ? 144  ASP A OD2 1 
ATOM   1015 N  N   . TYR A 1 168 ? -7.900  -7.205  12.346  1.00 41.25 ? 145  TYR A N   1 
ATOM   1016 C  CA  . TYR A 1 168 ? -6.905  -6.125  12.211  1.00 41.11 ? 145  TYR A CA  1 
ATOM   1017 C  C   . TYR A 1 168 ? -7.105  -5.185  11.016  1.00 40.58 ? 145  TYR A C   1 
ATOM   1018 O  O   . TYR A 1 168 ? -6.506  -4.108  10.981  1.00 40.67 ? 145  TYR A O   1 
ATOM   1019 C  CB  . TYR A 1 168 ? -5.477  -6.697  12.229  1.00 41.17 ? 145  TYR A CB  1 
ATOM   1020 C  CG  . TYR A 1 168 ? -5.314  -7.696  13.345  1.00 43.24 ? 145  TYR A CG  1 
ATOM   1021 C  CD1 . TYR A 1 168 ? -5.098  -9.069  13.072  1.00 44.78 ? 145  TYR A CD1 1 
ATOM   1022 C  CD2 . TYR A 1 168 ? -5.440  -7.292  14.688  1.00 43.56 ? 145  TYR A CD2 1 
ATOM   1023 C  CE1 . TYR A 1 168 ? -4.980  -10.009 14.125  1.00 44.89 ? 145  TYR A CE1 1 
ATOM   1024 C  CE2 . TYR A 1 168 ? -5.337  -8.216  15.736  1.00 43.96 ? 145  TYR A CE2 1 
ATOM   1025 C  CZ  . TYR A 1 168 ? -5.107  -9.568  15.455  1.00 45.19 ? 145  TYR A CZ  1 
ATOM   1026 O  OH  . TYR A 1 168 ? -5.011  -10.464 16.505  1.00 46.89 ? 145  TYR A OH  1 
ATOM   1027 N  N   . SER A 1 169 ? -7.956  -5.553  10.059  1.00 39.56 ? 146  SER A N   1 
ATOM   1028 C  CA  . SER A 1 169 ? -8.121  -4.697  8.888   1.00 38.62 ? 146  SER A CA  1 
ATOM   1029 C  C   . SER A 1 169 ? -8.467  -3.236  9.237   1.00 37.96 ? 146  SER A C   1 
ATOM   1030 O  O   . SER A 1 169 ? -8.207  -2.340  8.454   1.00 38.10 ? 146  SER A O   1 
ATOM   1031 C  CB  . SER A 1 169 ? -9.058  -5.326  7.844   1.00 38.68 ? 146  SER A CB  1 
ATOM   1032 O  OG  A SER A 1 169 ? -8.324  -6.158  6.951   0.50 37.89 ? 146  SER A OG  1 
ATOM   1033 O  OG  B SER A 1 169 ? -10.414 -5.259  8.250   0.50 38.41 ? 146  SER A OG  1 
ATOM   1034 N  N   . ASP A 1 170 ? -8.984  -2.973  10.423  1.00 37.29 ? 147  ASP A N   1 
ATOM   1035 C  CA  . ASP A 1 170 ? -9.198  -1.585  10.804  1.00 37.34 ? 147  ASP A CA  1 
ATOM   1036 C  C   . ASP A 1 170 ? -7.936  -0.730  10.910  1.00 36.62 ? 147  ASP A C   1 
ATOM   1037 O  O   . ASP A 1 170 ? -7.936  0.416   10.503  1.00 37.05 ? 147  ASP A O   1 
ATOM   1038 C  CB  . ASP A 1 170 ? -9.987  -1.489  12.097  1.00 37.97 ? 147  ASP A CB  1 
ATOM   1039 C  CG  . ASP A 1 170 ? -11.452 -1.243  11.851  1.00 40.28 ? 147  ASP A CG  1 
ATOM   1040 O  OD1 . ASP A 1 170 ? -11.906 -1.311  10.684  1.00 41.77 ? 147  ASP A OD1 1 
ATOM   1041 O  OD2 . ASP A 1 170 ? -12.162 -0.975  12.831  1.00 43.28 ? 147  ASP A OD2 1 
ATOM   1042 N  N   . ASP A 1 171 ? -6.868  -1.286  11.463  1.00 35.74 ? 148  ASP A N   1 
ATOM   1043 C  CA  . ASP A 1 171 ? -5.603  -0.571  11.628  1.00 34.39 ? 148  ASP A CA  1 
ATOM   1044 C  C   . ASP A 1 171 ? -4.881  -0.277  10.317  1.00 33.35 ? 148  ASP A C   1 
ATOM   1045 O  O   . ASP A 1 171 ? -3.890  0.452   10.321  1.00 33.30 ? 148  ASP A O   1 
ATOM   1046 C  CB  . ASP A 1 171 ? -4.658  -1.379  12.513  1.00 34.76 ? 148  ASP A CB  1 
ATOM   1047 C  CG  . ASP A 1 171 ? -4.978  -1.246  13.989  1.00 36.58 ? 148  ASP A CG  1 
ATOM   1048 O  OD1 . ASP A 1 171 ? -6.114  -1.592  14.395  1.00 37.88 ? 148  ASP A OD1 1 
ATOM   1049 O  OD2 . ASP A 1 171 ? -4.081  -0.806  14.749  1.00 38.72 ? 148  ASP A OD2 1 
ATOM   1050 N  N   . VAL A 1 172 ? -5.348  -0.849  9.204   1.00 31.77 ? 149  VAL A N   1 
ATOM   1051 C  CA  . VAL A 1 172 ? -4.728  -0.597  7.897   1.00 30.27 ? 149  VAL A CA  1 
ATOM   1052 C  C   . VAL A 1 172 ? -5.189  0.760   7.330   1.00 29.46 ? 149  VAL A C   1 
ATOM   1053 O  O   . VAL A 1 172 ? -6.380  1.072   7.331   1.00 29.27 ? 149  VAL A O   1 
ATOM   1054 C  CB  . VAL A 1 172 ? -5.032  -1.733  6.885   1.00 30.32 ? 149  VAL A CB  1 
ATOM   1055 C  CG1 . VAL A 1 172 ? -4.442  -1.424  5.513   1.00 30.17 ? 149  VAL A CG1 1 
ATOM   1056 C  CG2 . VAL A 1 172 ? -4.519  -3.055  7.389   1.00 29.50 ? 149  VAL A CG2 1 
ATOM   1057 N  N   . CYS A 1 173 ? -4.245  1.563   6.862   1.00 27.96 ? 150  CYS A N   1 
ATOM   1058 C  CA  . CYS A 1 173 ? -4.599  2.811   6.244   1.00 27.36 ? 150  CYS A CA  1 
ATOM   1059 C  C   . CYS A 1 173 ? -4.437  2.783   4.729   1.00 26.68 ? 150  CYS A C   1 
ATOM   1060 O  O   . CYS A 1 173 ? -5.283  3.317   4.020   1.00 26.70 ? 150  CYS A O   1 
ATOM   1061 C  CB  . CYS A 1 173 ? -3.758  3.949   6.802   1.00 27.89 ? 150  CYS A CB  1 
ATOM   1062 S  SG  . CYS A 1 173 ? -3.735  4.084   8.578   1.00 29.47 ? 150  CYS A SG  1 
ATOM   1063 N  N   . GLY A 1 174 ? -3.348  2.189   4.235   1.00 25.72 ? 151  GLY A N   1 
ATOM   1064 C  CA  . GLY A 1 174 ? -3.062  2.155   2.790   1.00 24.62 ? 151  GLY A CA  1 
ATOM   1065 C  C   . GLY A 1 174 ? -1.695  1.572   2.493   1.00 24.18 ? 151  GLY A C   1 
ATOM   1066 O  O   . GLY A 1 174 ? -1.072  0.984   3.380   1.00 24.61 ? 151  GLY A O   1 
ATOM   1067 N  N   . ALA A 1 175 ? -1.212  1.726   1.269   1.00 23.18 ? 152  ALA A N   1 
ATOM   1068 C  CA  . ALA A 1 175 ? 0.094   1.177   0.923   1.00 23.25 ? 152  ALA A CA  1 
ATOM   1069 C  C   . ALA A 1 175 ? 0.833   2.025   -0.134  1.00 23.63 ? 152  ALA A C   1 
ATOM   1070 O  O   . ALA A 1 175 ? 0.199   2.775   -0.889  1.00 24.24 ? 152  ALA A O   1 
ATOM   1071 C  CB  . ALA A 1 175 ? -0.046  -0.273  0.476   1.00 22.83 ? 152  ALA A CB  1 
ATOM   1072 N  N   . VAL A 1 176 ? 2.165   1.927   -0.190  1.00 23.15 ? 153  VAL A N   1 
ATOM   1073 C  CA  . VAL A 1 176 ? 2.933   2.739   -1.129  1.00 22.64 ? 153  VAL A CA  1 
ATOM   1074 C  C   . VAL A 1 176 ? 3.992   1.916   -1.870  1.00 23.51 ? 153  VAL A C   1 
ATOM   1075 O  O   . VAL A 1 176 ? 4.687   1.083   -1.258  1.00 23.79 ? 153  VAL A O   1 
ATOM   1076 C  CB  . VAL A 1 176 ? 3.597   3.939   -0.432  1.00 22.32 ? 153  VAL A CB  1 
ATOM   1077 C  CG1 . VAL A 1 176 ? 4.440   4.729   -1.416  1.00 21.74 ? 153  VAL A CG1 1 
ATOM   1078 C  CG2 . VAL A 1 176 ? 2.561   4.832   0.209   1.00 20.84 ? 153  VAL A CG2 1 
ATOM   1079 N  N   . VAL A 1 177 ? 4.092   2.140   -3.188  1.00 23.64 ? 154  VAL A N   1 
ATOM   1080 C  CA  . VAL A 1 177 ? 5.146   1.556   -4.010  1.00 23.40 ? 154  VAL A CA  1 
ATOM   1081 C  C   . VAL A 1 177 ? 5.986   2.680   -4.541  1.00 23.95 ? 154  VAL A C   1 
ATOM   1082 O  O   . VAL A 1 177 ? 5.508   3.546   -5.275  1.00 23.80 ? 154  VAL A O   1 
ATOM   1083 C  CB  . VAL A 1 177 ? 4.609   0.722   -5.192  1.00 23.58 ? 154  VAL A CB  1 
ATOM   1084 C  CG1 . VAL A 1 177 ? 3.729   1.565   -6.104  1.00 23.34 ? 154  VAL A CG1 1 
ATOM   1085 C  CG2 . VAL A 1 177 ? 5.748   0.120   -5.983  1.00 22.27 ? 154  VAL A CG2 1 
ATOM   1086 N  N   . ASN A 1 178 ? 7.250   2.660   -4.150  1.00 24.97 ? 155  ASN A N   1 
ATOM   1087 C  CA  . ASN A 1 178 ? 8.210   3.615   -4.627  1.00 25.91 ? 155  ASN A CA  1 
ATOM   1088 C  C   . ASN A 1 178 ? 9.041   2.968   -5.683  1.00 26.97 ? 155  ASN A C   1 
ATOM   1089 O  O   . ASN A 1 178 ? 9.677   1.973   -5.421  1.00 27.20 ? 155  ASN A O   1 
ATOM   1090 C  CB  . ASN A 1 178 ? 9.118   4.067   -3.496  1.00 25.60 ? 155  ASN A CB  1 
ATOM   1091 C  CG  . ASN A 1 178 ? 8.360   4.720   -2.378  1.00 25.27 ? 155  ASN A CG  1 
ATOM   1092 O  OD1 . ASN A 1 178 ? 8.327   4.197   -1.267  1.00 25.62 ? 155  ASN A OD1 1 
ATOM   1093 N  ND2 . ASN A 1 178 ? 7.729   5.859   -2.661  1.00 23.43 ? 155  ASN A ND2 1 
ATOM   1094 N  N   . VAL A 1 179 ? 9.008   3.528   -6.884  1.00 28.61 ? 156  VAL A N   1 
ATOM   1095 C  CA  . VAL A 1 179 ? 9.962   3.200   -7.928  1.00 30.00 ? 156  VAL A CA  1 
ATOM   1096 C  C   . VAL A 1 179 ? 11.164  4.140   -7.803  1.00 31.24 ? 156  VAL A C   1 
ATOM   1097 O  O   . VAL A 1 179 ? 11.030  5.356   -7.954  1.00 31.24 ? 156  VAL A O   1 
ATOM   1098 C  CB  . VAL A 1 179 ? 9.338   3.379   -9.314  1.00 29.77 ? 156  VAL A CB  1 
ATOM   1099 C  CG1 . VAL A 1 179 ? 10.220  2.751   -10.369 1.00 30.34 ? 156  VAL A CG1 1 
ATOM   1100 C  CG2 . VAL A 1 179 ? 7.984   2.755   -9.346  1.00 28.95 ? 156  VAL A CG2 1 
ATOM   1101 N  N   . ARG A 1 180 ? 12.329  3.565   -7.509  1.00 32.99 ? 157  ARG A N   1 
ATOM   1102 C  CA  . ARG A 1 180 ? 13.599  4.310   -7.436  1.00 34.60 ? 157  ARG A CA  1 
ATOM   1103 C  C   . ARG A 1 180 ? 14.702  3.601   -8.240  1.00 36.07 ? 157  ARG A C   1 
ATOM   1104 O  O   . ARG A 1 180 ? 14.766  2.358   -8.247  1.00 36.86 ? 157  ARG A O   1 
ATOM   1105 C  CB  . ARG A 1 180 ? 14.037  4.469   -5.976  1.00 34.27 ? 157  ARG A CB  1 
ATOM   1106 C  CG  . ARG A 1 180 ? 12.945  5.004   -5.056  1.00 32.96 ? 157  ARG A CG  1 
ATOM   1107 C  CD  . ARG A 1 180 ? 12.578  6.409   -5.396  1.00 31.26 ? 157  ARG A CD  1 
ATOM   1108 N  NE  . ARG A 1 180 ? 11.717  6.966   -4.367  1.00 33.28 ? 157  ARG A NE  1 
ATOM   1109 C  CZ  . ARG A 1 180 ? 10.464  7.378   -4.571  1.00 35.03 ? 157  ARG A CZ  1 
ATOM   1110 N  NH1 . ARG A 1 180 ? 9.925   7.313   -5.792  1.00 34.49 ? 157  ARG A NH1 1 
ATOM   1111 N  NH2 . ARG A 1 180 ? 9.749   7.869   -3.557  1.00 34.28 ? 157  ARG A NH2 1 
ATOM   1112 N  N   . ALA A 1 181 ? 15.556  4.377   -8.919  1.00 37.20 ? 158  ALA A N   1 
ATOM   1113 C  CA  . ALA A 1 181 ? 16.751  3.828   -9.578  1.00 38.00 ? 158  ALA A CA  1 
ATOM   1114 C  C   . ALA A 1 181 ? 17.597  3.034   -8.575  1.00 38.95 ? 158  ALA A C   1 
ATOM   1115 O  O   . ALA A 1 181 ? 18.124  1.971   -8.909  1.00 38.98 ? 158  ALA A O   1 
ATOM   1116 C  CB  . ALA A 1 181 ? 17.572  4.936   -10.204 1.00 37.59 ? 158  ALA A CB  1 
ATOM   1117 N  N   . LYS A 1 182 ? 17.678  3.534   -7.339  1.00 40.17 ? 159  LYS A N   1 
ATOM   1118 C  CA  . LYS A 1 182 ? 18.460  2.902   -6.263  1.00 41.46 ? 159  LYS A CA  1 
ATOM   1119 C  C   . LYS A 1 182 ? 17.829  1.664   -5.622  1.00 41.23 ? 159  LYS A C   1 
ATOM   1120 O  O   . LYS A 1 182 ? 18.257  1.255   -4.544  1.00 41.31 ? 159  LYS A O   1 
ATOM   1121 C  CB  . LYS A 1 182 ? 18.750  3.921   -5.148  1.00 42.11 ? 159  LYS A CB  1 
ATOM   1122 C  CG  . LYS A 1 182 ? 19.875  4.920   -5.472  1.00 46.16 ? 159  LYS A CG  1 
ATOM   1123 C  CD  . LYS A 1 182 ? 20.848  5.116   -4.278  1.00 51.44 ? 159  LYS A CD  1 
ATOM   1124 C  CE  . LYS A 1 182 ? 22.317  4.799   -4.693  1.00 53.15 ? 159  LYS A CE  1 
ATOM   1125 N  NZ  . LYS A 1 182 ? 23.300  5.153   -3.617  1.00 53.95 ? 159  LYS A NZ  1 
ATOM   1126 N  N   . GLY A 1 183 ? 16.817  1.074   -6.259  1.00 40.99 ? 160  GLY A N   1 
ATOM   1127 C  CA  . GLY A 1 183 ? 16.073  -0.052  -5.646  1.00 40.48 ? 160  GLY A CA  1 
ATOM   1128 C  C   . GLY A 1 183 ? 14.698  0.295   -5.075  1.00 39.68 ? 160  GLY A C   1 
ATOM   1129 O  O   . GLY A 1 183 ? 14.568  1.233   -4.294  1.00 40.43 ? 160  GLY A O   1 
ATOM   1130 N  N   . ASP A 1 184 ? 13.684  -0.484  -5.439  1.00 38.40 ? 161  ASP A N   1 
ATOM   1131 C  CA  . ASP A 1 184 ? 12.279  -0.143  -5.185  1.00 37.35 ? 161  ASP A CA  1 
ATOM   1132 C  C   . ASP A 1 184 ? 11.763  -0.434  -3.788  1.00 36.04 ? 161  ASP A C   1 
ATOM   1133 O  O   . ASP A 1 184 ? 12.383  -1.186  -3.050  1.00 36.04 ? 161  ASP A O   1 
ATOM   1134 C  CB  . ASP A 1 184 ? 11.385  -0.860  -6.196  1.00 37.82 ? 161  ASP A CB  1 
ATOM   1135 C  CG  . ASP A 1 184 ? 11.747  -0.514  -7.614  1.00 40.36 ? 161  ASP A CG  1 
ATOM   1136 O  OD1 . ASP A 1 184 ? 11.424  -1.317  -8.528  1.00 42.44 ? 161  ASP A OD1 1 
ATOM   1137 O  OD2 . ASP A 1 184 ? 12.388  0.561   -7.801  1.00 42.08 ? 161  ASP A OD2 1 
ATOM   1138 N  N   . LYS A 1 185 ? 10.605  0.153   -3.457  1.00 34.54 ? 162  LYS A N   1 
ATOM   1139 C  CA  . LYS A 1 185 ? 9.958   0.012   -2.153  1.00 32.97 ? 162  LYS A CA  1 
ATOM   1140 C  C   . LYS A 1 185 ? 8.465   -0.222  -2.243  1.00 32.02 ? 162  LYS A C   1 
ATOM   1141 O  O   . LYS A 1 185 ? 7.797   0.359   -3.093  1.00 32.01 ? 162  LYS A O   1 
ATOM   1142 C  CB  . LYS A 1 185 ? 10.215  1.247   -1.291  1.00 32.96 ? 162  LYS A CB  1 
ATOM   1143 C  CG  . LYS A 1 185 ? 11.341  1.030   -0.297  1.00 32.86 ? 162  LYS A CG  1 
ATOM   1144 C  CD  . LYS A 1 185 ? 11.901  2.316   0.245   1.00 32.57 ? 162  LYS A CD  1 
ATOM   1145 C  CE  . LYS A 1 185 ? 13.071  2.796   -0.585  1.00 33.29 ? 162  LYS A CE  1 
ATOM   1146 N  NZ  . LYS A 1 185 ? 13.259  4.251   -0.347  1.00 33.43 ? 162  LYS A NZ  1 
ATOM   1147 N  N   . ILE A 1 186 ? 7.959   -1.093  -1.368  1.00 30.70 ? 163  ILE A N   1 
ATOM   1148 C  CA  . ILE A 1 186 ? 6.519   -1.260  -1.143  1.00 29.32 ? 163  ILE A CA  1 
ATOM   1149 C  C   . ILE A 1 186 ? 6.274   -1.248  0.356   1.00 28.64 ? 163  ILE A C   1 
ATOM   1150 O  O   . ILE A 1 186 ? 6.938   -1.947  1.118   1.00 29.08 ? 163  ILE A O   1 
ATOM   1151 C  CB  . ILE A 1 186 ? 5.966   -2.557  -1.763  1.00 29.41 ? 163  ILE A CB  1 
ATOM   1152 C  CG1 . ILE A 1 186 ? 6.180   -2.540  -3.281  1.00 29.75 ? 163  ILE A CG1 1 
ATOM   1153 C  CG2 . ILE A 1 186 ? 4.483   -2.715  -1.443  1.00 27.99 ? 163  ILE A CG2 1 
ATOM   1154 C  CD1 . ILE A 1 186 ? 5.939   -3.866  -3.962  1.00 30.22 ? 163  ILE A CD1 1 
ATOM   1155 N  N   . ALA A 1 187 ? 5.332   -0.439  0.793   1.00 27.38 ? 164  ALA A N   1 
ATOM   1156 C  CA  . ALA A 1 187 ? 5.140   -0.274  2.204   1.00 26.44 ? 164  ALA A CA  1 
ATOM   1157 C  C   . ALA A 1 187 ? 3.681   -0.413  2.504   1.00 26.32 ? 164  ALA A C   1 
ATOM   1158 O  O   . ALA A 1 187 ? 2.843   0.030   1.720   1.00 26.28 ? 164  ALA A O   1 
ATOM   1159 C  CB  . ALA A 1 187 ? 5.625   1.088   2.625   1.00 26.64 ? 164  ALA A CB  1 
ATOM   1160 N  N   . ILE A 1 188 ? 3.371   -1.035  3.637   1.00 26.09 ? 165  ILE A N   1 
ATOM   1161 C  CA  . ILE A 1 188 ? 2.000   -1.011  4.177   1.00 25.71 ? 165  ILE A CA  1 
ATOM   1162 C  C   . ILE A 1 188 ? 1.856   -0.041  5.373   1.00 25.48 ? 165  ILE A C   1 
ATOM   1163 O  O   . ILE A 1 188 ? 2.578   -0.168  6.359   1.00 25.56 ? 165  ILE A O   1 
ATOM   1164 C  CB  . ILE A 1 188 ? 1.485   -2.419  4.519   1.00 25.20 ? 165  ILE A CB  1 
ATOM   1165 C  CG1 . ILE A 1 188 ? 0.954   -3.070  3.247   1.00 25.42 ? 165  ILE A CG1 1 
ATOM   1166 C  CG2 . ILE A 1 188 ? 0.383   -2.345  5.563   1.00 24.98 ? 165  ILE A CG2 1 
ATOM   1167 C  CD1 . ILE A 1 188 ? 0.166   -4.357  3.475   1.00 26.15 ? 165  ILE A CD1 1 
ATOM   1168 N  N   . TRP A 1 189 ? 0.943   0.924   5.276   1.00 24.70 ? 166  TRP A N   1 
ATOM   1169 C  CA  . TRP A 1 189 ? 0.748   1.855   6.366   1.00 24.61 ? 166  TRP A CA  1 
ATOM   1170 C  C   . TRP A 1 189 ? -0.313  1.362   7.368   1.00 25.86 ? 166  TRP A C   1 
ATOM   1171 O  O   . TRP A 1 189 ? -1.442  1.036   6.989   1.00 26.02 ? 166  TRP A O   1 
ATOM   1172 C  CB  . TRP A 1 189 ? 0.428   3.243   5.815   1.00 23.74 ? 166  TRP A CB  1 
ATOM   1173 C  CG  . TRP A 1 189 ? 1.620   3.920   5.133   1.00 21.90 ? 166  TRP A CG  1 
ATOM   1174 C  CD1 . TRP A 1 189 ? 2.634   3.306   4.411   1.00 19.26 ? 166  TRP A CD1 1 
ATOM   1175 C  CD2 . TRP A 1 189 ? 1.900   5.333   5.080   1.00 18.52 ? 166  TRP A CD2 1 
ATOM   1176 N  NE1 . TRP A 1 189 ? 3.518   4.251   3.935   1.00 16.85 ? 166  TRP A NE1 1 
ATOM   1177 C  CE2 . TRP A 1 189 ? 3.099   5.499   4.329   1.00 17.25 ? 166  TRP A CE2 1 
ATOM   1178 C  CE3 . TRP A 1 189 ? 1.268   6.473   5.603   1.00 16.41 ? 166  TRP A CE3 1 
ATOM   1179 C  CZ2 . TRP A 1 189 ? 3.677   6.773   4.091   1.00 14.86 ? 166  TRP A CZ2 1 
ATOM   1180 C  CZ3 . TRP A 1 189 ? 1.861   7.749   5.357   1.00 15.20 ? 166  TRP A CZ3 1 
ATOM   1181 C  CH2 . TRP A 1 189 ? 3.045   7.872   4.613   1.00 12.88 ? 166  TRP A CH2 1 
ATOM   1182 N  N   . THR A 1 190 ? 0.059   1.292   8.649   1.00 27.16 ? 167  THR A N   1 
ATOM   1183 C  CA  . THR A 1 190 ? -0.909  1.034   9.735   1.00 28.29 ? 167  THR A CA  1 
ATOM   1184 C  C   . THR A 1 190 ? -1.145  2.286   10.615  1.00 29.11 ? 167  THR A C   1 
ATOM   1185 O  O   . THR A 1 190 ? -0.323  3.204   10.635  1.00 28.62 ? 167  THR A O   1 
ATOM   1186 C  CB  . THR A 1 190 ? -0.533  -0.195  10.630  1.00 28.39 ? 167  THR A CB  1 
ATOM   1187 O  OG1 . THR A 1 190 ? 0.229   0.233   11.770  1.00 28.95 ? 167  THR A OG1 1 
ATOM   1188 C  CG2 . THR A 1 190 ? 0.217   -1.274  9.845   1.00 27.70 ? 167  THR A CG2 1 
ATOM   1189 N  N   . THR A 1 191 ? -2.263  2.306   11.340  1.00 30.43 ? 168  THR A N   1 
ATOM   1190 C  CA  . THR A 1 191 ? -2.737  3.533   11.985  1.00 32.00 ? 168  THR A CA  1 
ATOM   1191 C  C   . THR A 1 191 ? -1.999  3.927   13.255  1.00 33.44 ? 168  THR A C   1 
ATOM   1192 O  O   . THR A 1 191 ? -1.775  5.106   13.488  1.00 33.45 ? 168  THR A O   1 
ATOM   1193 C  CB  . THR A 1 191 ? -4.270  3.526   12.248  1.00 31.62 ? 168  THR A CB  1 
ATOM   1194 O  OG1 . THR A 1 191 ? -4.715  4.874   12.421  1.00 31.47 ? 168  THR A OG1 1 
ATOM   1195 C  CG2 . THR A 1 191 ? -4.640  2.709   13.490  1.00 30.76 ? 168  THR A CG2 1 
ATOM   1196 N  N   . GLU A 1 192 ? -1.647  2.933   14.062  1.00 35.58 ? 169  GLU A N   1 
ATOM   1197 C  CA  . GLU A 1 192 ? -1.055  3.135   15.384  1.00 37.96 ? 169  GLU A CA  1 
ATOM   1198 C  C   . GLU A 1 192 ? 0.161   2.232   15.511  1.00 38.92 ? 169  GLU A C   1 
ATOM   1199 O  O   . GLU A 1 192 ? 0.033   0.981   15.431  1.00 39.27 ? 169  GLU A O   1 
ATOM   1200 C  CB  . GLU A 1 192 ? -2.066  2.804   16.500  1.00 38.30 ? 169  GLU A CB  1 
ATOM   1201 C  CG  . GLU A 1 192 ? -1.522  2.930   17.930  1.00 41.40 ? 169  GLU A CG  1 
ATOM   1202 C  CD  . GLU A 1 192 ? -0.940  4.330   18.235  1.00 47.47 ? 169  GLU A CD  1 
ATOM   1203 O  OE1 . GLU A 1 192 ? 0.265   4.406   18.630  1.00 50.12 ? 169  GLU A OE1 1 
ATOM   1204 O  OE2 . GLU A 1 192 ? -1.674  5.349   18.059  1.00 47.84 ? 169  GLU A OE2 1 
ATOM   1205 N  N   . CYS A 1 193 ? 1.335   2.861   15.695  1.00 39.74 ? 170  CYS A N   1 
ATOM   1206 C  CA  . CYS A 1 193 ? 2.603   2.119   15.716  1.00 40.37 ? 170  CYS A CA  1 
ATOM   1207 C  C   . CYS A 1 193 ? 2.893   1.537   17.088  1.00 40.50 ? 170  CYS A C   1 
ATOM   1208 O  O   . CYS A 1 193 ? 3.964   0.975   17.326  1.00 40.71 ? 170  CYS A O   1 
ATOM   1209 C  CB  . CYS A 1 193 ? 3.761   2.970   15.224  1.00 40.29 ? 170  CYS A CB  1 
ATOM   1210 S  SG  . CYS A 1 193 ? 4.350   4.069   16.453  1.00 40.90 ? 170  CYS A SG  1 
ATOM   1211 N  N   . GLU A 1 194 ? 1.910   1.661   17.970  1.00 40.86 ? 171  GLU A N   1 
ATOM   1212 C  CA  . GLU A 1 194 ? 1.966   1.061   19.287  1.00 41.44 ? 171  GLU A CA  1 
ATOM   1213 C  C   . GLU A 1 194 ? 0.989   -0.092  19.535  1.00 40.70 ? 171  GLU A C   1 
ATOM   1214 O  O   . GLU A 1 194 ? 1.039   -0.684  20.599  1.00 40.95 ? 171  GLU A O   1 
ATOM   1215 C  CB  . GLU A 1 194 ? 1.863   2.141   20.378  1.00 41.92 ? 171  GLU A CB  1 
ATOM   1216 C  CG  . GLU A 1 194 ? 3.241   2.702   20.759  1.00 45.37 ? 171  GLU A CG  1 
ATOM   1217 C  CD  . GLU A 1 194 ? 3.203   3.690   21.910  1.00 49.85 ? 171  GLU A CD  1 
ATOM   1218 O  OE1 . GLU A 1 194 ? 2.198   3.697   22.667  1.00 51.14 ? 171  GLU A OE1 1 
ATOM   1219 O  OE2 . GLU A 1 194 ? 4.189   4.459   22.056  1.00 50.89 ? 171  GLU A OE2 1 
ATOM   1220 N  N   . ASN A 1 195 ? 0.088   -0.409  18.604  1.00 40.23 ? 172  ASN A N   1 
ATOM   1221 C  CA  A ASN A 1 195 ? -0.718  -1.619  18.721  0.50 40.09 ? 172  ASN A CA  1 
ATOM   1222 C  CA  B ASN A 1 195 ? -0.692  -1.634  18.773  0.50 39.74 ? 172  ASN A CA  1 
ATOM   1223 C  C   . ASN A 1 195 ? 0.136   -2.795  18.268  1.00 39.94 ? 172  ASN A C   1 
ATOM   1224 O  O   . ASN A 1 195 ? 0.095   -3.159  17.099  1.00 40.31 ? 172  ASN A O   1 
ATOM   1225 C  CB  A ASN A 1 195 ? -2.004  -1.530  17.882  0.50 39.93 ? 172  ASN A CB  1 
ATOM   1226 C  CB  B ASN A 1 195 ? -2.081  -1.602  18.123  0.50 39.29 ? 172  ASN A CB  1 
ATOM   1227 C  CG  A ASN A 1 195 ? -2.918  -0.400  18.322  0.50 39.99 ? 172  ASN A CG  1 
ATOM   1228 C  CG  B ASN A 1 195 ? -2.950  -2.775  18.571  0.50 37.86 ? 172  ASN A CG  1 
ATOM   1229 O  OD1 A ASN A 1 195 ? -2.759  0.151   19.407  0.50 40.66 ? 172  ASN A OD1 1 
ATOM   1230 O  OD1 B ASN A 1 195 ? -2.459  -3.743  19.141  0.50 36.08 ? 172  ASN A OD1 1 
ATOM   1231 N  ND2 A ASN A 1 195 ? -3.880  -0.046  17.476  0.50 39.56 ? 172  ASN A ND2 1 
ATOM   1232 N  ND2 B ASN A 1 195 ? -4.240  -2.686  18.315  0.50 37.43 ? 172  ASN A ND2 1 
ATOM   1233 N  N   . ARG A 1 196 ? 0.909   -3.364  19.186  1.00 39.78 ? 173  ARG A N   1 
ATOM   1234 C  CA  . ARG A 1 196 ? 1.807   -4.443  18.863  1.00 39.45 ? 173  ARG A CA  1 
ATOM   1235 C  C   . ARG A 1 196 ? 1.043   -5.665  18.367  1.00 39.02 ? 173  ARG A C   1 
ATOM   1236 O  O   . ARG A 1 196 ? 1.447   -6.301  17.393  1.00 39.09 ? 173  ARG A O   1 
ATOM   1237 C  CB  . ARG A 1 196 ? 2.691   -4.780  20.057  1.00 39.63 ? 173  ARG A CB  1 
ATOM   1238 C  CG  . ARG A 1 196 ? 3.553   -6.022  19.853  1.00 42.09 ? 173  ARG A CG  1 
ATOM   1239 C  CD  . ARG A 1 196 ? 4.314   -6.412  21.115  1.00 46.03 ? 173  ARG A CD  1 
ATOM   1240 N  NE  . ARG A 1 196 ? 4.011   -7.790  21.514  1.00 49.11 ? 173  ARG A NE  1 
ATOM   1241 C  CZ  . ARG A 1 196 ? 4.616   -8.878  21.031  1.00 50.14 ? 173  ARG A CZ  1 
ATOM   1242 N  NH1 . ARG A 1 196 ? 5.582   -8.780  20.110  1.00 48.68 ? 173  ARG A NH1 1 
ATOM   1243 N  NH2 . ARG A 1 196 ? 4.248   -10.074 21.483  1.00 50.65 ? 173  ARG A NH2 1 
ATOM   1244 N  N   . GLU A 1 197 ? -0.074  -6.001  18.993  1.00 38.65 ? 174  GLU A N   1 
ATOM   1245 C  CA  . GLU A 1 197 ? -0.735  -7.216  18.542  1.00 38.47 ? 174  GLU A CA  1 
ATOM   1246 C  C   . GLU A 1 197 ? -1.223  -7.063  17.107  1.00 37.74 ? 174  GLU A C   1 
ATOM   1247 O  O   . GLU A 1 197 ? -1.114  -7.999  16.311  1.00 37.56 ? 174  GLU A O   1 
ATOM   1248 C  CB  . GLU A 1 197 ? -1.867  -7.642  19.463  1.00 38.78 ? 174  GLU A CB  1 
ATOM   1249 C  CG  . GLU A 1 197 ? -2.199  -9.112  19.324  1.00 40.40 ? 174  GLU A CG  1 
ATOM   1250 C  CD  . GLU A 1 197 ? -3.688  -9.358  19.355  1.00 41.89 ? 174  GLU A CD  1 
ATOM   1251 O  OE1 . GLU A 1 197 ? -4.393  -8.772  18.528  1.00 42.02 ? 174  GLU A OE1 1 
ATOM   1252 O  OE2 . GLU A 1 197 ? -4.163  -10.139 20.202  1.00 44.27 ? 174  GLU A OE2 1 
ATOM   1253 N  N   . ALA A 1 198 ? -1.728  -5.875  16.776  1.00 36.77 ? 175  ALA A N   1 
ATOM   1254 C  CA  . ALA A 1 198 ? -2.188  -5.592  15.419  1.00 36.05 ? 175  ALA A CA  1 
ATOM   1255 C  C   . ALA A 1 198 ? -1.016  -5.466  14.439  1.00 35.42 ? 175  ALA A C   1 
ATOM   1256 O  O   . ALA A 1 198 ? -0.904  -6.263  13.509  1.00 35.88 ? 175  ALA A O   1 
ATOM   1257 C  CB  . ALA A 1 198 ? -3.098  -4.354  15.382  1.00 36.13 ? 175  ALA A CB  1 
ATOM   1258 N  N   . VAL A 1 199 ? -0.128  -4.500  14.661  1.00 34.27 ? 176  VAL A N   1 
ATOM   1259 C  CA  . VAL A 1 199 ? 1.063   -4.325  13.821  1.00 33.30 ? 176  VAL A CA  1 
ATOM   1260 C  C   . VAL A 1 199 ? 1.779   -5.629  13.434  1.00 33.22 ? 176  VAL A C   1 
ATOM   1261 O  O   . VAL A 1 199 ? 2.183   -5.799  12.280  1.00 33.03 ? 176  VAL A O   1 
ATOM   1262 C  CB  . VAL A 1 199 ? 2.081   -3.386  14.469  1.00 32.79 ? 176  VAL A CB  1 
ATOM   1263 C  CG1 . VAL A 1 199 ? 3.359   -3.421  13.711  1.00 32.61 ? 176  VAL A CG1 1 
ATOM   1264 C  CG2 . VAL A 1 199 ? 1.552   -1.977  14.512  1.00 33.17 ? 176  VAL A CG2 1 
ATOM   1265 N  N   . THR A 1 200 ? 1.935   -6.547  14.379  1.00 33.16 ? 177  THR A N   1 
ATOM   1266 C  CA  . THR A 1 200 ? 2.762   -7.715  14.102  1.00 33.59 ? 177  THR A CA  1 
ATOM   1267 C  C   . THR A 1 200 ? 1.972   -8.827  13.435  1.00 33.91 ? 177  THR A C   1 
ATOM   1268 O  O   . THR A 1 200 ? 2.533   -9.611  12.666  1.00 33.77 ? 177  THR A O   1 
ATOM   1269 C  CB  . THR A 1 200 ? 3.528   -8.234  15.342  1.00 33.38 ? 177  THR A CB  1 
ATOM   1270 O  OG1 . THR A 1 200 ? 2.594   -8.642  16.338  1.00 33.49 ? 177  THR A OG1 1 
ATOM   1271 C  CG2 . THR A 1 200 ? 4.427   -7.149  15.926  1.00 33.22 ? 177  THR A CG2 1 
ATOM   1272 N  N   . HIS A 1 201 ? 0.675   -8.905  13.710  1.00 34.24 ? 178  HIS A N   1 
ATOM   1273 C  CA  . HIS A 1 201 ? -0.110  -9.919  13.030  1.00 34.96 ? 178  HIS A CA  1 
ATOM   1274 C  C   . HIS A 1 201 ? -0.249  -9.483  11.589  1.00 34.85 ? 178  HIS A C   1 
ATOM   1275 O  O   . HIS A 1 201 ? 0.042   -10.269 10.676  1.00 35.88 ? 178  HIS A O   1 
ATOM   1276 C  CB  . HIS A 1 201 ? -1.452  -10.203 13.714  1.00 35.33 ? 178  HIS A CB  1 
ATOM   1277 C  CG  . HIS A 1 201 ? -1.342  -11.101 14.923  1.00 38.06 ? 178  HIS A CG  1 
ATOM   1278 N  ND1 . HIS A 1 201 ? -0.345  -10.967 15.876  1.00 40.04 ? 178  HIS A ND1 1 
ATOM   1279 C  CD2 . HIS A 1 201 ? -2.118  -12.131 15.342  1.00 38.51 ? 178  HIS A CD2 1 
ATOM   1280 C  CE1 . HIS A 1 201 ? -0.513  -11.874 16.825  1.00 40.18 ? 178  HIS A CE1 1 
ATOM   1281 N  NE2 . HIS A 1 201 ? -1.582  -12.593 16.524  1.00 40.40 ? 178  HIS A NE2 1 
ATOM   1282 N  N   . ILE A 1 202 ? -0.605  -8.214  11.386  1.00 34.08 ? 179  ILE A N   1 
ATOM   1283 C  CA  . ILE A 1 202 ? -0.659  -7.607  10.050  1.00 33.01 ? 179  ILE A CA  1 
ATOM   1284 C  C   . ILE A 1 202 ? 0.603   -7.903  9.260   1.00 33.06 ? 179  ILE A C   1 
ATOM   1285 O  O   . ILE A 1 202 ? 0.533   -8.510  8.205   1.00 33.07 ? 179  ILE A O   1 
ATOM   1286 C  CB  . ILE A 1 202 ? -0.853  -6.077  10.118  1.00 32.75 ? 179  ILE A CB  1 
ATOM   1287 C  CG1 . ILE A 1 202 ? -2.227  -5.735  10.704  1.00 32.00 ? 179  ILE A CG1 1 
ATOM   1288 C  CG2 . ILE A 1 202 ? -0.680  -5.458  8.744   1.00 31.91 ? 179  ILE A CG2 1 
ATOM   1289 C  CD1 . ILE A 1 202 ? -2.566  -4.287  10.698  1.00 30.35 ? 179  ILE A CD1 1 
ATOM   1290 N  N   . GLY A 1 203 ? 1.756   -7.490  9.788   1.00 33.32 ? 180  GLY A N   1 
ATOM   1291 C  CA  . GLY A 1 203 ? 3.047   -7.710  9.134   1.00 33.07 ? 180  GLY A CA  1 
ATOM   1292 C  C   . GLY A 1 203 ? 3.336   -9.169  8.844   1.00 33.19 ? 180  GLY A C   1 
ATOM   1293 O  O   . GLY A 1 203 ? 4.073   -9.474  7.910   1.00 33.49 ? 180  GLY A O   1 
ATOM   1294 N  N   . ARG A 1 204 ? 2.756   -10.077 9.632   1.00 33.12 ? 181  ARG A N   1 
ATOM   1295 C  CA  . ARG A 1 204 ? 3.019   -11.521 9.486   1.00 32.98 ? 181  ARG A CA  1 
ATOM   1296 C  C   . ARG A 1 204 ? 2.122   -12.166 8.433   1.00 32.00 ? 181  ARG A C   1 
ATOM   1297 O  O   . ARG A 1 204 ? 2.571   -13.020 7.660   1.00 31.70 ? 181  ARG A O   1 
ATOM   1298 C  CB  . ARG A 1 204 ? 2.879   -12.246 10.828  1.00 33.47 ? 181  ARG A CB  1 
ATOM   1299 C  CG  . ARG A 1 204 ? 4.212   -12.503 11.535  1.00 35.96 ? 181  ARG A CG  1 
ATOM   1300 C  CD  . ARG A 1 204 ? 4.076   -13.530 12.674  1.00 41.35 ? 181  ARG A CD  1 
ATOM   1301 N  NE  . ARG A 1 204 ? 3.313   -12.962 13.785  1.00 44.06 ? 181  ARG A NE  1 
ATOM   1302 C  CZ  . ARG A 1 204 ? 3.851   -12.446 14.893  1.00 46.33 ? 181  ARG A CZ  1 
ATOM   1303 N  NH1 . ARG A 1 204 ? 5.184   -12.445 15.096  1.00 45.18 ? 181  ARG A NH1 1 
ATOM   1304 N  NH2 . ARG A 1 204 ? 3.033   -11.925 15.811  1.00 47.73 ? 181  ARG A NH2 1 
ATOM   1305 N  N   . VAL A 1 205 ? 0.858   -11.757 8.414   1.00 30.69 ? 182  VAL A N   1 
ATOM   1306 C  CA  . VAL A 1 205 ? -0.039  -12.150 7.342   1.00 30.02 ? 182  VAL A CA  1 
ATOM   1307 C  C   . VAL A 1 205 ? 0.480   -11.626 5.998   1.00 29.90 ? 182  VAL A C   1 
ATOM   1308 O  O   . VAL A 1 205 ? 0.443   -12.332 5.006   1.00 30.08 ? 182  VAL A O   1 
ATOM   1309 C  CB  . VAL A 1 205 ? -1.491  -11.689 7.601   1.00 29.77 ? 182  VAL A CB  1 
ATOM   1310 C  CG1 . VAL A 1 205 ? -2.290  -11.695 6.318   1.00 29.22 ? 182  VAL A CG1 1 
ATOM   1311 C  CG2 . VAL A 1 205 ? -2.141  -12.583 8.596   1.00 28.33 ? 182  VAL A CG2 1 
ATOM   1312 N  N   . TYR A 1 206 ? 0.978   -10.396 5.984   1.00 29.81 ? 183  TYR A N   1 
ATOM   1313 C  CA  . TYR A 1 206 ? 1.551   -9.787  4.786   1.00 29.89 ? 183  TYR A CA  1 
ATOM   1314 C  C   . TYR A 1 206 ? 2.714   -10.594 4.248   1.00 30.81 ? 183  TYR A C   1 
ATOM   1315 O  O   . TYR A 1 206 ? 2.644   -11.096 3.135   1.00 30.79 ? 183  TYR A O   1 
ATOM   1316 C  CB  . TYR A 1 206 ? 2.015   -8.373  5.103   1.00 29.21 ? 183  TYR A CB  1 
ATOM   1317 C  CG  . TYR A 1 206 ? 2.439   -7.533  3.923   1.00 27.00 ? 183  TYR A CG  1 
ATOM   1318 C  CD1 . TYR A 1 206 ? 1.788   -7.629  2.699   1.00 25.54 ? 183  TYR A CD1 1 
ATOM   1319 C  CD2 . TYR A 1 206 ? 3.459   -6.582  4.062   1.00 26.04 ? 183  TYR A CD2 1 
ATOM   1320 C  CE1 . TYR A 1 206 ? 2.157   -6.815  1.627   1.00 26.28 ? 183  TYR A CE1 1 
ATOM   1321 C  CE2 . TYR A 1 206 ? 3.848   -5.761  2.999   1.00 26.20 ? 183  TYR A CE2 1 
ATOM   1322 C  CZ  . TYR A 1 206 ? 3.188   -5.884  1.784   1.00 26.53 ? 183  TYR A CZ  1 
ATOM   1323 O  OH  . TYR A 1 206 ? 3.560   -5.088  0.729   1.00 25.74 ? 183  TYR A OH  1 
ATOM   1324 N  N   . LYS A 1 207 ? 3.769   -10.719 5.053   1.00 31.99 ? 184  LYS A N   1 
ATOM   1325 C  CA  . LYS A 1 207 ? 4.940   -11.520 4.718   1.00 33.56 ? 184  LYS A CA  1 
ATOM   1326 C  C   . LYS A 1 207 ? 4.556   -12.876 4.121   1.00 34.73 ? 184  LYS A C   1 
ATOM   1327 O  O   . LYS A 1 207 ? 5.079   -13.296 3.083   1.00 35.23 ? 184  LYS A O   1 
ATOM   1328 C  CB  . LYS A 1 207 ? 5.811   -11.703 5.954   1.00 33.54 ? 184  LYS A CB  1 
ATOM   1329 C  CG  . LYS A 1 207 ? 6.919   -12.708 5.807   1.00 33.96 ? 184  LYS A CG  1 
ATOM   1330 C  CD  . LYS A 1 207 ? 8.000   -12.398 6.806   1.00 36.39 ? 184  LYS A CD  1 
ATOM   1331 C  CE  . LYS A 1 207 ? 8.607   -13.663 7.368   1.00 39.81 ? 184  LYS A CE  1 
ATOM   1332 N  NZ  . LYS A 1 207 ? 9.983   -13.368 7.834   1.00 42.00 ? 184  LYS A NZ  1 
ATOM   1333 N  N   . GLU A 1 208 ? 3.618   -13.544 4.765   1.00 35.99 ? 185  GLU A N   1 
ATOM   1334 C  CA  . GLU A 1 208 ? 3.136   -14.816 4.268   1.00 37.68 ? 185  GLU A CA  1 
ATOM   1335 C  C   . GLU A 1 208 ? 2.426   -14.694 2.906   1.00 37.60 ? 185  GLU A C   1 
ATOM   1336 O  O   . GLU A 1 208 ? 2.613   -15.536 2.030   1.00 37.08 ? 185  GLU A O   1 
ATOM   1337 C  CB  . GLU A 1 208 ? 2.203   -15.425 5.309   1.00 38.29 ? 185  GLU A CB  1 
ATOM   1338 C  CG  . GLU A 1 208 ? 1.816   -16.863 5.062   1.00 41.61 ? 185  GLU A CG  1 
ATOM   1339 C  CD  . GLU A 1 208 ? 0.528   -17.218 5.778   1.00 45.94 ? 185  GLU A CD  1 
ATOM   1340 O  OE1 . GLU A 1 208 ? 0.310   -16.761 6.929   1.00 47.43 ? 185  GLU A OE1 1 
ATOM   1341 O  OE2 . GLU A 1 208 ? -0.274  -17.960 5.183   1.00 48.72 ? 185  GLU A OE2 1 
ATOM   1342 N  N   . ARG A 1 209 ? 1.629   -13.635 2.751   1.00 38.14 ? 186  ARG A N   1 
ATOM   1343 C  CA  . ARG A 1 209 ? 0.763   -13.449 1.583   1.00 38.70 ? 186  ARG A CA  1 
ATOM   1344 C  C   . ARG A 1 209 ? 1.546   -13.106 0.334   1.00 38.67 ? 186  ARG A C   1 
ATOM   1345 O  O   . ARG A 1 209 ? 1.066   -13.302 -0.768  1.00 38.24 ? 186  ARG A O   1 
ATOM   1346 C  CB  . ARG A 1 209 ? -0.288  -12.374 1.838   1.00 38.68 ? 186  ARG A CB  1 
ATOM   1347 C  CG  . ARG A 1 209 ? -1.562  -12.867 2.488   1.00 41.63 ? 186  ARG A CG  1 
ATOM   1348 C  CD  . ARG A 1 209 ? -2.262  -13.935 1.660   1.00 48.07 ? 186  ARG A CD  1 
ATOM   1349 N  NE  . ARG A 1 209 ? -3.715  -13.824 1.778   1.00 53.63 ? 186  ARG A NE  1 
ATOM   1350 C  CZ  . ARG A 1 209 ? -4.508  -13.209 0.891   1.00 56.96 ? 186  ARG A CZ  1 
ATOM   1351 N  NH1 . ARG A 1 209 ? -4.008  -12.648 -0.217  1.00 56.63 ? 186  ARG A NH1 1 
ATOM   1352 N  NH2 . ARG A 1 209 ? -5.824  -13.164 1.112   1.00 58.15 ? 186  ARG A NH2 1 
ATOM   1353 N  N   . LEU A 1 210 ? 2.753   -12.583 0.524   1.00 39.35 ? 187  LEU A N   1 
ATOM   1354 C  CA  . LEU A 1 210 ? 3.651   -12.260 -0.576  1.00 39.94 ? 187  LEU A CA  1 
ATOM   1355 C  C   . LEU A 1 210 ? 4.432   -13.508 -0.998  1.00 41.39 ? 187  LEU A C   1 
ATOM   1356 O  O   . LEU A 1 210 ? 4.962   -13.574 -2.117  1.00 41.24 ? 187  LEU A O   1 
ATOM   1357 C  CB  . LEU A 1 210 ? 4.627   -11.166 -0.147  1.00 39.29 ? 187  LEU A CB  1 
ATOM   1358 C  CG  . LEU A 1 210 ? 4.134   -9.740  0.079   1.00 36.93 ? 187  LEU A CG  1 
ATOM   1359 C  CD1 . LEU A 1 210 ? 5.044   -9.081  1.076   1.00 34.58 ? 187  LEU A CD1 1 
ATOM   1360 C  CD2 . LEU A 1 210 ? 4.086   -8.948  -1.209  1.00 34.13 ? 187  LEU A CD2 1 
ATOM   1361 N  N   . GLY A 1 211 ? 4.500   -14.481 -0.083  1.00 42.85 ? 188  GLY A N   1 
ATOM   1362 C  CA  . GLY A 1 211 ? 5.197   -15.737 -0.313  1.00 44.39 ? 188  GLY A CA  1 
ATOM   1363 C  C   . GLY A 1 211 ? 6.648   -15.670 0.116   1.00 45.98 ? 188  GLY A C   1 
ATOM   1364 O  O   . GLY A 1 211 ? 7.451   -16.485 -0.332  1.00 46.56 ? 188  GLY A O   1 
ATOM   1365 N  N   . LEU A 1 212 ? 6.991   -14.721 0.993   1.00 47.18 ? 189  LEU A N   1 
ATOM   1366 C  CA  . LEU A 1 212 ? 8.372   -14.546 1.448   1.00 48.46 ? 189  LEU A CA  1 
ATOM   1367 C  C   . LEU A 1 212 ? 8.768   -15.694 2.357   1.00 50.05 ? 189  LEU A C   1 
ATOM   1368 O  O   . LEU A 1 212 ? 7.976   -16.043 3.245   1.00 50.05 ? 189  LEU A O   1 
ATOM   1369 C  CB  . LEU A 1 212 ? 8.536   -13.230 2.217   1.00 48.28 ? 189  LEU A CB  1 
ATOM   1370 C  CG  . LEU A 1 212 ? 8.430   -11.881 1.501   1.00 47.67 ? 189  LEU A CG  1 
ATOM   1371 C  CD1 . LEU A 1 212 ? 8.636   -10.767 2.488   1.00 46.83 ? 189  LEU A CD1 1 
ATOM   1372 C  CD2 . LEU A 1 212 ? 9.441   -11.763 0.380   1.00 47.28 ? 189  LEU A CD2 1 
ATOM   1373 N  N   . PRO A 1 213 ? 9.991   -16.279 2.152   1.00 51.76 ? 190  PRO A N   1 
ATOM   1374 C  CA  . PRO A 1 213 ? 10.508  -17.375 3.026   1.00 52.64 ? 190  PRO A CA  1 
ATOM   1375 C  C   . PRO A 1 213 ? 10.940  -16.832 4.406   1.00 53.75 ? 190  PRO A C   1 
ATOM   1376 O  O   . PRO A 1 213 ? 11.346  -15.649 4.498   1.00 53.61 ? 190  PRO A O   1 
ATOM   1377 C  CB  . PRO A 1 213 ? 11.728  -17.923 2.252   1.00 52.61 ? 190  PRO A CB  1 
ATOM   1378 C  CG  . PRO A 1 213 ? 11.815  -17.124 0.942   1.00 51.98 ? 190  PRO A CG  1 
ATOM   1379 C  CD  . PRO A 1 213 ? 10.993  -15.877 1.133   1.00 51.71 ? 190  PRO A CD  1 
ATOM   1380 N  N   . PRO A 1 214 ? 10.835  -17.665 5.482   1.00 54.66 ? 191  PRO A N   1 
ATOM   1381 C  CA  . PRO A 1 214 ? 11.151  -17.103 6.837   1.00 54.85 ? 191  PRO A CA  1 
ATOM   1382 C  C   . PRO A 1 214 ? 12.612  -16.628 7.059   1.00 54.79 ? 191  PRO A C   1 
ATOM   1383 O  O   . PRO A 1 214 ? 12.855  -15.848 7.987   1.00 55.19 ? 191  PRO A O   1 
ATOM   1384 C  CB  . PRO A 1 214 ? 10.711  -18.208 7.816   1.00 54.59 ? 191  PRO A CB  1 
ATOM   1385 C  CG  . PRO A 1 214 ? 9.642   -18.983 7.036   1.00 54.94 ? 191  PRO A CG  1 
ATOM   1386 C  CD  . PRO A 1 214 ? 10.152  -18.977 5.581   1.00 54.61 ? 191  PRO A CD  1 
ATOM   1387 N  N   . LYS A 1 215 ? 13.558  -17.052 6.212   1.00 54.45 ? 192  LYS A N   1 
ATOM   1388 C  CA  . LYS A 1 215 ? 14.902  -16.431 6.214   1.00 53.95 ? 192  LYS A CA  1 
ATOM   1389 C  C   . LYS A 1 215 ? 14.766  -14.891 6.121   1.00 52.91 ? 192  LYS A C   1 
ATOM   1390 O  O   . LYS A 1 215 ? 15.332  -14.164 6.942   1.00 53.07 ? 192  LYS A O   1 
ATOM   1391 C  CB  . LYS A 1 215 ? 15.818  -16.990 5.093   1.00 54.19 ? 192  LYS A CB  1 
ATOM   1392 C  CG  . LYS A 1 215 ? 17.300  -16.501 5.159   1.00 55.85 ? 192  LYS A CG  1 
ATOM   1393 C  CD  . LYS A 1 215 ? 18.130  -16.733 3.848   1.00 58.21 ? 192  LYS A CD  1 
ATOM   1394 C  CE  . LYS A 1 215 ? 18.556  -18.215 3.602   1.00 58.74 ? 192  LYS A CE  1 
ATOM   1395 N  NZ  . LYS A 1 215 ? 19.472  -18.798 4.642   1.00 58.68 ? 192  LYS A NZ  1 
ATOM   1396 N  N   . ILE A 1 216 ? 13.981  -14.416 5.148   1.00 51.45 ? 193  ILE A N   1 
ATOM   1397 C  CA  . ILE A 1 216 ? 13.797  -12.980 4.901   1.00 49.62 ? 193  ILE A CA  1 
ATOM   1398 C  C   . ILE A 1 216 ? 12.983  -12.322 6.016   1.00 48.33 ? 193  ILE A C   1 
ATOM   1399 O  O   . ILE A 1 216 ? 11.827  -12.694 6.288   1.00 48.02 ? 193  ILE A O   1 
ATOM   1400 C  CB  . ILE A 1 216 ? 13.149  -12.691 3.511   1.00 49.61 ? 193  ILE A CB  1 
ATOM   1401 C  CG1 . ILE A 1 216 ? 14.108  -13.044 2.342   1.00 49.64 ? 193  ILE A CG1 1 
ATOM   1402 C  CG2 . ILE A 1 216 ? 12.663  -11.248 3.439   1.00 49.62 ? 193  ILE A CG2 1 
ATOM   1403 C  CD1 . ILE A 1 216 ? 15.141  -11.937 1.908   1.00 49.14 ? 193  ILE A CD1 1 
ATOM   1404 N  N   . VAL A 1 217 ? 13.617  -11.345 6.656   1.00 46.37 ? 194  VAL A N   1 
ATOM   1405 C  CA  . VAL A 1 217 ? 12.999  -10.576 7.726   1.00 44.49 ? 194  VAL A CA  1 
ATOM   1406 C  C   . VAL A 1 217 ? 12.508  -9.235  7.167   1.00 43.08 ? 194  VAL A C   1 
ATOM   1407 O  O   . VAL A 1 217 ? 13.177  -8.628  6.329   1.00 42.97 ? 194  VAL A O   1 
ATOM   1408 C  CB  . VAL A 1 217 ? 13.988  -10.402 8.918   1.00 44.45 ? 194  VAL A CB  1 
ATOM   1409 C  CG1 . VAL A 1 217 ? 13.647  -9.190  9.774   1.00 44.43 ? 194  VAL A CG1 1 
ATOM   1410 C  CG2 . VAL A 1 217 ? 14.003  -11.670 9.770   1.00 44.01 ? 194  VAL A CG2 1 
ATOM   1411 N  N   . ILE A 1 218 ? 11.332  -8.783  7.592   1.00 41.05 ? 195  ILE A N   1 
ATOM   1412 C  CA  . ILE A 1 218 ? 10.905  -7.448  7.196   1.00 39.22 ? 195  ILE A CA  1 
ATOM   1413 C  C   . ILE A 1 218 ? 10.651  -6.589  8.414   1.00 37.64 ? 195  ILE A C   1 
ATOM   1414 O  O   . ILE A 1 218 ? 10.192  -7.078  9.438   1.00 37.23 ? 195  ILE A O   1 
ATOM   1415 C  CB  . ILE A 1 218 ? 9.694   -7.475  6.237   1.00 39.55 ? 195  ILE A CB  1 
ATOM   1416 C  CG1 . ILE A 1 218 ? 8.417   -7.971  6.926   1.00 40.00 ? 195  ILE A CG1 1 
ATOM   1417 C  CG2 . ILE A 1 218 ? 9.992   -8.359  5.050   1.00 39.73 ? 195  ILE A CG2 1 
ATOM   1418 C  CD1 . ILE A 1 218 ? 7.125   -7.586  6.172   1.00 39.92 ? 195  ILE A CD1 1 
ATOM   1419 N  N   . GLY A 1 219 ? 10.963  -5.309  8.310   1.00 36.13 ? 196  GLY A N   1 
ATOM   1420 C  CA  . GLY A 1 219 ? 10.833  -4.439  9.473   1.00 34.90 ? 196  GLY A CA  1 
ATOM   1421 C  C   . GLY A 1 219 ? 9.754   -3.377  9.415   1.00 33.81 ? 196  GLY A C   1 
ATOM   1422 O  O   . GLY A 1 219 ? 9.392   -2.911  8.344   1.00 33.68 ? 196  GLY A O   1 
ATOM   1423 N  N   . TYR A 1 220 ? 9.249   -2.984  10.579  1.00 32.80 ? 197  TYR A N   1 
ATOM   1424 C  CA  . TYR A 1 220 ? 8.245   -1.925  10.682  1.00 31.75 ? 197  TYR A CA  1 
ATOM   1425 C  C   . TYR A 1 220 ? 8.883   -0.683  11.319  1.00 32.34 ? 197  TYR A C   1 
ATOM   1426 O  O   . TYR A 1 220 ? 9.426   -0.780  12.419  1.00 32.43 ? 197  TYR A O   1 
ATOM   1427 C  CB  . TYR A 1 220 ? 7.094   -2.435  11.532  1.00 30.81 ? 197  TYR A CB  1 
ATOM   1428 C  CG  . TYR A 1 220 ? 5.930   -1.520  11.691  1.00 28.36 ? 197  TYR A CG  1 
ATOM   1429 C  CD1 . TYR A 1 220 ? 4.774   -1.705  10.934  1.00 27.54 ? 197  TYR A CD1 1 
ATOM   1430 C  CD2 . TYR A 1 220 ? 5.949   -0.489  12.629  1.00 26.76 ? 197  TYR A CD2 1 
ATOM   1431 C  CE1 . TYR A 1 220 ? 3.654   -0.867  11.090  1.00 25.77 ? 197  TYR A CE1 1 
ATOM   1432 C  CE2 . TYR A 1 220 ? 4.841   0.365   12.796  1.00 25.67 ? 197  TYR A CE2 1 
ATOM   1433 C  CZ  . TYR A 1 220 ? 3.700   0.158   12.027  1.00 25.19 ? 197  TYR A CZ  1 
ATOM   1434 O  OH  . TYR A 1 220 ? 2.615   0.973   12.180  1.00 23.06 ? 197  TYR A OH  1 
ATOM   1435 N  N   . GLN A 1 221 ? 8.861   0.455   10.614  1.00 32.49 ? 198  GLN A N   1 
ATOM   1436 C  CA  . GLN A 1 221 ? 9.343   1.737   11.144  1.00 32.67 ? 198  GLN A CA  1 
ATOM   1437 C  C   . GLN A 1 221 ? 8.173   2.640   11.417  1.00 32.59 ? 198  GLN A C   1 
ATOM   1438 O  O   . GLN A 1 221 ? 7.277   2.717   10.590  1.00 32.65 ? 198  GLN A O   1 
ATOM   1439 C  CB  . GLN A 1 221 ? 10.192  2.469   10.119  1.00 33.02 ? 198  GLN A CB  1 
ATOM   1440 C  CG  . GLN A 1 221 ? 11.458  1.772   9.712   1.00 35.01 ? 198  GLN A CG  1 
ATOM   1441 C  CD  . GLN A 1 221 ? 11.355  1.150   8.337   1.00 36.55 ? 198  GLN A CD  1 
ATOM   1442 O  OE1 . GLN A 1 221 ? 11.171  1.857   7.325   1.00 35.90 ? 198  GLN A OE1 1 
ATOM   1443 N  NE2 . GLN A 1 221 ? 11.487  -0.183  8.283   1.00 35.59 ? 198  GLN A NE2 1 
ATOM   1444 N  N   . SER A 1 222 ? 8.180   3.350   12.544  1.00 32.60 ? 199  SER A N   1 
ATOM   1445 C  CA  . SER A 1 222 ? 7.135   4.340   12.799  1.00 32.64 ? 199  SER A CA  1 
ATOM   1446 C  C   . SER A 1 222 ? 7.343   5.565   11.901  1.00 32.91 ? 199  SER A C   1 
ATOM   1447 O  O   . SER A 1 222 ? 8.421   5.767   11.333  1.00 33.10 ? 199  SER A O   1 
ATOM   1448 C  CB  . SER A 1 222 ? 7.163   4.793   14.235  1.00 32.43 ? 199  SER A CB  1 
ATOM   1449 O  OG  . SER A 1 222 ? 8.000   5.930   14.320  1.00 33.48 ? 199  SER A OG  1 
ATOM   1450 N  N   . HIS A 1 223 ? 6.317   6.395   11.781  1.00 33.06 ? 200  HIS A N   1 
ATOM   1451 C  CA  . HIS A 1 223 ? 6.408   7.526   10.876  1.00 33.27 ? 200  HIS A CA  1 
ATOM   1452 C  C   . HIS A 1 223 ? 7.264   8.622   11.493  1.00 33.93 ? 200  HIS A C   1 
ATOM   1453 O  O   . HIS A 1 223 ? 8.059   9.269   10.802  1.00 33.71 ? 200  HIS A O   1 
ATOM   1454 C  CB  . HIS A 1 223 ? 5.017   8.015   10.450  1.00 32.79 ? 200  HIS A CB  1 
ATOM   1455 C  CG  . HIS A 1 223 ? 4.317   7.085   9.491   1.00 32.87 ? 200  HIS A CG  1 
ATOM   1456 N  ND1 . HIS A 1 223 ? 4.901   6.632   8.322   1.00 31.01 ? 200  HIS A ND1 1 
ATOM   1457 C  CD2 . HIS A 1 223 ? 3.078   6.531   9.530   1.00 32.01 ? 200  HIS A CD2 1 
ATOM   1458 C  CE1 . HIS A 1 223 ? 4.059   5.832   7.694   1.00 30.90 ? 200  HIS A CE1 1 
ATOM   1459 N  NE2 . HIS A 1 223 ? 2.945   5.757   8.403   1.00 30.82 ? 200  HIS A NE2 1 
ATOM   1460 N  N   . ALA A 1 224 ? 7.136   8.798   12.804  1.00 34.63 ? 201  ALA A N   1 
ATOM   1461 C  CA  . ALA A 1 224 ? 7.933   9.790   13.506  1.00 35.35 ? 201  ALA A CA  1 
ATOM   1462 C  C   . ALA A 1 224 ? 9.451   9.532   13.363  1.00 36.12 ? 201  ALA A C   1 
ATOM   1463 O  O   . ALA A 1 224 ? 10.229  10.492  13.276  1.00 36.18 ? 201  ALA A O   1 
ATOM   1464 C  CB  . ALA A 1 224 ? 7.508   9.873   14.969  1.00 35.37 ? 201  ALA A CB  1 
ATOM   1465 N  N   . ASP A 1 225 ? 9.864   8.253   13.322  1.00 36.64 ? 202  ASP A N   1 
ATOM   1466 C  CA  . ASP A 1 225 ? 11.272  7.906   13.073  1.00 37.24 ? 202  ASP A CA  1 
ATOM   1467 C  C   . ASP A 1 225 ? 11.662  8.190   11.618  1.00 37.51 ? 202  ASP A C   1 
ATOM   1468 O  O   . ASP A 1 225 ? 12.662  8.858   11.349  1.00 37.48 ? 202  ASP A O   1 
ATOM   1469 C  CB  . ASP A 1 225 ? 11.561  6.442   13.391  1.00 37.40 ? 202  ASP A CB  1 
ATOM   1470 C  CG  . ASP A 1 225 ? 11.388  6.107   14.856  1.00 39.59 ? 202  ASP A CG  1 
ATOM   1471 O  OD1 . ASP A 1 225 ? 11.493  4.907   15.229  1.00 41.98 ? 202  ASP A OD1 1 
ATOM   1472 O  OD2 . ASP A 1 225 ? 11.130  7.032   15.645  1.00 42.01 ? 202  ASP A OD2 1 
ATOM   1473 N  N   . THR A 1 226 ? 10.871  7.675   10.679  1.00 37.58 ? 203  THR A N   1 
ATOM   1474 C  CA  . THR A 1 226 ? 11.147  7.870   9.275   1.00 37.77 ? 203  THR A CA  1 
ATOM   1475 C  C   . THR A 1 226 ? 11.254  9.373   8.970   1.00 38.65 ? 203  THR A C   1 
ATOM   1476 O  O   . THR A 1 226 ? 12.121  9.795   8.206   1.00 39.11 ? 203  THR A O   1 
ATOM   1477 C  CB  . THR A 1 226 ? 10.062  7.198   8.391   1.00 37.52 ? 203  THR A CB  1 
ATOM   1478 O  OG1 . THR A 1 226 ? 9.923   5.821   8.760   1.00 37.11 ? 203  THR A OG1 1 
ATOM   1479 C  CG2 . THR A 1 226 ? 10.412  7.297   6.901   1.00 36.09 ? 203  THR A CG2 1 
ATOM   1480 N  N   . ALA A 1 227 ? 10.396  10.178  9.585   1.00 39.33 ? 204  ALA A N   1 
ATOM   1481 C  CA  . ALA A 1 227 ? 10.261  11.583  9.202   1.00 40.20 ? 204  ALA A CA  1 
ATOM   1482 C  C   . ALA A 1 227 ? 11.395  12.462  9.677   1.00 40.82 ? 204  ALA A C   1 
ATOM   1483 O  O   . ALA A 1 227 ? 11.523  13.602  9.229   1.00 40.76 ? 204  ALA A O   1 
ATOM   1484 C  CB  . ALA A 1 227 ? 8.947   12.136  9.699   1.00 40.57 ? 204  ALA A CB  1 
ATOM   1485 N  N   . THR A 1 228 ? 12.199  11.921  10.588  1.00 42.02 ? 205  THR A N   1 
ATOM   1486 C  CA  . THR A 1 228 ? 13.259  12.658  11.262  1.00 42.91 ? 205  THR A CA  1 
ATOM   1487 C  C   . THR A 1 228 ? 14.671  12.046  11.110  1.00 44.49 ? 205  THR A C   1 
ATOM   1488 O  O   . THR A 1 228 ? 15.661  12.721  11.411  1.00 45.19 ? 205  THR A O   1 
ATOM   1489 C  CB  . THR A 1 228 ? 12.958  12.773  12.767  1.00 42.43 ? 205  THR A CB  1 
ATOM   1490 O  OG1 . THR A 1 228 ? 13.257  11.531  13.398  1.00 42.06 ? 205  THR A OG1 1 
ATOM   1491 C  CG2 . THR A 1 228 ? 11.512  13.132  13.029  1.00 41.07 ? 205  THR A CG2 1 
ATOM   1492 N  N   . LYS A 1 229 ? 14.773  10.795  10.632  1.00 46.06 ? 206  LYS A N   1 
ATOM   1493 C  CA  . LYS A 1 229 ? 16.019  9.997   10.742  1.00 47.08 ? 206  LYS A CA  1 
ATOM   1494 C  C   . LYS A 1 229 ? 16.740  9.499   9.466   1.00 47.73 ? 206  LYS A C   1 
ATOM   1495 O  O   . LYS A 1 229 ? 16.501  9.934   8.338   1.00 47.36 ? 206  LYS A O   1 
ATOM   1496 C  CB  . LYS A 1 229 ? 15.790  8.812   11.695  1.00 47.14 ? 206  LYS A CB  1 
ATOM   1497 C  CG  . LYS A 1 229 ? 16.077  9.093   13.178  1.00 49.20 ? 206  LYS A CG  1 
ATOM   1498 C  CD  . LYS A 1 229 ? 17.536  8.705   13.579  1.00 52.91 ? 206  LYS A CD  1 
ATOM   1499 C  CE  . LYS A 1 229 ? 18.539  9.900   13.557  1.00 54.06 ? 206  LYS A CE  1 
ATOM   1500 N  NZ  . LYS A 1 229 ? 18.295  10.955  14.628  1.00 53.60 ? 206  LYS A NZ  1 
ATOM   1501 N  N   . SER A 1 230 ? 17.658  8.571   9.711   1.00 49.04 ? 207  SER A N   1 
ATOM   1502 C  CA  . SER A 1 230 ? 18.505  7.928   8.714   1.00 49.69 ? 207  SER A CA  1 
ATOM   1503 C  C   . SER A 1 230 ? 17.652  7.216   7.644   1.00 49.50 ? 207  SER A C   1 
ATOM   1504 O  O   . SER A 1 230 ? 18.167  6.634   6.676   1.00 49.29 ? 207  SER A O   1 
ATOM   1505 C  CB  . SER A 1 230 ? 19.453  6.930   9.448   1.00 50.26 ? 207  SER A CB  1 
ATOM   1506 O  OG  . SER A 1 230 ? 19.861  7.399   10.752  1.00 49.89 ? 207  SER A OG  1 
ATOM   1507 N  N   . LYS A 1 235 ? 15.118  2.708   11.180  1.00 45.36 ? 212  LYS A N   1 
ATOM   1508 C  CA  . LYS A 1 235 ? 15.285  1.794   12.313  1.00 45.52 ? 212  LYS A CA  1 
ATOM   1509 C  C   . LYS A 1 235 ? 13.946  1.212   12.843  1.00 44.74 ? 212  LYS A C   1 
ATOM   1510 O  O   . LYS A 1 235 ? 12.984  1.958   13.120  1.00 44.81 ? 212  LYS A O   1 
ATOM   1511 C  CB  . LYS A 1 235 ? 16.060  2.509   13.409  1.00 45.99 ? 212  LYS A CB  1 
ATOM   1512 C  CG  . LYS A 1 235 ? 16.883  3.696   12.861  1.00 49.02 ? 212  LYS A CG  1 
ATOM   1513 C  CD  . LYS A 1 235 ? 18.146  3.286   12.058  1.00 52.28 ? 212  LYS A CD  1 
ATOM   1514 C  CE  . LYS A 1 235 ? 18.989  4.557   11.744  1.00 53.55 ? 212  LYS A CE  1 
ATOM   1515 N  NZ  . LYS A 1 235 ? 20.273  4.270   10.993  1.00 54.74 ? 212  LYS A NZ  1 
ATOM   1516 N  N   . ASN A 1 236 ? 13.914  -0.121  12.993  1.00 43.57 ? 213  ASN A N   1 
ATOM   1517 C  CA  . ASN A 1 236 ? 12.675  -0.922  13.140  1.00 42.27 ? 213  ASN A CA  1 
ATOM   1518 C  C   . ASN A 1 236 ? 12.075  -0.986  14.546  1.00 41.65 ? 213  ASN A C   1 
ATOM   1519 O  O   . ASN A 1 236 ? 12.778  -1.298  15.484  1.00 41.46 ? 213  ASN A O   1 
ATOM   1520 C  CB  . ASN A 1 236 ? 12.925  -2.364  12.642  1.00 42.02 ? 213  ASN A CB  1 
ATOM   1521 C  CG  . ASN A 1 236 ? 13.416  -2.427  11.187  1.00 41.23 ? 213  ASN A CG  1 
ATOM   1522 O  OD1 . ASN A 1 236 ? 13.221  -1.493  10.396  1.00 42.23 ? 213  ASN A OD1 1 
ATOM   1523 N  ND2 . ASN A 1 236 ? 14.037  -3.539  10.830  1.00 38.04 ? 213  ASN A ND2 1 
ATOM   1524 N  N   . ARG A 1 237 ? 10.781  -0.702  14.689  1.00 41.10 ? 214  ARG A N   1 
ATOM   1525 C  CA  . ARG A 1 237 ? 10.061  -0.938  15.951  1.00 40.69 ? 214  ARG A CA  1 
ATOM   1526 C  C   . ARG A 1 237 ? 9.730   -2.407  16.110  1.00 39.80 ? 214  ARG A C   1 
ATOM   1527 O  O   . ARG A 1 237 ? 9.564   -2.886  17.229  1.00 40.06 ? 214  ARG A O   1 
ATOM   1528 C  CB  . ARG A 1 237 ? 8.725   -0.206  16.006  1.00 41.05 ? 214  ARG A CB  1 
ATOM   1529 C  CG  . ARG A 1 237 ? 8.784   1.267   16.062  1.00 44.12 ? 214  ARG A CG  1 
ATOM   1530 C  CD  . ARG A 1 237 ? 9.244   1.749   17.407  1.00 50.01 ? 214  ARG A CD  1 
ATOM   1531 N  NE  . ARG A 1 237 ? 9.144   3.202   17.445  1.00 54.02 ? 214  ARG A NE  1 
ATOM   1532 C  CZ  . ARG A 1 237 ? 8.189   3.854   18.098  1.00 57.23 ? 214  ARG A CZ  1 
ATOM   1533 N  NH1 . ARG A 1 237 ? 7.275   3.162   18.791  1.00 58.03 ? 214  ARG A NH1 1 
ATOM   1534 N  NH2 . ARG A 1 237 ? 8.154   5.192   18.063  1.00 58.35 ? 214  ARG A NH2 1 
ATOM   1535 N  N   . PHE A 1 238 ? 9.570   -3.101  14.987  1.00 38.66 ? 215  PHE A N   1 
ATOM   1536 C  CA  . PHE A 1 238 ? 9.219   -4.517  14.980  1.00 37.64 ? 215  PHE A CA  1 
ATOM   1537 C  C   . PHE A 1 238 ? 9.886   -5.160  13.791  1.00 37.38 ? 215  PHE A C   1 
ATOM   1538 O  O   . PHE A 1 238 ? 10.253  -4.463  12.829  1.00 37.44 ? 215  PHE A O   1 
ATOM   1539 C  CB  . PHE A 1 238 ? 7.716   -4.720  14.862  1.00 37.01 ? 215  PHE A CB  1 
ATOM   1540 C  CG  . PHE A 1 238 ? 6.930   -4.091  15.961  1.00 37.40 ? 215  PHE A CG  1 
ATOM   1541 C  CD1 . PHE A 1 238 ? 6.240   -2.909  15.747  1.00 38.58 ? 215  PHE A CD1 1 
ATOM   1542 C  CD2 . PHE A 1 238 ? 6.864   -4.675  17.213  1.00 38.23 ? 215  PHE A CD2 1 
ATOM   1543 C  CE1 . PHE A 1 238 ? 5.487   -2.320  16.768  1.00 38.61 ? 215  PHE A CE1 1 
ATOM   1544 C  CE2 . PHE A 1 238 ? 6.125   -4.094  18.244  1.00 37.78 ? 215  PHE A CE2 1 
ATOM   1545 C  CZ  . PHE A 1 238 ? 5.433   -2.924  18.020  1.00 38.40 ? 215  PHE A CZ  1 
ATOM   1546 N  N   . VAL A 1 239 ? 10.049  -6.481  13.872  1.00 36.66 ? 216  VAL A N   1 
ATOM   1547 C  CA  . VAL A 1 239 ? 10.519  -7.296  12.756  1.00 36.29 ? 216  VAL A CA  1 
ATOM   1548 C  C   . VAL A 1 239 ? 9.776   -8.641  12.694  1.00 36.52 ? 216  VAL A C   1 
ATOM   1549 O  O   . VAL A 1 239 ? 9.379   -9.212  13.721  1.00 36.33 ? 216  VAL A O   1 
ATOM   1550 C  CB  . VAL A 1 239 ? 12.056  -7.549  12.809  1.00 36.03 ? 216  VAL A CB  1 
ATOM   1551 C  CG1 . VAL A 1 239 ? 12.844  -6.337  12.363  1.00 34.61 ? 216  VAL A CG1 1 
ATOM   1552 C  CG2 . VAL A 1 239 ? 12.477  -7.943  14.195  1.00 36.93 ? 216  VAL A CG2 1 
ATOM   1553 N  N   . VAL A 1 240 ? 9.587   -9.153  11.482  1.00 36.88 ? 217  VAL A N   1 
ATOM   1554 C  CA  . VAL A 1 240 ? 9.064   -10.507 11.318  1.00 37.02 ? 217  VAL A CA  1 
ATOM   1555 C  C   . VAL A 1 240 ? 9.834   -11.312 10.290  1.00 36.71 ? 217  VAL A C   1 
ATOM   1556 O  O   . VAL A 1 240 ? 10.108  -10.802 9.208   1.00 36.81 ? 217  VAL A O   1 
ATOM   1557 C  CB  . VAL A 1 240 ? 7.645   -10.494 10.867  1.00 37.05 ? 217  VAL A CB  1 
ATOM   1558 C  CG1 . VAL A 1 240 ? 7.300   -11.911 10.422  1.00 38.91 ? 217  VAL A CG1 1 
ATOM   1559 C  CG2 . VAL A 1 240 ? 6.744   -10.010 12.000  1.00 37.20 ? 217  VAL A CG2 1 
HETATM 1560 C  C1  . HLI B 2 .   ? 4.794   9.802   1.995   1.00 41.18 ? 1001 HLI A C1  1 
HETATM 1561 N  N1  . HLI B 2 .   ? 7.697   13.123  2.220   1.00 43.37 ? 1001 HLI A N1  1 
HETATM 1562 O  O1  . HLI B 2 .   ? 3.910   11.968  4.135   1.00 41.57 ? 1001 HLI A O1  1 
HETATM 1563 P  P1  . HLI B 2 .   ? 11.700  8.198   0.034   1.00 50.74 ? 1001 HLI A P1  1 
HETATM 1564 CL CL1 . HLI B 2 .   ? 2.106   8.314   -3.917  1.00 41.80 ? 1001 HLI A CL1 1 
HETATM 1565 C  C2  . HLI B 2 .   ? 5.816   12.642  3.168   1.00 42.43 ? 1001 HLI A C2  1 
HETATM 1566 N  N2  . HLI B 2 .   ? 6.401   11.514  2.801   1.00 43.29 ? 1001 HLI A N2  1 
HETATM 1567 O  O2  . HLI B 2 .   ? 11.373  6.762   -0.137  1.00 52.53 ? 1001 HLI A O2  1 
HETATM 1568 C  C3  . HLI B 2 .   ? 6.647   13.675  2.791   1.00 42.22 ? 1001 HLI A C3  1 
HETATM 1569 N  N3  . HLI B 2 .   ? 4.290   14.253  4.044   1.00 43.37 ? 1001 HLI A N3  1 
HETATM 1570 O  O3  . HLI B 2 .   ? 12.924  8.225   1.029   1.00 51.37 ? 1001 HLI A O3  1 
HETATM 1571 C  C4  . HLI B 2 .   ? 7.563   11.807  2.216   1.00 44.14 ? 1001 HLI A C4  1 
HETATM 1572 N  N4  . HLI B 2 .   ? 6.329   14.955  3.015   1.00 43.29 ? 1001 HLI A N4  1 
HETATM 1573 O  O4  . HLI B 2 .   ? 12.264  8.853   -1.357  1.00 51.27 ? 1001 HLI A O4  1 
HETATM 1574 C  C5  . HLI B 2 .   ? 5.173   15.287  3.635   1.00 44.25 ? 1001 HLI A C5  1 
HETATM 1575 N  N5  . HLI B 2 .   ? 4.872   16.586  3.861   1.00 43.42 ? 1001 HLI A N5  1 
HETATM 1576 O  O5  . HLI B 2 .   ? 5.500   9.495   0.790   1.00 41.54 ? 1001 HLI A O5  1 
HETATM 1577 C  C6  . HLI B 2 .   ? 4.627   12.910  3.801   1.00 42.49 ? 1001 HLI A C6  1 
HETATM 1578 C  C7  . HLI B 2 .   ? 8.520   10.955  1.696   1.00 46.80 ? 1001 HLI A C7  1 
HETATM 1579 C  C8  . HLI B 2 .   ? 5.832   10.165  3.046   1.00 41.78 ? 1001 HLI A C8  1 
HETATM 1580 C  C9  . HLI B 2 .   ? 9.229   11.337  0.554   1.00 48.01 ? 1001 HLI A C9  1 
HETATM 1581 C  C10 . HLI B 2 .   ? 10.211  10.485  0.039   1.00 49.01 ? 1001 HLI A C10 1 
HETATM 1582 C  C11 . HLI B 2 .   ? 10.469  9.278   0.683   1.00 49.72 ? 1001 HLI A C11 1 
HETATM 1583 C  C12 . HLI B 2 .   ? 9.782   8.884   1.829   1.00 49.84 ? 1001 HLI A C12 1 
HETATM 1584 C  C13 . HLI B 2 .   ? 8.810   9.742   2.344   1.00 48.94 ? 1001 HLI A C13 1 
HETATM 1585 C  C14 . HLI B 2 .   ? 5.637   17.361  4.870   1.00 44.21 ? 1001 HLI A C14 1 
HETATM 1586 C  C15 . HLI B 2 .   ? 4.697   9.228   -0.281  1.00 41.16 ? 1001 HLI A C15 1 
HETATM 1587 C  C16 . HLI B 2 .   ? 3.330   8.983   -0.132  1.00 40.68 ? 1001 HLI A C16 1 
HETATM 1588 C  C17 . HLI B 2 .   ? 2.535   8.705   -1.246  1.00 41.24 ? 1001 HLI A C17 1 
HETATM 1589 C  C18 . HLI B 2 .   ? 3.098   8.670   -2.527  1.00 41.79 ? 1001 HLI A C18 1 
HETATM 1590 C  C19 . HLI B 2 .   ? 4.468   8.911   -2.671  1.00 41.21 ? 1001 HLI A C19 1 
HETATM 1591 C  C20 . HLI B 2 .   ? 5.264   9.184   -1.557  1.00 41.25 ? 1001 HLI A C20 1 
HETATM 1592 C  C1  . EDO C 3 .   ? -10.248 -9.217  -5.539  1.00 43.60 ? 1002 EDO A C1  1 
HETATM 1593 O  O1  . EDO C 3 .   ? -10.452 -9.906  -6.792  1.00 44.86 ? 1002 EDO A O1  1 
HETATM 1594 C  C2  . EDO C 3 .   ? -10.992 -9.923  -4.402  1.00 41.73 ? 1002 EDO A C2  1 
HETATM 1595 O  O2  . EDO C 3 .   ? -11.596 -8.921  -3.578  1.00 37.94 ? 1002 EDO A O2  1 
HETATM 1596 C  C1  . EDO D 3 .   ? -8.809  -9.239  -15.112 1.00 43.37 ? 1003 EDO A C1  1 
HETATM 1597 O  O1  . EDO D 3 .   ? -9.053  -9.986  -13.920 1.00 44.62 ? 1003 EDO A O1  1 
HETATM 1598 C  C2  . EDO D 3 .   ? -7.476  -9.714  -15.685 1.00 43.76 ? 1003 EDO A C2  1 
HETATM 1599 O  O2  . EDO D 3 .   ? -6.460  -8.718  -15.484 1.00 42.47 ? 1003 EDO A O2  1 
HETATM 1600 O  O   . HOH E 4 .   ? -2.739  8.046   13.669  1.00 29.99 ? 1101 HOH A O   1 
HETATM 1601 O  O   . HOH E 4 .   ? 6.929   5.284   8.098   1.00 30.82 ? 1102 HOH A O   1 
HETATM 1602 O  O   . HOH E 4 .   ? -12.212 -2.849  1.204   1.00 15.04 ? 1103 HOH A O   1 
HETATM 1603 O  O   . HOH E 4 .   ? -0.962  0.556   -9.204  1.00 15.22 ? 1104 HOH A O   1 
HETATM 1604 O  O   . HOH E 4 .   ? 0.340   5.048   8.628   1.00 4.82  ? 1105 HOH A O   1 
HETATM 1605 O  O   . HOH E 4 .   ? 4.753   7.675   14.234  1.00 29.48 ? 1106 HOH A O   1 
HETATM 1606 O  O   . HOH E 4 .   ? 3.262   -12.529 -4.401  1.00 28.89 ? 1107 HOH A O   1 
HETATM 1607 O  O   . HOH E 4 .   ? 14.485  -2.233  -7.371  1.00 23.14 ? 1108 HOH A O   1 
HETATM 1608 O  O   . HOH E 4 .   ? 6.812   2.143   -0.038  1.00 11.95 ? 1109 HOH A O   1 
HETATM 1609 O  O   . HOH E 4 .   ? 2.807   -1.161  -18.010 1.00 20.94 ? 1110 HOH A O   1 
HETATM 1610 O  O   . HOH E 4 .   ? 0.229   -8.164  -12.903 1.00 10.03 ? 1111 HOH A O   1 
HETATM 1611 O  O   . HOH E 4 .   ? 1.645   -3.636  -10.226 1.00 17.09 ? 1112 HOH A O   1 
HETATM 1612 O  O   . HOH E 4 .   ? -8.923  10.841  0.322   1.00 26.66 ? 1113 HOH A O   1 
HETATM 1613 O  O   . HOH E 4 .   ? -13.858 -5.971  0.540   1.00 12.99 ? 1114 HOH A O   1 
# 
